data_5QH8
# 
_entry.id   5QH8 
# 
_audit_conform.dict_name       mmcif_pdbx.dic 
_audit_conform.dict_version    5.381 
_audit_conform.dict_location   http://mmcif.pdb.org/dictionaries/ascii/mmcif_pdbx.dic 
# 
loop_
_database_2.database_id 
_database_2.database_code 
_database_2.pdbx_database_accession 
_database_2.pdbx_DOI 
PDB   5QH8         pdb_00005qh8 10.2210/pdb5qh8/pdb 
WWPDB D_1001401945 ?            ?                   
# 
_pdbx_database_status.entry_id                        5QH8 
_pdbx_database_status.status_code                     REL 
_pdbx_database_status.status_code_sf                  REL 
_pdbx_database_status.status_code_mr                  ? 
_pdbx_database_status.status_code_cs                  ? 
_pdbx_database_status.recvd_initial_deposition_date   2018-05-15 
_pdbx_database_status.deposit_site                    RCSB 
_pdbx_database_status.process_site                    RCSB 
_pdbx_database_status.SG_entry                        ? 
_pdbx_database_status.pdb_format_compatible           Y 
_pdbx_database_status.methods_development_category    ? 
_pdbx_database_status.status_code_nmr_data            ? 
# 
loop_
_audit_author.name 
_audit_author.pdbx_ordinal 
_audit_author.identifier_ORCID 
'Krojer, T.'         1  ? 
'Talon, R.'          2  ? 
'Fairhead, M.'       3  ? 
'Diaz Saez, L.'      4  ? 
'Bradley, A.R.'      5  ? 
'Aimon, A.'          6  ? 
'Collins, P.'        7  ? 
'Brandao-Neto, J.'   8  ? 
'Douangamath, A.'    9  ? 
'Ruda, G.F.'         10 ? 
'Szommer, T.'        11 ? 
'Srikannathasan, V.' 12 ? 
'Elkins, J.'         13 ? 
'Spencer, J.'        14 ? 
'London, N.'         15 ? 
'Nelson, A.'         16 ? 
'Brennan, P.E.'      17 ? 
'Huber, K.'          18 ? 
'Bountra, C.'        19 ? 
'Arrowsmith, C.H.'   20 ? 
'Edwards, A.'        21 ? 
'von Delft, F.'      22 ? 
# 
_citation.id                        primary 
_citation.title                     'PanDDA analysis group deposition of models with modelled events (e.g. bound ligands)' 
_citation.journal_abbrev            'To Be Published' 
_citation.journal_volume            ? 
_citation.page_first                ? 
_citation.page_last                 ? 
_citation.year                      ? 
_citation.journal_id_ASTM           ? 
_citation.country                   ? 
_citation.journal_id_ISSN           ? 
_citation.journal_id_CSD            0353 
_citation.book_publisher            ? 
_citation.pdbx_database_id_PubMed   ? 
_citation.pdbx_database_id_DOI      ? 
# 
loop_
_citation_author.citation_id 
_citation_author.name 
_citation_author.identifier_ORCID 
_citation_author.ordinal 
primary 'Krojer, T.'         ? 1  
primary 'Talon, R.'          ? 2  
primary 'Fairhead, M.'       ? 3  
primary 'Diaz Saez, L.'      ? 4  
primary 'Bradley, A.R.'      ? 5  
primary 'Aimon, A.'          ? 6  
primary 'Collins, P.'        ? 7  
primary 'Brandao-Neto, J.'   ? 8  
primary 'Douangamath, A.'    ? 9  
primary 'Ruda, G.F.'         ? 10 
primary 'Szommer, T.'        ? 11 
primary 'Srikannathasan, V.' ? 12 
primary 'Elkins, J.'         ? 13 
primary 'Spencer, J.'        ? 14 
primary 'London, N.'         ? 15 
primary 'Nelson, A.'         ? 16 
primary 'Brennan, P.E.'      ? 17 
primary 'Huber, K.'          ? 18 
primary 'Bountra, C.'        ? 19 
primary 'Arrowsmith, C.H.'   ? 20 
primary 'Edwards, A.'        ? 21 
primary 'von Delft, F.'      ? 22 
# 
_cell.entry_id           5QH8 
_cell.length_a           124.882 
_cell.length_b           124.882 
_cell.length_c           41.275 
_cell.angle_alpha        90.000 
_cell.angle_beta         90.000 
_cell.angle_gamma        120.000 
_cell.Z_PDB              6 
_cell.pdbx_unique_axis   ? 
# 
_symmetry.entry_id                         5QH8 
_symmetry.Int_Tables_number                150 
_symmetry.space_group_name_H-M             'P 3 2 1' 
_symmetry.pdbx_full_space_group_name_H-M   ? 
_symmetry.cell_setting                     ? 
# 
loop_
_entity.id 
_entity.type 
_entity.src_method 
_entity.pdbx_description 
_entity.formula_weight 
_entity.pdbx_number_of_molecules 
_entity.pdbx_ec 
_entity.pdbx_mutation 
_entity.pdbx_fragment 
_entity.details 
1 polymer     man 'Peroxisomal coenzyme A diphosphatase NUDT7'                                22197.600 1   3.6.1.- ? ? ? 
2 non-polymer syn 'ACETATE ION'                                                               59.044    2   ?       ? ? ? 
3 non-polymer syn '1-[(2S)-2-(4-methoxyphenyl)-2,3,6,7-tetrahydro-1H-azepin-1-yl]ethan-1-one' 245.317   1   ?       ? ? ? 
4 water       nat water                                                                       18.015    159 ?       ? ? ? 
# 
_entity_name_com.entity_id   1 
_entity_name_com.name        'Nucleoside diphosphate-linked moiety X motif 7,Nudix motif 7' 
# 
_entity_poly.entity_id                      1 
_entity_poly.type                           'polypeptide(L)' 
_entity_poly.nstd_linkage                   no 
_entity_poly.nstd_monomer                   yes 
_entity_poly.pdbx_seq_one_letter_code       
;SMLDDAKARLRKYDIGGKYSHLPYNKYSVLLPLVAKEGKLHLLFTVRSEKLRRAPGEVCFPGGKRDPTDMDDAATALREA
QEEVGLR(HYP)HQVEVV(CSO)CLVPCLIDTDTLITPFVGLIDHNFQAQPNPAEVKDVFLVPLAYFLHPQVHDQHYVTR
LGHRFINHIFEYTNPEDGVTYQIKGMTANLAVLVAFIILEKKPT
;
_entity_poly.pdbx_seq_one_letter_code_can   
;SMLDDAKARLRKYDIGGKYSHLPYNKYSVLLPLVAKEGKLHLLFTVRSEKLRRAPGEVCFPGGKRDPTDMDDAATALREA
QEEVGLRPHQVEVVCCLVPCLIDTDTLITPFVGLIDHNFQAQPNPAEVKDVFLVPLAYFLHPQVHDQHYVTRLGHRFINH
IFEYTNPEDGVTYQIKGMTANLAVLVAFIILEKKPT
;
_entity_poly.pdbx_strand_id                 A 
_entity_poly.pdbx_target_identifier         ? 
# 
loop_
_entity_poly_seq.entity_id 
_entity_poly_seq.num 
_entity_poly_seq.mon_id 
_entity_poly_seq.hetero 
1 1   SER n 
1 2   MET n 
1 3   LEU n 
1 4   ASP n 
1 5   ASP n 
1 6   ALA n 
1 7   LYS n 
1 8   ALA n 
1 9   ARG n 
1 10  LEU n 
1 11  ARG n 
1 12  LYS n 
1 13  TYR n 
1 14  ASP n 
1 15  ILE n 
1 16  GLY n 
1 17  GLY n 
1 18  LYS n 
1 19  TYR n 
1 20  SER n 
1 21  HIS n 
1 22  LEU n 
1 23  PRO n 
1 24  TYR n 
1 25  ASN n 
1 26  LYS n 
1 27  TYR n 
1 28  SER n 
1 29  VAL n 
1 30  LEU n 
1 31  LEU n 
1 32  PRO n 
1 33  LEU n 
1 34  VAL n 
1 35  ALA n 
1 36  LYS n 
1 37  GLU n 
1 38  GLY n 
1 39  LYS n 
1 40  LEU n 
1 41  HIS n 
1 42  LEU n 
1 43  LEU n 
1 44  PHE n 
1 45  THR n 
1 46  VAL n 
1 47  ARG n 
1 48  SER n 
1 49  GLU n 
1 50  LYS n 
1 51  LEU n 
1 52  ARG n 
1 53  ARG n 
1 54  ALA n 
1 55  PRO n 
1 56  GLY n 
1 57  GLU n 
1 58  VAL n 
1 59  CYS n 
1 60  PHE n 
1 61  PRO n 
1 62  GLY n 
1 63  GLY n 
1 64  LYS n 
1 65  ARG n 
1 66  ASP n 
1 67  PRO n 
1 68  THR n 
1 69  ASP n 
1 70  MET n 
1 71  ASP n 
1 72  ASP n 
1 73  ALA n 
1 74  ALA n 
1 75  THR n 
1 76  ALA n 
1 77  LEU n 
1 78  ARG n 
1 79  GLU n 
1 80  ALA n 
1 81  GLN n 
1 82  GLU n 
1 83  GLU n 
1 84  VAL n 
1 85  GLY n 
1 86  LEU n 
1 87  ARG n 
1 88  HYP n 
1 89  HIS n 
1 90  GLN n 
1 91  VAL n 
1 92  GLU n 
1 93  VAL n 
1 94  VAL n 
1 95  CSO n 
1 96  CYS n 
1 97  LEU n 
1 98  VAL n 
1 99  PRO n 
1 100 CYS n 
1 101 LEU n 
1 102 ILE n 
1 103 ASP n 
1 104 THR n 
1 105 ASP n 
1 106 THR n 
1 107 LEU n 
1 108 ILE n 
1 109 THR n 
1 110 PRO n 
1 111 PHE n 
1 112 VAL n 
1 113 GLY n 
1 114 LEU n 
1 115 ILE n 
1 116 ASP n 
1 117 HIS n 
1 118 ASN n 
1 119 PHE n 
1 120 GLN n 
1 121 ALA n 
1 122 GLN n 
1 123 PRO n 
1 124 ASN n 
1 125 PRO n 
1 126 ALA n 
1 127 GLU n 
1 128 VAL n 
1 129 LYS n 
1 130 ASP n 
1 131 VAL n 
1 132 PHE n 
1 133 LEU n 
1 134 VAL n 
1 135 PRO n 
1 136 LEU n 
1 137 ALA n 
1 138 TYR n 
1 139 PHE n 
1 140 LEU n 
1 141 HIS n 
1 142 PRO n 
1 143 GLN n 
1 144 VAL n 
1 145 HIS n 
1 146 ASP n 
1 147 GLN n 
1 148 HIS n 
1 149 TYR n 
1 150 VAL n 
1 151 THR n 
1 152 ARG n 
1 153 LEU n 
1 154 GLY n 
1 155 HIS n 
1 156 ARG n 
1 157 PHE n 
1 158 ILE n 
1 159 ASN n 
1 160 HIS n 
1 161 ILE n 
1 162 PHE n 
1 163 GLU n 
1 164 TYR n 
1 165 THR n 
1 166 ASN n 
1 167 PRO n 
1 168 GLU n 
1 169 ASP n 
1 170 GLY n 
1 171 VAL n 
1 172 THR n 
1 173 TYR n 
1 174 GLN n 
1 175 ILE n 
1 176 LYS n 
1 177 GLY n 
1 178 MET n 
1 179 THR n 
1 180 ALA n 
1 181 ASN n 
1 182 LEU n 
1 183 ALA n 
1 184 VAL n 
1 185 LEU n 
1 186 VAL n 
1 187 ALA n 
1 188 PHE n 
1 189 ILE n 
1 190 ILE n 
1 191 LEU n 
1 192 GLU n 
1 193 LYS n 
1 194 LYS n 
1 195 PRO n 
1 196 THR n 
# 
_entity_src_gen.entity_id                          1 
_entity_src_gen.pdbx_src_id                        1 
_entity_src_gen.pdbx_alt_source_flag               sample 
_entity_src_gen.pdbx_seq_type                      'Biological sequence' 
_entity_src_gen.pdbx_beg_seq_num                   1 
_entity_src_gen.pdbx_end_seq_num                   196 
_entity_src_gen.gene_src_common_name               Human 
_entity_src_gen.gene_src_genus                     ? 
_entity_src_gen.pdbx_gene_src_gene                 NUDT7 
_entity_src_gen.gene_src_species                   ? 
_entity_src_gen.gene_src_strain                    ? 
_entity_src_gen.gene_src_tissue                    ? 
_entity_src_gen.gene_src_tissue_fraction           ? 
_entity_src_gen.gene_src_details                   ? 
_entity_src_gen.pdbx_gene_src_fragment             ? 
_entity_src_gen.pdbx_gene_src_scientific_name      'Homo sapiens' 
_entity_src_gen.pdbx_gene_src_ncbi_taxonomy_id     9606 
_entity_src_gen.pdbx_gene_src_variant              ? 
_entity_src_gen.pdbx_gene_src_cell_line            ? 
_entity_src_gen.pdbx_gene_src_atcc                 ? 
_entity_src_gen.pdbx_gene_src_organ                ? 
_entity_src_gen.pdbx_gene_src_organelle            ? 
_entity_src_gen.pdbx_gene_src_cell                 ? 
_entity_src_gen.pdbx_gene_src_cellular_location    ? 
_entity_src_gen.host_org_common_name               ? 
_entity_src_gen.pdbx_host_org_scientific_name      'Escherichia coli' 
_entity_src_gen.pdbx_host_org_ncbi_taxonomy_id     562 
_entity_src_gen.host_org_genus                     ? 
_entity_src_gen.pdbx_host_org_gene                 ? 
_entity_src_gen.pdbx_host_org_organ                ? 
_entity_src_gen.host_org_species                   ? 
_entity_src_gen.pdbx_host_org_tissue               ? 
_entity_src_gen.pdbx_host_org_tissue_fraction      ? 
_entity_src_gen.pdbx_host_org_strain               ? 
_entity_src_gen.pdbx_host_org_variant              ? 
_entity_src_gen.pdbx_host_org_cell_line            ? 
_entity_src_gen.pdbx_host_org_atcc                 ? 
_entity_src_gen.pdbx_host_org_culture_collection   ? 
_entity_src_gen.pdbx_host_org_cell                 ? 
_entity_src_gen.pdbx_host_org_organelle            ? 
_entity_src_gen.pdbx_host_org_cellular_location    ? 
_entity_src_gen.pdbx_host_org_vector_type          ? 
_entity_src_gen.pdbx_host_org_vector               ? 
_entity_src_gen.host_org_details                   ? 
_entity_src_gen.expression_system_id               ? 
_entity_src_gen.plasmid_name                       ? 
_entity_src_gen.plasmid_details                    ? 
_entity_src_gen.pdbx_description                   ? 
# 
_struct_ref.id                         1 
_struct_ref.db_name                    UNP 
_struct_ref.db_code                    NUDT7_HUMAN 
_struct_ref.pdbx_db_accession          P0C024 
_struct_ref.pdbx_db_isoform            ? 
_struct_ref.entity_id                  1 
_struct_ref.pdbx_seq_one_letter_code   
;SLLDDAKARLRKYDIGGKYSHLPYNKYSVLLPLVAKEGKLHLLFTVRSEKLRRAPGEVCFPGGKRDPTDMDDAATALREA
QEEVGLRPHQVEVVCCLVPCLIDTDTLITPFVGLIDHNFQAQPNPAEVKDVFLVPLAYFLHPQVHDQHYVTRLGHRFINH
IFEYTNPEDGVTYQIKGMTANLAVLVAFIILEKKPT
;
_struct_ref.pdbx_align_begin           14 
# 
_struct_ref_seq.align_id                      1 
_struct_ref_seq.ref_id                        1 
_struct_ref_seq.pdbx_PDB_id_code              5QH8 
_struct_ref_seq.pdbx_strand_id                A 
_struct_ref_seq.seq_align_beg                 1 
_struct_ref_seq.pdbx_seq_align_beg_ins_code   ? 
_struct_ref_seq.seq_align_end                 196 
_struct_ref_seq.pdbx_seq_align_end_ins_code   ? 
_struct_ref_seq.pdbx_db_accession             P0C024 
_struct_ref_seq.db_align_beg                  14 
_struct_ref_seq.pdbx_db_align_beg_ins_code    ? 
_struct_ref_seq.db_align_end                  209 
_struct_ref_seq.pdbx_db_align_end_ins_code    ? 
_struct_ref_seq.pdbx_auth_seq_align_beg       15 
_struct_ref_seq.pdbx_auth_seq_align_end       210 
# 
_struct_ref_seq_dif.align_id                     1 
_struct_ref_seq_dif.pdbx_pdb_id_code             5QH8 
_struct_ref_seq_dif.mon_id                       MET 
_struct_ref_seq_dif.pdbx_pdb_strand_id           A 
_struct_ref_seq_dif.seq_num                      2 
_struct_ref_seq_dif.pdbx_pdb_ins_code            ? 
_struct_ref_seq_dif.pdbx_seq_db_name             UNP 
_struct_ref_seq_dif.pdbx_seq_db_accession_code   P0C024 
_struct_ref_seq_dif.db_mon_id                    LEU 
_struct_ref_seq_dif.pdbx_seq_db_seq_num          15 
_struct_ref_seq_dif.details                      conflict 
_struct_ref_seq_dif.pdbx_auth_seq_num            16 
_struct_ref_seq_dif.pdbx_ordinal                 1 
# 
loop_
_chem_comp.id 
_chem_comp.type 
_chem_comp.mon_nstd_flag 
_chem_comp.name 
_chem_comp.pdbx_synonyms 
_chem_comp.formula 
_chem_comp.formula_weight 
ACT non-polymer         . 'ACETATE ION'                                                               ?              'C2 H3 O2 -1' 
59.044  
ALA 'L-peptide linking' y ALANINE                                                                     ?              'C3 H7 N O2' 
89.093  
ARG 'L-peptide linking' y ARGININE                                                                    ?              
'C6 H15 N4 O2 1' 175.209 
ASN 'L-peptide linking' y ASPARAGINE                                                                  ?              'C4 H8 N2 O3' 
132.118 
ASP 'L-peptide linking' y 'ASPARTIC ACID'                                                             ?              'C4 H7 N O4' 
133.103 
CSO 'L-peptide linking' n S-HYDROXYCYSTEINE                                                           ?              
'C3 H7 N O3 S'   137.158 
CYS 'L-peptide linking' y CYSTEINE                                                                    ?              
'C3 H7 N O2 S'   121.158 
GLN 'L-peptide linking' y GLUTAMINE                                                                   ?              
'C5 H10 N2 O3'   146.144 
GLU 'L-peptide linking' y 'GLUTAMIC ACID'                                                             ?              'C5 H9 N O4' 
147.129 
GLY 'peptide linking'   y GLYCINE                                                                     ?              'C2 H5 N O2' 
75.067  
H0A non-polymer         . '1-[(2S)-2-(4-methoxyphenyl)-2,3,6,7-tetrahydro-1H-azepin-1-yl]ethan-1-one' ?              
'C15 H19 N O2'   245.317 
HIS 'L-peptide linking' y HISTIDINE                                                                   ?              
'C6 H10 N3 O2 1' 156.162 
HOH non-polymer         . WATER                                                                       ?              'H2 O' 18.015 
HYP 'L-peptide linking' n 4-HYDROXYPROLINE                                                            HYDROXYPROLINE 'C5 H9 N O3' 
131.130 
ILE 'L-peptide linking' y ISOLEUCINE                                                                  ?              'C6 H13 N O2' 
131.173 
LEU 'L-peptide linking' y LEUCINE                                                                     ?              'C6 H13 N O2' 
131.173 
LYS 'L-peptide linking' y LYSINE                                                                      ?              
'C6 H15 N2 O2 1' 147.195 
MET 'L-peptide linking' y METHIONINE                                                                  ?              
'C5 H11 N O2 S'  149.211 
PHE 'L-peptide linking' y PHENYLALANINE                                                               ?              'C9 H11 N O2' 
165.189 
PRO 'L-peptide linking' y PROLINE                                                                     ?              'C5 H9 N O2' 
115.130 
SER 'L-peptide linking' y SERINE                                                                      ?              'C3 H7 N O3' 
105.093 
THR 'L-peptide linking' y THREONINE                                                                   ?              'C4 H9 N O3' 
119.119 
TYR 'L-peptide linking' y TYROSINE                                                                    ?              'C9 H11 N O3' 
181.189 
VAL 'L-peptide linking' y VALINE                                                                      ?              'C5 H11 N O2' 
117.146 
# 
_exptl.crystals_number   1 
_exptl.entry_id          5QH8 
_exptl.method            'X-RAY DIFFRACTION' 
# 
_exptl_crystal.id                    1 
_exptl_crystal.pdbx_mosaicity        0.110 
_exptl_crystal.pdbx_mosaicity_esd    ? 
_exptl_crystal.density_Matthews      4.19 
_exptl_crystal.density_diffrn        ? 
_exptl_crystal.density_meas          ? 
_exptl_crystal.density_meas_temp     ? 
_exptl_crystal.density_percent_sol   70.61 
_exptl_crystal.size_max              ? 
_exptl_crystal.size_mid              ? 
_exptl_crystal.size_min              ? 
_exptl_crystal.size_rad              ? 
_exptl_crystal.description           ? 
_exptl_crystal.preparation           ? 
# 
_exptl_crystal_grow.crystal_id      1 
_exptl_crystal_grow.method          'VAPOR DIFFUSION, SITTING DROP' 
_exptl_crystal_grow.pH              5.5 
_exptl_crystal_grow.temp            293 
_exptl_crystal_grow.pdbx_details    '0.1M bis-tris pH 5.5 -- 0.1M ammonium acetate -- 5%(w/v) PEG10K' 
_exptl_crystal_grow.temp_details    ? 
_exptl_crystal_grow.pdbx_pH_range   ? 
# 
_diffrn.id                     1 
_diffrn.ambient_temp           100 
_diffrn.crystal_id             1 
_diffrn.ambient_temp_details   ? 
# 
_diffrn_detector.detector               PIXEL 
_diffrn_detector.type                   'DECTRIS PILATUS 6M' 
_diffrn_detector.pdbx_collection_date   2017-09-07 
_diffrn_detector.diffrn_id              1 
_diffrn_detector.details                ? 
# 
_diffrn_radiation.diffrn_id                        1 
_diffrn_radiation.wavelength_id                    1 
_diffrn_radiation.pdbx_diffrn_protocol             'SINGLE WAVELENGTH' 
_diffrn_radiation.pdbx_monochromatic_or_laue_m_l   ? 
_diffrn_radiation.monochromator                    ? 
_diffrn_radiation.pdbx_scattering_type             x-ray 
# 
_diffrn_radiation_wavelength.id           1 
_diffrn_radiation_wavelength.wavelength   0.91587 
_diffrn_radiation_wavelength.wt           1.0 
# 
_diffrn_source.diffrn_id                   1 
_diffrn_source.source                      SYNCHROTRON 
_diffrn_source.type                        'DIAMOND BEAMLINE I04-1' 
_diffrn_source.pdbx_wavelength_list        0.91587 
_diffrn_source.pdbx_synchrotron_site       Diamond 
_diffrn_source.pdbx_synchrotron_beamline   I04-1 
_diffrn_source.pdbx_wavelength             ? 
# 
_reflns.entry_id                     5QH8 
_reflns.pdbx_diffrn_id               1 
_reflns.pdbx_ordinal                 1 
_reflns.observed_criterion_sigma_I   ? 
_reflns.observed_criterion_sigma_F   ? 
_reflns.d_resolution_low             41.280 
_reflns.d_resolution_high            1.750 
_reflns.number_obs                   37587 
_reflns.number_all                   ? 
_reflns.percent_possible_obs         100.000 
_reflns.pdbx_Rmerge_I_obs            0.093 
_reflns.pdbx_Rsym_value              ? 
_reflns.pdbx_netI_over_sigmaI        18.700 
_reflns.B_iso_Wilson_estimate        ? 
_reflns.pdbx_redundancy              8.900 
_reflns.pdbx_Rrim_I_all              0.098 
_reflns.pdbx_Rpim_I_all              0.031 
_reflns.pdbx_CC_half                 0.998 
_reflns.pdbx_netI_over_av_sigmaI     ? 
_reflns.pdbx_number_measured_all     333318 
_reflns.pdbx_scaling_rejects         46 
_reflns.pdbx_chi_squared             ? 
_reflns.Rmerge_F_all                 ? 
_reflns.Rmerge_F_obs                 ? 
_reflns.observed_criterion_F_max     ? 
_reflns.observed_criterion_F_min     ? 
_reflns.observed_criterion_I_max     ? 
_reflns.observed_criterion_I_min     ? 
_reflns.pdbx_d_res_high_opt          ? 
_reflns.pdbx_d_res_low_opt           ? 
_reflns.details                      ? 
# 
loop_
_reflns_shell.pdbx_diffrn_id 
_reflns_shell.pdbx_ordinal 
_reflns_shell.d_res_high 
_reflns_shell.d_res_low 
_reflns_shell.number_measured_obs 
_reflns_shell.number_measured_all 
_reflns_shell.number_unique_obs 
_reflns_shell.pdbx_rejects 
_reflns_shell.Rmerge_I_obs 
_reflns_shell.meanI_over_sigI_obs 
_reflns_shell.pdbx_Rsym_value 
_reflns_shell.pdbx_chi_squared 
_reflns_shell.pdbx_redundancy 
_reflns_shell.percent_possible_obs 
_reflns_shell.pdbx_netI_over_sigmaI_obs 
_reflns_shell.number_possible 
_reflns_shell.number_unique_all 
_reflns_shell.Rmerge_F_all 
_reflns_shell.Rmerge_F_obs 
_reflns_shell.Rmerge_I_all 
_reflns_shell.meanI_over_sigI_all 
_reflns_shell.percent_possible_all 
_reflns_shell.pdbx_Rrim_I_all 
_reflns_shell.pdbx_Rpim_I_all 
_reflns_shell.pdbx_CC_half 
1 1 1.750 1.840  ? 42796 ? ? 0.699 ? ? ? 7.900 ? 2.800  ? 5422 ? ? ? ? 100.000 0.748 0.265 0.921 
1 2 5.530 41.280 ? 11869 ? ? 0.088 ? ? ? 9.300 ? 36.900 ? 1271 ? ? ? ? 99.800  0.093 0.030 0.992 
# 
_refine.entry_id                                 5QH8 
_refine.pdbx_refine_id                           'X-RAY DIFFRACTION' 
_refine.ls_d_res_high                            1.7500 
_refine.ls_d_res_low                             108.1500 
_refine.pdbx_ls_sigma_F                          0.000 
_refine.pdbx_data_cutoff_high_absF               ? 
_refine.pdbx_data_cutoff_low_absF                ? 
_refine.ls_percent_reflns_obs                    99.7600 
_refine.ls_number_reflns_obs                     35679 
_refine.ls_number_reflns_all                     ? 
_refine.pdbx_ls_cross_valid_method               THROUGHOUT 
_refine.ls_matrix_type                           ? 
_refine.pdbx_R_Free_selection_details            RANDOM 
_refine.details                                  
'HYDROGENS HAVE BEEN ADDED IN THE RIDING POSITIONS U VALUES      : REFINED INDIVIDUALLY' 
_refine.ls_R_factor_all                          ? 
_refine.ls_R_factor_obs                          0.2049 
_refine.ls_R_factor_R_work                       0.2038 
_refine.ls_wR_factor_R_work                      ? 
_refine.ls_R_factor_R_free                       0.2259 
_refine.ls_wR_factor_R_free                      ? 
_refine.ls_percent_reflns_R_free                 4.9000 
_refine.ls_number_reflns_R_free                  1829 
_refine.ls_number_reflns_R_work                  ? 
_refine.ls_R_factor_R_free_error                 ? 
_refine.B_iso_mean                               36.4520 
_refine.solvent_model_param_bsol                 ? 
_refine.solvent_model_param_ksol                 ? 
_refine.pdbx_isotropic_thermal_model             ? 
_refine.aniso_B[1][1]                            0.0100 
_refine.aniso_B[2][2]                            0.0100 
_refine.aniso_B[3][3]                            -0.0500 
_refine.aniso_B[1][2]                            0.0100 
_refine.aniso_B[1][3]                            0.0000 
_refine.aniso_B[2][3]                            -0.0000 
_refine.correlation_coeff_Fo_to_Fc               0.9610 
_refine.correlation_coeff_Fo_to_Fc_free          0.9540 
_refine.overall_SU_R_Cruickshank_DPI             ? 
_refine.pdbx_overall_SU_R_free_Cruickshank_DPI   ? 
_refine.pdbx_overall_SU_R_Blow_DPI               ? 
_refine.pdbx_overall_SU_R_free_Blow_DPI          ? 
_refine.overall_SU_R_free                        ? 
_refine.pdbx_overall_ESU_R                       0.0880 
_refine.pdbx_overall_ESU_R_Free                  0.0880 
_refine.overall_SU_ML                            0.0720 
_refine.overall_SU_B                             2.3650 
_refine.solvent_model_details                    MASK 
_refine.pdbx_solvent_vdw_probe_radii             1.2000 
_refine.pdbx_solvent_ion_probe_radii             0.8000 
_refine.pdbx_solvent_shrinkage_radii             0.8000 
_refine.ls_number_parameters                     ? 
_refine.ls_number_restraints                     ? 
_refine.pdbx_starting_model                      5T3P 
_refine.pdbx_method_to_determine_struct          'FOURIER SYNTHESIS' 
_refine.pdbx_stereochemistry_target_values       'MAXIMUM LIKELIHOOD' 
_refine.pdbx_stereochem_target_val_spec_case     ? 
_refine.overall_FOM_work_R_set                   ? 
_refine.B_iso_max                                108.490 
_refine.B_iso_min                                21.390 
_refine.pdbx_overall_phase_error                 ? 
_refine.occupancy_max                            ? 
_refine.occupancy_min                            ? 
_refine.pdbx_diffrn_id                           1 
_refine.pdbx_TLS_residual_ADP_flag               ? 
_refine.pdbx_ls_sigma_I                          ? 
_refine.pdbx_data_cutoff_high_rms_absF           ? 
_refine.ls_R_factor_R_free_error_details         ? 
# 
_refine_hist.cycle_id                         final 
_refine_hist.pdbx_refine_id                   'X-RAY DIFFRACTION' 
_refine_hist.d_res_high                       1.7500 
_refine_hist.d_res_low                        108.1500 
_refine_hist.pdbx_number_atoms_ligand         26 
_refine_hist.number_atoms_solvent             159 
_refine_hist.number_atoms_total               1646 
_refine_hist.pdbx_number_residues_total       186 
_refine_hist.pdbx_B_iso_mean_ligand           53.74 
_refine_hist.pdbx_B_iso_mean_solvent          46.32 
_refine_hist.pdbx_number_atoms_protein        1461 
_refine_hist.pdbx_number_atoms_nucleic_acid   0 
# 
loop_
_refine_ls_restr.pdbx_refine_id 
_refine_ls_restr.type 
_refine_ls_restr.number 
_refine_ls_restr.dev_ideal 
_refine_ls_restr.dev_ideal_target 
_refine_ls_restr.weight 
_refine_ls_restr.pdbx_restraint_function 
'X-RAY DIFFRACTION' r_bond_refined_d       1585 0.011  0.019  ? ? 
'X-RAY DIFFRACTION' r_bond_other_d         1490 0.002  0.020  ? ? 
'X-RAY DIFFRACTION' r_angle_refined_deg    2166 1.639  2.002  ? ? 
'X-RAY DIFFRACTION' r_angle_other_deg      3469 0.961  3.000  ? ? 
'X-RAY DIFFRACTION' r_dihedral_angle_1_deg 198  6.162  5.000  ? ? 
'X-RAY DIFFRACTION' r_dihedral_angle_2_deg 68   33.221 24.559 ? ? 
'X-RAY DIFFRACTION' r_dihedral_angle_3_deg 260  13.830 15.000 ? ? 
'X-RAY DIFFRACTION' r_dihedral_angle_4_deg 7    13.813 15.000 ? ? 
'X-RAY DIFFRACTION' r_chiral_restr         245  0.092  0.200  ? ? 
'X-RAY DIFFRACTION' r_gen_planes_refined   1772 0.007  0.021  ? ? 
'X-RAY DIFFRACTION' r_gen_planes_other     299  0.002  0.020  ? ? 
'X-RAY DIFFRACTION' r_mcbond_it            780  2.380  3.360  ? ? 
'X-RAY DIFFRACTION' r_mcbond_other         776  2.324  3.344  ? ? 
'X-RAY DIFFRACTION' r_mcangle_it           980  3.475  4.984  ? ? 
# 
_refine_ls_shell.d_res_high                       1.7480 
_refine_ls_shell.d_res_low                        1.7940 
_refine_ls_shell.pdbx_total_number_of_bins_used   20 
_refine_ls_shell.percent_reflns_obs               98.9500 
_refine_ls_shell.number_reflns_R_work             2606 
_refine_ls_shell.R_factor_all                     ? 
_refine_ls_shell.R_factor_R_work                  0.3770 
_refine_ls_shell.R_factor_R_free                  0.3830 
_refine_ls_shell.percent_reflns_R_free            ? 
_refine_ls_shell.number_reflns_R_free             125 
_refine_ls_shell.R_factor_R_free_error            ? 
_refine_ls_shell.number_reflns_all                2731 
_refine_ls_shell.number_reflns_obs                ? 
_refine_ls_shell.pdbx_refine_id                   'X-RAY DIFFRACTION' 
# 
_struct.entry_id                  5QH8 
_struct.title                     
;PanDDA analysis group deposition of models with modelled events (e.g. bound ligands) -- Crystal Structure of NUDT7 in complex with PCM-0102558
;
_struct.pdbx_model_details        ? 
_struct.pdbx_CASP_flag            ? 
_struct.pdbx_model_type_details   ? 
# 
_struct_keywords.entry_id        5QH8 
_struct_keywords.text            'PanDDA, SGC - Diamond I04-1 fragment screening, NUDIX domain, XChemExplorer, HYDROLASE' 
_struct_keywords.pdbx_keywords   HYDROLASE 
# 
loop_
_struct_asym.id 
_struct_asym.pdbx_blank_PDB_chainid_flag 
_struct_asym.pdbx_modified 
_struct_asym.entity_id 
_struct_asym.details 
A N N 1 ? 
B N N 2 ? 
C N N 2 ? 
D N N 3 ? 
E N N 4 ? 
# 
loop_
_struct_conf.conf_type_id 
_struct_conf.id 
_struct_conf.pdbx_PDB_helix_id 
_struct_conf.beg_label_comp_id 
_struct_conf.beg_label_asym_id 
_struct_conf.beg_label_seq_id 
_struct_conf.pdbx_beg_PDB_ins_code 
_struct_conf.end_label_comp_id 
_struct_conf.end_label_asym_id 
_struct_conf.end_label_seq_id 
_struct_conf.pdbx_end_PDB_ins_code 
_struct_conf.beg_auth_comp_id 
_struct_conf.beg_auth_asym_id 
_struct_conf.beg_auth_seq_id 
_struct_conf.end_auth_comp_id 
_struct_conf.end_auth_asym_id 
_struct_conf.end_auth_seq_id 
_struct_conf.pdbx_PDB_helix_class 
_struct_conf.details 
_struct_conf.pdbx_PDB_helix_length 
HELX_P HELX_P1 AA1 SER A 1   ? LYS A 12  ? SER A 15  LYS A 26  1 ? 12 
HELX_P HELX_P2 AA2 ASP A 71  ? GLY A 85  ? ASP A 85  GLY A 99  1 ? 15 
HELX_P HELX_P3 AA3 ARG A 87  ? HIS A 89  ? ARG A 101 HIS A 103 5 ? 3  
HELX_P HELX_P4 AA4 ALA A 137 ? HIS A 141 ? ALA A 151 HIS A 155 5 ? 5  
HELX_P HELX_P5 AA5 LYS A 176 ? GLU A 192 ? LYS A 190 GLU A 206 1 ? 17 
# 
_struct_conf_type.id          HELX_P 
_struct_conf_type.criteria    ? 
_struct_conf_type.reference   ? 
# 
loop_
_struct_conn.id 
_struct_conn.conn_type_id 
_struct_conn.pdbx_leaving_atom_flag 
_struct_conn.pdbx_PDB_id 
_struct_conn.ptnr1_label_asym_id 
_struct_conn.ptnr1_label_comp_id 
_struct_conn.ptnr1_label_seq_id 
_struct_conn.ptnr1_label_atom_id 
_struct_conn.pdbx_ptnr1_label_alt_id 
_struct_conn.pdbx_ptnr1_PDB_ins_code 
_struct_conn.pdbx_ptnr1_standard_comp_id 
_struct_conn.ptnr1_symmetry 
_struct_conn.ptnr2_label_asym_id 
_struct_conn.ptnr2_label_comp_id 
_struct_conn.ptnr2_label_seq_id 
_struct_conn.ptnr2_label_atom_id 
_struct_conn.pdbx_ptnr2_label_alt_id 
_struct_conn.pdbx_ptnr2_PDB_ins_code 
_struct_conn.ptnr1_auth_asym_id 
_struct_conn.ptnr1_auth_comp_id 
_struct_conn.ptnr1_auth_seq_id 
_struct_conn.ptnr2_auth_asym_id 
_struct_conn.ptnr2_auth_comp_id 
_struct_conn.ptnr2_auth_seq_id 
_struct_conn.ptnr2_symmetry 
_struct_conn.pdbx_ptnr3_label_atom_id 
_struct_conn.pdbx_ptnr3_label_seq_id 
_struct_conn.pdbx_ptnr3_label_comp_id 
_struct_conn.pdbx_ptnr3_label_asym_id 
_struct_conn.pdbx_ptnr3_label_alt_id 
_struct_conn.pdbx_ptnr3_PDB_ins_code 
_struct_conn.details 
_struct_conn.pdbx_dist_value 
_struct_conn.pdbx_value_order 
_struct_conn.pdbx_role 
covale1 covale none ? A CYS 59 SG ? ? ? 1_555 D H0A .  C12 ? ? A CYS 73  A H0A 303 1_555 ? ? ? ? ? ? ? 1.801 ? ? 
covale2 covale both ? A ARG 87 C  ? ? ? 1_555 A HYP 88 N   ? ? A ARG 101 A HYP 102 1_555 ? ? ? ? ? ? ? 1.343 ? ? 
covale3 covale both ? A HYP 88 C  ? ? ? 1_555 A HIS 89 N   ? ? A HYP 102 A HIS 103 1_555 ? ? ? ? ? ? ? 1.342 ? ? 
covale4 covale both ? A VAL 94 C  A ? ? 1_555 A CSO 95 N   ? ? A VAL 108 A CSO 109 1_555 ? ? ? ? ? ? ? 1.331 ? ? 
covale5 covale both ? A VAL 94 C  B ? ? 1_555 A CSO 95 N   ? ? A VAL 108 A CSO 109 1_555 ? ? ? ? ? ? ? 1.334 ? ? 
covale6 covale both ? A CSO 95 C  ? ? ? 1_555 A CYS 96 N   ? ? A CSO 109 A CYS 110 1_555 ? ? ? ? ? ? ? 1.324 ? ? 
# 
_struct_conn_type.id          covale 
_struct_conn_type.criteria    ? 
_struct_conn_type.reference   ? 
# 
loop_
_struct_sheet.id 
_struct_sheet.type 
_struct_sheet.number_strands 
_struct_sheet.details 
AA1 ? 4 ? 
AA2 ? 4 ? 
AA3 ? 3 ? 
AA4 ? 3 ? 
# 
loop_
_struct_sheet_order.sheet_id 
_struct_sheet_order.range_id_1 
_struct_sheet_order.range_id_2 
_struct_sheet_order.offset 
_struct_sheet_order.sense 
AA1 1 2 ? anti-parallel 
AA1 2 3 ? parallel      
AA1 3 4 ? anti-parallel 
AA2 1 2 ? anti-parallel 
AA2 2 3 ? parallel      
AA2 3 4 ? anti-parallel 
AA3 1 2 ? anti-parallel 
AA3 2 3 ? anti-parallel 
AA4 1 2 ? anti-parallel 
AA4 2 3 ? anti-parallel 
# 
loop_
_struct_sheet_range.sheet_id 
_struct_sheet_range.id 
_struct_sheet_range.beg_label_comp_id 
_struct_sheet_range.beg_label_asym_id 
_struct_sheet_range.beg_label_seq_id 
_struct_sheet_range.pdbx_beg_PDB_ins_code 
_struct_sheet_range.end_label_comp_id 
_struct_sheet_range.end_label_asym_id 
_struct_sheet_range.end_label_seq_id 
_struct_sheet_range.pdbx_end_PDB_ins_code 
_struct_sheet_range.beg_auth_comp_id 
_struct_sheet_range.beg_auth_asym_id 
_struct_sheet_range.beg_auth_seq_id 
_struct_sheet_range.end_auth_comp_id 
_struct_sheet_range.end_auth_asym_id 
_struct_sheet_range.end_auth_seq_id 
AA1 1 VAL A 91  ? CYS A 96  ? VAL A 105 CYS A 110 
AA1 2 THR A 106 ? ILE A 115 ? THR A 120 ILE A 129 
AA1 3 ASN A 25  ? LYS A 36  ? ASN A 39  LYS A 50  
AA1 4 LYS A 39  ? ARG A 47  ? LYS A 53  ARG A 61  
AA2 1 CYS A 100 ? ILE A 102 ? CYS A 114 ILE A 116 
AA2 2 THR A 106 ? ILE A 115 ? THR A 120 ILE A 129 
AA2 3 ASN A 25  ? LYS A 36  ? ASN A 39  LYS A 50  
AA2 4 GLY A 62  ? LYS A 64  ? GLY A 76  LYS A 78  
AA3 1 VAL A 128 ? PRO A 135 ? VAL A 142 PRO A 149 
AA3 2 LYS A 39  ? ARG A 47  ? LYS A 53  ARG A 61  
AA3 3 VAL A 58  ? CYS A 59  ? VAL A 72  CYS A 73  
AA4 1 VAL A 144 ? ASP A 146 ? VAL A 158 ASP A 160 
AA4 2 HIS A 160 ? THR A 165 ? HIS A 174 THR A 179 
AA4 3 THR A 172 ? ILE A 175 ? THR A 186 ILE A 189 
# 
loop_
_pdbx_struct_sheet_hbond.sheet_id 
_pdbx_struct_sheet_hbond.range_id_1 
_pdbx_struct_sheet_hbond.range_id_2 
_pdbx_struct_sheet_hbond.range_1_label_atom_id 
_pdbx_struct_sheet_hbond.range_1_label_comp_id 
_pdbx_struct_sheet_hbond.range_1_label_asym_id 
_pdbx_struct_sheet_hbond.range_1_label_seq_id 
_pdbx_struct_sheet_hbond.range_1_PDB_ins_code 
_pdbx_struct_sheet_hbond.range_1_auth_atom_id 
_pdbx_struct_sheet_hbond.range_1_auth_comp_id 
_pdbx_struct_sheet_hbond.range_1_auth_asym_id 
_pdbx_struct_sheet_hbond.range_1_auth_seq_id 
_pdbx_struct_sheet_hbond.range_2_label_atom_id 
_pdbx_struct_sheet_hbond.range_2_label_comp_id 
_pdbx_struct_sheet_hbond.range_2_label_asym_id 
_pdbx_struct_sheet_hbond.range_2_label_seq_id 
_pdbx_struct_sheet_hbond.range_2_PDB_ins_code 
_pdbx_struct_sheet_hbond.range_2_auth_atom_id 
_pdbx_struct_sheet_hbond.range_2_auth_comp_id 
_pdbx_struct_sheet_hbond.range_2_auth_asym_id 
_pdbx_struct_sheet_hbond.range_2_auth_seq_id 
AA1 1 2 N GLU A 92  ? N GLU A 106 O LEU A 114 ? O LEU A 128 
AA1 2 3 O PHE A 111 ? O PHE A 125 N LEU A 31  ? N LEU A 45  
AA1 3 4 N LYS A 36  ? N LYS A 50  O LYS A 39  ? O LYS A 53  
AA2 1 2 N CYS A 100 ? N CYS A 114 O ILE A 108 ? O ILE A 122 
AA2 2 3 O PHE A 111 ? O PHE A 125 N LEU A 31  ? N LEU A 45  
AA2 3 4 N SER A 28  ? N SER A 42  O GLY A 63  ? O GLY A 77  
AA3 1 2 O PHE A 132 ? O PHE A 146 N PHE A 44  ? N PHE A 58  
AA3 2 3 N THR A 45  ? N THR A 59  O CYS A 59  ? O CYS A 73  
AA4 1 2 N HIS A 145 ? N HIS A 159 O ILE A 161 ? O ILE A 175 
AA4 2 3 N PHE A 162 ? N PHE A 176 O ILE A 175 ? O ILE A 189 
# 
loop_
_struct_site.id 
_struct_site.pdbx_evidence_code 
_struct_site.pdbx_auth_asym_id 
_struct_site.pdbx_auth_comp_id 
_struct_site.pdbx_auth_seq_id 
_struct_site.pdbx_auth_ins_code 
_struct_site.pdbx_num_residues 
_struct_site.details 
AC1 Software A ACT 301 ? 2 'binding site for residue ACT A 301' 
AC2 Software A ACT 302 ? 3 'binding site for residue ACT A 302' 
AC3 Software A H0A 303 ? 7 'binding site for residue H0A A 303' 
# 
loop_
_struct_site_gen.id 
_struct_site_gen.site_id 
_struct_site_gen.pdbx_num_res 
_struct_site_gen.label_comp_id 
_struct_site_gen.label_asym_id 
_struct_site_gen.label_seq_id 
_struct_site_gen.pdbx_auth_ins_code 
_struct_site_gen.auth_comp_id 
_struct_site_gen.auth_asym_id 
_struct_site_gen.auth_seq_id 
_struct_site_gen.label_atom_id 
_struct_site_gen.label_alt_id 
_struct_site_gen.symmetry 
_struct_site_gen.details 
1  AC1 2 HYP A 88  ? HYP A 102 . ? 1_555 ? 
2  AC1 2 VAL A 91  ? VAL A 105 . ? 1_555 ? 
3  AC2 3 CYS A 100 ? CYS A 114 . ? 1_555 ? 
4  AC2 3 MET A 178 ? MET A 192 . ? 1_555 ? 
5  AC2 3 ASN A 181 ? ASN A 195 . ? 1_555 ? 
6  AC3 7 ARG A 47  ? ARG A 61  . ? 1_555 ? 
7  AC3 7 CYS A 59  ? CYS A 73  . ? 1_555 ? 
8  AC3 7 ILE A 108 ? ILE A 122 . ? 1_555 ? 
9  AC3 7 MET A 178 ? MET A 192 . ? 1_555 ? 
10 AC3 7 HOH E .   ? HOH A 416 . ? 1_555 ? 
11 AC3 7 HOH E .   ? HOH A 431 . ? 1_555 ? 
12 AC3 7 HOH E .   ? HOH A 512 . ? 1_555 ? 
# 
_atom_sites.entry_id                    5QH8 
_atom_sites.fract_transf_matrix[1][1]   -0.00188466 
_atom_sites.fract_transf_matrix[1][2]   0.00902428 
_atom_sites.fract_transf_matrix[1][3]   0.00071454 
_atom_sites.fract_transf_matrix[2][1]   -0.00877986 
_atom_sites.fract_transf_matrix[2][2]   0.00287173 
_atom_sites.fract_transf_matrix[2][3]   0.00039457 
_atom_sites.fract_transf_matrix[3][1]   0.00049369 
_atom_sites.fract_transf_matrix[3][2]   -0.00180950 
_atom_sites.fract_transf_matrix[3][3]   0.02415529 
_atom_sites.fract_transf_vector[1]      0.136259 
_atom_sites.fract_transf_vector[2]      -0.434068 
_atom_sites.fract_transf_vector[3]      1.978016 
# 
loop_
_atom_type.symbol 
C 
N 
O 
S 
# 
loop_
_atom_site.group_PDB 
_atom_site.id 
_atom_site.type_symbol 
_atom_site.label_atom_id 
_atom_site.label_alt_id 
_atom_site.label_comp_id 
_atom_site.label_asym_id 
_atom_site.label_entity_id 
_atom_site.label_seq_id 
_atom_site.pdbx_PDB_ins_code 
_atom_site.Cartn_x 
_atom_site.Cartn_y 
_atom_site.Cartn_z 
_atom_site.occupancy 
_atom_site.B_iso_or_equiv 
_atom_site.pdbx_formal_charge 
_atom_site.auth_seq_id 
_atom_site.auth_comp_id 
_atom_site.auth_asym_id 
_atom_site.auth_atom_id 
_atom_site.pdbx_PDB_model_num 
ATOM   1    N N   . SER A 1 1   ? 16.418  9.960   12.849  1.00 53.14  ? 15  SER A N   1 
ATOM   2    C CA  . SER A 1 1   ? 15.050  10.567  12.742  1.00 48.51  ? 15  SER A CA  1 
ATOM   3    C C   . SER A 1 1   ? 13.995  9.473   12.481  1.00 46.54  ? 15  SER A C   1 
ATOM   4    O O   . SER A 1 1   ? 14.367  8.337   12.157  1.00 47.71  ? 15  SER A O   1 
ATOM   5    C CB  . SER A 1 1   ? 15.036  11.643  11.647  1.00 50.00  ? 15  SER A CB  1 
ATOM   6    O OG  . SER A 1 1   ? 15.181  11.090  10.340  1.00 46.21  ? 15  SER A OG  1 
ATOM   7    N N   . MET A 1 2   ? 12.710  9.807   12.657  1.00 43.19  ? 16  MET A N   1 
ATOM   8    C CA  . MET A 1 2   ? 11.590  8.874   12.396  1.00 45.81  ? 16  MET A CA  1 
ATOM   9    C C   . MET A 1 2   ? 11.643  8.278   10.983  1.00 46.88  ? 16  MET A C   1 
ATOM   10   O O   . MET A 1 2   ? 11.467  7.053   10.795  1.00 41.71  ? 16  MET A O   1 
ATOM   11   C CB  . MET A 1 2   ? 10.223  9.546   12.619  1.00 46.50  ? 16  MET A CB  1 
ATOM   12   C CG  . MET A 1 2   ? 9.020   8.812   12.013  1.00 48.69  ? 16  MET A CG  1 
ATOM   13   S SD  . MET A 1 2   ? 7.424   9.496   12.546  1.00 57.19  ? 16  MET A SD  1 
ATOM   14   C CE  . MET A 1 2   ? 7.442   11.091  11.750  1.00 50.90  ? 16  MET A CE  1 
ATOM   15   N N   . LEU A 1 3   ? 11.871  9.143   10.000  1.00 44.25  ? 17  LEU A N   1 
ATOM   16   C CA  . LEU A 1 3   ? 11.906  8.715   8.603   1.00 44.22  ? 17  LEU A CA  1 
ATOM   17   C C   . LEU A 1 3   ? 13.150  7.894   8.276   1.00 44.63  ? 17  LEU A C   1 
ATOM   18   O O   . LEU A 1 3   ? 13.053  6.882   7.573   1.00 44.05  ? 17  LEU A O   1 
ATOM   19   C CB  . LEU A 1 3   ? 11.782  9.913   7.659   1.00 45.99  ? 17  LEU A CB  1 
ATOM   20   C CG  . LEU A 1 3   ? 10.407  10.599  7.666   1.00 48.89  ? 17  LEU A CG  1 
ATOM   21   C CD1 . LEU A 1 3   ? 10.456  11.864  6.810   1.00 46.50  ? 17  LEU A CD1 1 
ATOM   22   C CD2 . LEU A 1 3   ? 9.309   9.659   7.176   1.00 50.82  ? 17  LEU A CD2 1 
ATOM   23   N N   . ASP A 1 4   ? 14.310  8.321   8.784   1.00 45.51  ? 18  ASP A N   1 
ATOM   24   C CA  . ASP A 1 4   ? 15.558  7.591   8.575   1.00 45.26  ? 18  ASP A CA  1 
ATOM   25   C C   . ASP A 1 4   ? 15.479  6.209   9.214   1.00 41.80  ? 18  ASP A C   1 
ATOM   26   O O   . ASP A 1 4   ? 15.999  5.240   8.676   1.00 39.23  ? 18  ASP A O   1 
ATOM   27   C CB  . ASP A 1 4   ? 16.773  8.341   9.157   1.00 47.89  ? 18  ASP A CB  1 
ATOM   28   C CG  . ASP A 1 4   ? 17.216  9.541   8.300   1.00 54.40  ? 18  ASP A CG  1 
ATOM   29   O OD1 . ASP A 1 4   ? 16.558  9.893   7.292   1.00 54.25  ? 18  ASP A OD1 1 
ATOM   30   O OD2 . ASP A 1 4   ? 18.249  10.140  8.658   1.00 60.77  ? 18  ASP A OD2 1 
ATOM   31   N N   . ASP A 1 5   ? 14.858  6.153   10.385  1.00 39.60  ? 19  ASP A N   1 
ATOM   32   C CA  . ASP A 1 5   ? 14.660  4.912   11.101  1.00 39.70  ? 19  ASP A CA  1 
ATOM   33   C C   . ASP A 1 5   ? 13.704  3.974   10.340  1.00 34.28  ? 19  ASP A C   1 
ATOM   34   O O   . ASP A 1 5   ? 13.981  2.789   10.241  1.00 32.86  ? 19  ASP A O   1 
ATOM   35   C CB  . ASP A 1 5   ? 14.149  5.195   12.516  1.00 42.73  ? 19  ASP A CB  1 
ATOM   36   C CG  . ASP A 1 5   ? 15.213  5.854   13.417  1.00 47.27  ? 19  ASP A CG  1 
ATOM   37   O OD1 . ASP A 1 5   ? 16.432  5.756   13.124  1.00 48.68  ? 19  ASP A OD1 1 
ATOM   38   O OD2 . ASP A 1 5   ? 14.809  6.475   14.426  1.00 53.30  ? 19  ASP A OD2 1 
ATOM   39   N N   . ALA A 1 6   ? 12.608  4.498   9.802   1.00 32.22  ? 20  ALA A N   1 
ATOM   40   C CA  . ALA A 1 6   ? 11.702  3.666   8.981   1.00 31.45  ? 20  ALA A CA  1 
ATOM   41   C C   . ALA A 1 6   ? 12.410  3.084   7.753   1.00 32.73  ? 20  ALA A C   1 
ATOM   42   O O   . ALA A 1 6   ? 12.319  1.878   7.493   1.00 28.39  ? 20  ALA A O   1 
ATOM   43   C CB  . ALA A 1 6   ? 10.470  4.432   8.570   1.00 33.76  ? 20  ALA A CB  1 
ATOM   44   N N   . LYS A 1 7   ? 13.144  3.931   7.014   1.00 31.51  ? 21  LYS A N   1 
ATOM   45   C CA  . LYS A 1 7   ? 13.846  3.473   5.822   1.00 34.09  ? 21  LYS A CA  1 
ATOM   46   C C   . LYS A 1 7   ? 14.899  2.401   6.148   1.00 32.52  ? 21  LYS A C   1 
ATOM   47   O O   . LYS A 1 7   ? 15.008  1.394   5.445   1.00 30.63  ? 21  LYS A O   1 
ATOM   48   C CB  . LYS A 1 7   ? 14.525  4.629   5.090   1.00 37.37  ? 21  LYS A CB  1 
ATOM   49   C CG  . LYS A 1 7   ? 13.586  5.654   4.510   1.00 43.34  ? 21  LYS A CG  1 
ATOM   50   C CD  . LYS A 1 7   ? 14.296  6.667   3.590   1.00 50.18  ? 21  LYS A CD  1 
ATOM   51   C CE  . LYS A 1 7   ? 14.434  8.072   4.183   1.00 52.70  ? 21  LYS A CE  1 
ATOM   52   N NZ  . LYS A 1 7   ? 14.774  9.068   3.116   1.00 52.01  ? 21  LYS A NZ  1 
ATOM   53   N N   . ALA A 1 8   ? 15.643  2.603   7.229   1.00 32.07  ? 22  ALA A N   1 
ATOM   54   C CA  . ALA A 1 8   ? 16.676  1.640   7.621   1.00 32.60  ? 22  ALA A CA  1 
ATOM   55   C C   . ALA A 1 8   ? 16.048  0.273   7.974   1.00 31.60  ? 22  ALA A C   1 
ATOM   56   O O   . ALA A 1 8   ? 16.556  -0.771  7.558   1.00 32.07  ? 22  ALA A O   1 
ATOM   57   C CB  . ALA A 1 8   ? 17.523  2.181   8.769   1.00 34.88  ? 22  ALA A CB  1 
ATOM   58   N N   . ARG A 1 9   ? 14.915  0.293   8.677   1.00 29.47  ? 23  ARG A N   1 
ATOM   59   C CA  . ARG A 1 9   ? 14.169  -0.941  8.975   1.00 27.71  ? 23  ARG A CA  1 
ATOM   60   C C   . ARG A 1 9   ? 13.698  -1.656  7.705   1.00 27.26  ? 23  ARG A C   1 
ATOM   61   O O   . ARG A 1 9   ? 13.885  -2.859  7.561   1.00 26.89  ? 23  ARG A O   1 
ATOM   62   C CB  . ARG A 1 9   ? 12.941  -0.654  9.853   1.00 29.92  ? 23  ARG A CB  1 
ATOM   63   C CG  . ARG A 1 9   ? 13.213  -0.302  11.316  1.00 33.17  ? 23  ARG A CG  1 
ATOM   64   C CD  . ARG A 1 9   ? 13.753  -1.490  12.086  1.00 36.74  ? 23  ARG A CD  1 
ATOM   65   N NE  . ARG A 1 9   ? 13.824  -1.190  13.531  1.00 40.31  ? 23  ARG A NE  1 
ATOM   66   C CZ  . ARG A 1 9   ? 12.820  -1.286  14.419  1.00 39.35  ? 23  ARG A CZ  1 
ATOM   67   N NH1 . ARG A 1 9   ? 11.608  -1.726  14.083  1.00 32.00  ? 23  ARG A NH1 1 
ATOM   68   N NH2 . ARG A 1 9   ? 13.057  -0.979  15.703  1.00 41.96  ? 23  ARG A NH2 1 
ATOM   69   N N   . LEU A 1 10  ? 13.051  -0.909  6.823   1.00 25.52  ? 24  LEU A N   1 
ATOM   70   C CA  . LEU A 1 10  ? 12.492  -1.424  5.588   1.00 27.80  ? 24  LEU A CA  1 
ATOM   71   C C   . LEU A 1 10  ? 13.544  -2.063  4.689   1.00 28.55  ? 24  LEU A C   1 
ATOM   72   O O   . LEU A 1 10  ? 13.281  -3.084  4.075   1.00 29.19  ? 24  LEU A O   1 
ATOM   73   C CB  . LEU A 1 10  ? 11.753  -0.328  4.823   1.00 27.69  ? 24  LEU A CB  1 
ATOM   74   C CG  . LEU A 1 10  ? 10.406  0.129   5.407   1.00 28.70  ? 24  LEU A CG  1 
ATOM   75   C CD1 . LEU A 1 10  ? 9.968   1.488   4.853   1.00 29.68  ? 24  LEU A CD1 1 
ATOM   76   C CD2 . LEU A 1 10  ? 9.327   -0.904  5.177   1.00 29.06  ? 24  LEU A CD2 1 
ATOM   77   N N   . ARG A 1 11  ? 14.715  -1.454  4.615   1.00 29.76  ? 25  ARG A N   1 
ATOM   78   C CA  . ARG A 1 11  ? 15.791  -1.983  3.763   1.00 34.00  ? 25  ARG A CA  1 
ATOM   79   C C   . ARG A 1 11  ? 16.240  -3.404  4.140   1.00 34.40  ? 25  ARG A C   1 
ATOM   80   O O   . ARG A 1 11  ? 16.657  -4.160  3.270   1.00 31.64  ? 25  ARG A O   1 
ATOM   81   C CB  . ARG A 1 11  ? 16.976  -1.018  3.723   1.00 37.17  ? 25  ARG A CB  1 
ATOM   82   C CG  . ARG A 1 11  ? 16.651  0.234   2.920   1.00 42.11  ? 25  ARG A CG  1 
ATOM   83   C CD  . ARG A 1 11  ? 17.860  1.129   2.735   1.00 49.44  ? 25  ARG A CD  1 
ATOM   84   N NE  . ARG A 1 11  ? 17.456  2.486   2.345   1.00 53.79  ? 25  ARG A NE  1 
ATOM   85   C CZ  . ARG A 1 11  ? 17.636  3.606   3.060   1.00 58.06  ? 25  ARG A CZ  1 
ATOM   86   N NH1 . ARG A 1 11  ? 18.253  3.601   4.258   1.00 58.16  ? 25  ARG A NH1 1 
ATOM   87   N NH2 . ARG A 1 11  ? 17.189  4.768   2.559   1.00 56.12  ? 25  ARG A NH2 1 
ATOM   88   N N   . LYS A 1 12  ? 16.108  -3.782  5.407   1.00 32.60  ? 26  LYS A N   1 
ATOM   89   C CA  . LYS A 1 12  ? 16.462  -5.125  5.842   1.00 35.83  ? 26  LYS A CA  1 
ATOM   90   C C   . LYS A 1 12  ? 15.544  -6.239  5.288   1.00 35.23  ? 26  LYS A C   1 
ATOM   91   O O   . LYS A 1 12  ? 15.916  -7.403  5.346   1.00 34.63  ? 26  LYS A O   1 
ATOM   92   C CB  . LYS A 1 12  ? 16.523  -5.189  7.381   1.00 40.30  ? 26  LYS A CB  1 
ATOM   93   C CG  . LYS A 1 12  ? 17.490  -4.176  8.009   1.00 43.25  ? 26  LYS A CG  1 
ATOM   94   C CD  . LYS A 1 12  ? 17.848  -4.539  9.446   1.00 50.75  ? 26  LYS A CD  1 
ATOM   95   C CE  . LYS A 1 12  ? 18.367  -3.354  10.252  1.00 56.59  ? 26  LYS A CE  1 
ATOM   96   N NZ  . LYS A 1 12  ? 19.437  -2.574  9.571   1.00 60.85  ? 26  LYS A NZ  1 
ATOM   97   N N   . TYR A 1 13  ? 14.362  -5.881  4.764   1.00 29.60  ? 27  TYR A N   1 
ATOM   98   C CA  . TYR A 1 13  ? 13.406  -6.818  4.231   1.00 28.93  ? 27  TYR A CA  1 
ATOM   99   C C   . TYR A 1 13  ? 13.272  -6.722  2.712   1.00 27.94  ? 27  TYR A C   1 
ATOM   100  O O   . TYR A 1 13  ? 12.417  -7.377  2.145   1.00 29.67  ? 27  TYR A O   1 
ATOM   101  C CB  . TYR A 1 13  ? 12.049  -6.627  4.908   1.00 28.70  ? 27  TYR A CB  1 
ATOM   102  C CG  . TYR A 1 13  ? 12.103  -6.792  6.409   1.00 29.67  ? 27  TYR A CG  1 
ATOM   103  C CD1 . TYR A 1 13  ? 12.494  -5.721  7.218   1.00 29.45  ? 27  TYR A CD1 1 
ATOM   104  C CD2 . TYR A 1 13  ? 11.803  -8.008  7.025   1.00 31.35  ? 27  TYR A CD2 1 
ATOM   105  C CE1 . TYR A 1 13  ? 12.571  -5.842  8.592   1.00 31.12  ? 27  TYR A CE1 1 
ATOM   106  C CE2 . TYR A 1 13  ? 11.886  -8.150  8.421   1.00 33.02  ? 27  TYR A CE2 1 
ATOM   107  C CZ  . TYR A 1 13  ? 12.271  -7.057  9.188   1.00 33.81  ? 27  TYR A CZ  1 
ATOM   108  O OH  . TYR A 1 13  ? 12.347  -7.131  10.560  1.00 36.43  ? 27  TYR A OH  1 
ATOM   109  N N   . ASP A 1 14  ? 14.107  -5.903  2.078   1.00 30.79  ? 28  ASP A N   1 
ATOM   110  C CA  . ASP A 1 14  ? 14.046  -5.671  0.638   1.00 32.53  ? 28  ASP A CA  1 
ATOM   111  C C   . ASP A 1 14  ? 14.493  -6.956  -0.043  1.00 37.39  ? 28  ASP A C   1 
ATOM   112  O O   . ASP A 1 14  ? 15.591  -7.430  0.201   1.00 41.11  ? 28  ASP A O   1 
ATOM   113  C CB  . ASP A 1 14  ? 14.973  -4.520  0.271   1.00 34.88  ? 28  ASP A CB  1 
ATOM   114  C CG  . ASP A 1 14  ? 14.828  -4.029  -1.182  1.00 37.42  ? 28  ASP A CG  1 
ATOM   115  O OD1 . ASP A 1 14  ? 13.854  -4.354  -1.892  1.00 33.49  ? 28  ASP A OD1 1 
ATOM   116  O OD2 . ASP A 1 14  ? 15.693  -3.227  -1.582  1.00 43.55  ? 28  ASP A OD2 1 
ATOM   117  N N   . ILE A 1 15  ? 13.606  -7.554  -0.816  1.00 38.17  ? 29  ILE A N   1 
ATOM   118  C CA  . ILE A 1 15  ? 13.999  -8.682  -1.668  1.00 45.60  ? 29  ILE A CA  1 
ATOM   119  C C   . ILE A 1 15  ? 14.628  -8.216  -2.994  1.00 45.91  ? 29  ILE A C   1 
ATOM   120  O O   . ILE A 1 15  ? 15.234  -9.022  -3.687  1.00 50.61  ? 29  ILE A O   1 
ATOM   121  C CB  . ILE A 1 15  ? 12.818  -9.630  -1.954  1.00 47.82  ? 29  ILE A CB  1 
ATOM   122  C CG1 . ILE A 1 15  ? 11.782  -9.007  -2.878  1.00 48.94  ? 29  ILE A CG1 1 
ATOM   123  C CG2 . ILE A 1 15  ? 12.155  -10.088 -0.644  1.00 52.44  ? 29  ILE A CG2 1 
ATOM   124  C CD1 . ILE A 1 15  ? 11.178  -10.031 -3.811  1.00 54.02  ? 29  ILE A CD1 1 
ATOM   125  N N   . GLY A 1 16  ? 14.441  -6.935  -3.354  1.00 48.60  ? 30  GLY A N   1 
ATOM   126  C CA  . GLY A 1 16  ? 14.865  -6.397  -4.654  1.00 47.48  ? 30  GLY A CA  1 
ATOM   127  C C   . GLY A 1 16  ? 14.184  -7.113  -5.826  1.00 46.25  ? 30  GLY A C   1 
ATOM   128  O O   . GLY A 1 16  ? 13.022  -7.504  -5.731  1.00 44.78  ? 30  GLY A O   1 
ATOM   129  N N   . GLY A 1 17  ? 14.933  -7.325  -6.909  1.00 48.36  ? 31  GLY A N   1 
ATOM   130  C CA  . GLY A 1 17  ? 14.409  -7.930  -8.138  1.00 45.88  ? 31  GLY A CA  1 
ATOM   131  C C   . GLY A 1 17  ? 14.467  -9.444  -8.226  1.00 43.31  ? 31  GLY A C   1 
ATOM   132  O O   . GLY A 1 17  ? 14.269  -10.009 -9.302  1.00 41.66  ? 31  GLY A O   1 
ATOM   133  N N   . LYS A 1 18  ? 14.679  -10.103 -7.089  1.00 45.66  ? 32  LYS A N   1 
ATOM   134  C CA  . LYS A 1 18  ? 14.936  -11.540 -7.039  1.00 43.71  ? 32  LYS A CA  1 
ATOM   135  C C   . LYS A 1 18  ? 13.836  -12.364 -7.753  1.00 40.27  ? 32  LYS A C   1 
ATOM   136  O O   . LYS A 1 18  ? 14.150  -13.217 -8.561  1.00 40.84  ? 32  LYS A O   1 
ATOM   137  C CB  . LYS A 1 18  ? 15.142  -11.949 -5.564  1.00 44.31  ? 32  LYS A CB  1 
ATOM   138  C CG  . LYS A 1 18  ? 15.845  -13.264 -5.359  1.00 47.75  ? 32  LYS A CG  1 
ATOM   139  C CD  . LYS A 1 18  ? 16.186  -13.508 -3.902  1.00 47.39  ? 32  LYS A CD  1 
ATOM   140  C CE  . LYS A 1 18  ? 17.482  -12.819 -3.505  1.00 50.80  ? 32  LYS A CE  1 
ATOM   141  N NZ  . LYS A 1 18  ? 17.976  -13.350 -2.205  1.00 55.08  ? 32  LYS A NZ  1 
ATOM   142  N N   . TYR A 1 19  ? 12.566  -12.016 -7.543  1.00 36.05  ? 33  TYR A N   1 
ATOM   143  C CA  . TYR A 1 19  ? 11.424  -12.706 -8.142  1.00 33.52  ? 33  TYR A CA  1 
ATOM   144  C C   . TYR A 1 19  ? 10.829  -12.042 -9.416  1.00 34.81  ? 33  TYR A C   1 
ATOM   145  O O   . TYR A 1 19  ? 9.885   -12.571 -10.022 1.00 32.24  ? 33  TYR A O   1 
ATOM   146  C CB  . TYR A 1 19  ? 10.337  -12.872 -7.064  1.00 32.83  ? 33  TYR A CB  1 
ATOM   147  C CG  . TYR A 1 19  ? 10.710  -13.940 -6.049  1.00 31.96  ? 33  TYR A CG  1 
ATOM   148  C CD1 . TYR A 1 19  ? 11.688  -13.712 -5.095  1.00 33.41  ? 33  TYR A CD1 1 
ATOM   149  C CD2 . TYR A 1 19  ? 10.105  -15.196 -6.079  1.00 33.14  ? 33  TYR A CD2 1 
ATOM   150  C CE1 . TYR A 1 19  ? 12.053  -14.710 -4.168  1.00 34.05  ? 33  TYR A CE1 1 
ATOM   151  C CE2 . TYR A 1 19  ? 10.437  -16.179 -5.158  1.00 33.11  ? 33  TYR A CE2 1 
ATOM   152  C CZ  . TYR A 1 19  ? 11.416  -15.945 -4.211  1.00 32.12  ? 33  TYR A CZ  1 
ATOM   153  O OH  . TYR A 1 19  ? 11.759  -16.916 -3.294  1.00 32.52  ? 33  TYR A OH  1 
ATOM   154  N N   . SER A 1 20  ? 11.421  -10.928 -9.853  1.00 34.11  ? 34  SER A N   1 
ATOM   155  C CA  . SER A 1 20  ? 10.806  -10.068 -10.882 1.00 34.18  ? 34  SER A CA  1 
ATOM   156  C C   . SER A 1 20  ? 10.768  -10.607 -12.328 1.00 35.46  ? 34  SER A C   1 
ATOM   157  O O   . SER A 1 20  ? 9.953   -10.128 -13.135 1.00 34.57  ? 34  SER A O   1 
ATOM   158  C CB  . SER A 1 20  ? 11.545  -8.715  -10.898 1.00 36.57  ? 34  SER A CB  1 
ATOM   159  O OG  . SER A 1 20  ? 12.910  -8.869  -11.305 1.00 38.71  ? 34  SER A OG  1 
ATOM   160  N N   A HIS A 1 21  ? 11.626  -11.558 -12.695 0.70 34.95  ? 35  HIS A N   1 
ATOM   161  N N   B HIS A 1 21  ? 11.645  -11.567 -12.627 0.30 33.73  ? 35  HIS A N   1 
ATOM   162  C CA  A HIS A 1 21  ? 11.619  -12.059 -14.096 0.70 38.04  ? 35  HIS A CA  1 
ATOM   163  C CA  B HIS A 1 21  ? 11.798  -12.125 -13.975 0.30 34.22  ? 35  HIS A CA  1 
ATOM   164  C C   A HIS A 1 21  ? 10.691  -13.253 -14.318 0.70 38.16  ? 35  HIS A C   1 
ATOM   165  C C   B HIS A 1 21  ? 11.014  -13.420 -14.231 0.30 34.09  ? 35  HIS A C   1 
ATOM   166  O O   A HIS A 1 21  ? 10.356  -13.568 -15.476 0.70 35.35  ? 35  HIS A O   1 
ATOM   167  O O   B HIS A 1 21  ? 11.148  -13.993 -15.320 0.30 31.41  ? 35  HIS A O   1 
ATOM   168  C CB  A HIS A 1 21  ? 13.017  -12.427 -14.604 0.70 41.73  ? 35  HIS A CB  1 
ATOM   169  C CB  B HIS A 1 21  ? 13.276  -12.419 -14.256 0.30 35.18  ? 35  HIS A CB  1 
ATOM   170  C CG  A HIS A 1 21  ? 13.446  -13.807 -14.220 0.70 45.14  ? 35  HIS A CG  1 
ATOM   171  C CG  B HIS A 1 21  ? 14.177  -11.232 -14.121 0.30 35.05  ? 35  HIS A CG  1 
ATOM   172  N ND1 A HIS A 1 21  ? 13.991  -14.091 -12.987 0.70 45.09  ? 35  HIS A ND1 1 
ATOM   173  N ND1 B HIS A 1 21  ? 15.218  -11.190 -13.218 0.30 36.77  ? 35  HIS A ND1 1 
ATOM   174  C CD2 A HIS A 1 21  ? 13.375  -14.989 -14.883 0.70 46.58  ? 35  HIS A CD2 1 
ATOM   175  C CD2 B HIS A 1 21  ? 14.209  -10.054 -14.788 0.30 35.99  ? 35  HIS A CD2 1 
ATOM   176  C CE1 A HIS A 1 21  ? 14.251  -15.380 -12.911 0.70 42.39  ? 35  HIS A CE1 1 
ATOM   177  C CE1 B HIS A 1 21  ? 15.846  -10.033 -13.327 0.30 36.05  ? 35  HIS A CE1 1 
ATOM   178  N NE2 A HIS A 1 21  ? 13.893  -15.948 -14.050 0.70 46.92  ? 35  HIS A NE2 1 
ATOM   179  N NE2 B HIS A 1 21  ? 15.254  -9.325  -14.273 0.30 35.83  ? 35  HIS A NE2 1 
ATOM   180  N N   . LEU A 1 22  ? 10.260  -13.904 -13.235 1.00 33.12  ? 36  LEU A N   1 
ATOM   181  C CA  . LEU A 1 22  ? 9.457   -15.121 -13.369 1.00 32.36  ? 36  LEU A CA  1 
ATOM   182  C C   . LEU A 1 22  ? 8.222   -14.915 -14.258 1.00 31.73  ? 36  LEU A C   1 
ATOM   183  O O   . LEU A 1 22  ? 7.580   -13.847 -14.221 1.00 33.15  ? 36  LEU A O   1 
ATOM   184  C CB  . LEU A 1 22  ? 9.057   -15.652 -11.979 1.00 31.69  ? 36  LEU A CB  1 
ATOM   185  C CG  . LEU A 1 22  ? 10.254  -16.179 -11.170 1.00 31.41  ? 36  LEU A CG  1 
ATOM   186  C CD1 . LEU A 1 22  ? 9.893   -16.355 -9.718  1.00 34.10  ? 36  LEU A CD1 1 
ATOM   187  C CD2 . LEU A 1 22  ? 10.794  -17.493 -11.735 1.00 32.85  ? 36  LEU A CD2 1 
ATOM   188  N N   . PRO A 1 23  ? 7.831   -15.950 -15.026 1.00 31.71  ? 37  PRO A N   1 
ATOM   189  C CA  . PRO A 1 23  ? 6.806   -15.751 -16.062 1.00 30.74  ? 37  PRO A CA  1 
ATOM   190  C C   . PRO A 1 23  ? 5.359   -15.743 -15.552 1.00 31.10  ? 37  PRO A C   1 
ATOM   191  O O   . PRO A 1 23  ? 4.576   -16.622 -15.857 1.00 32.71  ? 37  PRO A O   1 
ATOM   192  C CB  . PRO A 1 23  ? 7.086   -16.936 -17.028 1.00 34.05  ? 37  PRO A CB  1 
ATOM   193  C CG  . PRO A 1 23  ? 7.548   -18.027 -16.103 1.00 32.52  ? 37  PRO A CG  1 
ATOM   194  C CD  . PRO A 1 23  ? 8.377   -17.329 -15.051 1.00 32.85  ? 37  PRO A CD  1 
ATOM   195  N N   . TYR A 1 24  ? 5.007   -14.726 -14.764 1.00 29.00  ? 38  TYR A N   1 
ATOM   196  C CA  . TYR A 1 24  ? 3.682   -14.587 -14.207 1.00 27.49  ? 38  TYR A CA  1 
ATOM   197  C C   . TYR A 1 24  ? 2.879   -13.473 -14.903 1.00 26.38  ? 38  TYR A C   1 
ATOM   198  O O   . TYR A 1 24  ? 3.466   -12.596 -15.521 1.00 30.41  ? 38  TYR A O   1 
ATOM   199  C CB  . TYR A 1 24  ? 3.848   -14.205 -12.721 1.00 28.20  ? 38  TYR A CB  1 
ATOM   200  C CG  . TYR A 1 24  ? 4.177   -15.387 -11.828 1.00 27.22  ? 38  TYR A CG  1 
ATOM   201  C CD1 . TYR A 1 24  ? 3.184   -16.256 -11.446 1.00 29.25  ? 38  TYR A CD1 1 
ATOM   202  C CD2 . TYR A 1 24  ? 5.443   -15.594 -11.352 1.00 27.06  ? 38  TYR A CD2 1 
ATOM   203  C CE1 . TYR A 1 24  ? 3.450   -17.342 -10.623 1.00 29.46  ? 38  TYR A CE1 1 
ATOM   204  C CE2 . TYR A 1 24  ? 5.729   -16.682 -10.516 1.00 27.97  ? 38  TYR A CE2 1 
ATOM   205  C CZ  . TYR A 1 24  ? 4.731   -17.533 -10.153 1.00 27.35  ? 38  TYR A CZ  1 
ATOM   206  O OH  . TYR A 1 24  ? 5.016   -18.619 -9.360  1.00 30.03  ? 38  TYR A OH  1 
ATOM   207  N N   . ASN A 1 25  ? 1.568   -13.496 -14.731 1.00 28.40  ? 39  ASN A N   1 
ATOM   208  C CA  . ASN A 1 25  ? 0.734   -12.278 -14.888 1.00 31.52  ? 39  ASN A CA  1 
ATOM   209  C C   . ASN A 1 25  ? 1.128   -11.347 -13.746 1.00 31.06  ? 39  ASN A C   1 
ATOM   210  O O   . ASN A 1 25  ? 1.021   -11.738 -12.587 1.00 27.80  ? 39  ASN A O   1 
ATOM   211  C CB  . ASN A 1 25  ? -0.737  -12.591 -14.768 1.00 35.60  ? 39  ASN A CB  1 
ATOM   212  C CG  . ASN A 1 25  ? -1.245  -13.447 -15.915 1.00 42.63  ? 39  ASN A CG  1 
ATOM   213  O OD1 . ASN A 1 25  ? -0.945  -13.185 -17.082 1.00 47.23  ? 39  ASN A OD1 1 
ATOM   214  N ND2 . ASN A 1 25  ? -1.997  -14.477 -15.587 1.00 45.06  ? 39  ASN A ND2 1 
ATOM   215  N N   . LYS A 1 26  ? 1.590   -10.137 -14.067 1.00 29.88  ? 40  LYS A N   1 
ATOM   216  C CA  . LYS A 1 26  ? 2.264   -9.303  -13.073 1.00 29.31  ? 40  LYS A CA  1 
ATOM   217  C C   . LYS A 1 26  ? 1.442   -8.073  -12.712 1.00 28.98  ? 40  LYS A C   1 
ATOM   218  O O   . LYS A 1 26  ? 0.913   -7.370  -13.598 1.00 26.89  ? 40  LYS A O   1 
ATOM   219  C CB  . LYS A 1 26  ? 3.665   -8.953  -13.550 1.00 31.20  ? 40  LYS A CB  1 
ATOM   220  C CG  . LYS A 1 26  ? 4.591   -10.177 -13.487 1.00 34.98  ? 40  LYS A CG  1 
ATOM   221  C CD  . LYS A 1 26  ? 5.894   -9.997  -14.231 1.00 37.91  ? 40  LYS A CD  1 
ATOM   222  C CE  . LYS A 1 26  ? 6.856   -9.057  -13.518 1.00 37.70  ? 40  LYS A CE  1 
ATOM   223  N NZ  . LYS A 1 26  ? 7.010   -9.320  -12.062 1.00 36.82  ? 40  LYS A NZ  1 
ATOM   224  N N   . TYR A 1 27  ? 1.279   -7.872  -11.401 1.00 28.51  ? 41  TYR A N   1 
ATOM   225  C CA  . TYR A 1 27  ? 0.658   -6.656  -10.817 1.00 29.33  ? 41  TYR A CA  1 
ATOM   226  C C   . TYR A 1 27  ? 1.596   -6.115  -9.773  1.00 31.00  ? 41  TYR A C   1 
ATOM   227  O O   . TYR A 1 27  ? 2.285   -6.896  -9.089  1.00 27.22  ? 41  TYR A O   1 
ATOM   228  C CB  . TYR A 1 27  ? -0.633  -6.981  -10.087 1.00 31.86  ? 41  TYR A CB  1 
ATOM   229  C CG  . TYR A 1 27  ? -1.766  -7.357  -10.940 1.00 35.83  ? 41  TYR A CG  1 
ATOM   230  C CD1 . TYR A 1 27  ? -1.775  -8.588  -11.607 1.00 41.17  ? 41  TYR A CD1 1 
ATOM   231  C CD2 . TYR A 1 27  ? -2.853  -6.506  -11.105 1.00 39.01  ? 41  TYR A CD2 1 
ATOM   232  C CE1 . TYR A 1 27  ? -2.837  -8.950  -12.437 1.00 42.55  ? 41  TYR A CE1 1 
ATOM   233  C CE2 . TYR A 1 27  ? -3.913  -6.854  -11.934 1.00 40.53  ? 41  TYR A CE2 1 
ATOM   234  C CZ  . TYR A 1 27  ? -3.902  -8.079  -12.592 1.00 43.21  ? 41  TYR A CZ  1 
ATOM   235  O OH  . TYR A 1 27  ? -4.971  -8.433  -13.387 1.00 45.11  ? 41  TYR A OH  1 
ATOM   236  N N   . SER A 1 28  ? 1.597   -4.782  -9.596  1.00 27.22  ? 42  SER A N   1 
ATOM   237  C CA  . SER A 1 28  ? 2.376   -4.158  -8.539  1.00 25.65  ? 42  SER A CA  1 
ATOM   238  C C   . SER A 1 28  ? 1.474   -3.211  -7.725  1.00 24.46  ? 42  SER A C   1 
ATOM   239  O O   . SER A 1 28  ? 0.496   -2.641  -8.248  1.00 22.97  ? 42  SER A O   1 
ATOM   240  C CB  . SER A 1 28  ? 3.573   -3.346  -9.045  1.00 27.76  ? 42  SER A CB  1 
ATOM   241  O OG  . SER A 1 28  ? 4.569   -4.108  -9.720  1.00 29.92  ? 42  SER A OG  1 
ATOM   242  N N   . VAL A 1 29  ? 1.790   -3.110  -6.438  1.00 22.54  ? 43  VAL A N   1 
ATOM   243  C CA  . VAL A 1 29  ? 1.134   -2.156  -5.546  1.00 22.53  ? 43  VAL A CA  1 
ATOM   244  C C   . VAL A 1 29  ? 2.155   -1.291  -4.840  1.00 21.83  ? 43  VAL A C   1 
ATOM   245  O O   . VAL A 1 29  ? 3.301   -1.686  -4.615  1.00 22.51  ? 43  VAL A O   1 
ATOM   246  C CB  . VAL A 1 29  ? 0.153   -2.781  -4.523  1.00 23.64  ? 43  VAL A CB  1 
ATOM   247  C CG1 . VAL A 1 29  ? -1.007  -3.487  -5.208  1.00 26.36  ? 43  VAL A CG1 1 
ATOM   248  C CG2 . VAL A 1 29  ? 0.862   -3.707  -3.545  1.00 24.52  ? 43  VAL A CG2 1 
ATOM   249  N N   . LEU A 1 30  ? 1.719   -0.065  -4.494  1.00 22.61  ? 44  LEU A N   1 
ATOM   250  C CA  . LEU A 1 30  ? 2.507   0.873   -3.725  1.00 23.87  ? 44  LEU A CA  1 
ATOM   251  C C   . LEU A 1 30  ? 1.889   1.016   -2.341  1.00 23.29  ? 44  LEU A C   1 
ATOM   252  O O   . LEU A 1 30  ? 0.702   1.286   -2.229  1.00 23.27  ? 44  LEU A O   1 
ATOM   253  C CB  . LEU A 1 30  ? 2.538   2.258   -4.398  1.00 24.31  ? 44  LEU A CB  1 
ATOM   254  C CG  . LEU A 1 30  ? 3.390   3.315   -3.689  1.00 25.28  ? 44  LEU A CG  1 
ATOM   255  C CD1 . LEU A 1 30  ? 4.869   2.964   -3.779  1.00 26.70  ? 44  LEU A CD1 1 
ATOM   256  C CD2 . LEU A 1 30  ? 3.138   4.691   -4.304  1.00 27.57  ? 44  LEU A CD2 1 
ATOM   257  N N   . LEU A 1 31  ? 2.702   0.791   -1.321  1.00 22.91  ? 45  LEU A N   1 
ATOM   258  C CA  . LEU A 1 31  ? 2.329   0.968   0.062   1.00 25.18  ? 45  LEU A CA  1 
ATOM   259  C C   . LEU A 1 31  ? 2.824   2.369   0.459   1.00 22.52  ? 45  LEU A C   1 
ATOM   260  O O   . LEU A 1 31  ? 4.010   2.532   0.721   1.00 23.96  ? 45  LEU A O   1 
ATOM   261  C CB  . LEU A 1 31  ? 2.974   -0.122  0.930   1.00 26.14  ? 45  LEU A CB  1 
ATOM   262  C CG  . LEU A 1 31  ? 2.231   -1.489  0.948   1.00 29.41  ? 45  LEU A CG  1 
ATOM   263  C CD1 . LEU A 1 31  ? 1.960   -2.064  -0.413  1.00 29.39  ? 45  LEU A CD1 1 
ATOM   264  C CD2 . LEU A 1 31  ? 3.013   -2.506  1.787   1.00 35.01  ? 45  LEU A CD2 1 
ATOM   265  N N   . PRO A 1 32  ? 1.938   3.380   0.438   1.00 23.36  ? 46  PRO A N   1 
ATOM   266  C CA  . PRO A 1 32  ? 2.423   4.759   0.564   1.00 22.64  ? 46  PRO A CA  1 
ATOM   267  C C   . PRO A 1 32  ? 2.456   5.219   2.030   1.00 22.11  ? 46  PRO A C   1 
ATOM   268  O O   . PRO A 1 32  ? 1.413   5.243   2.682   1.00 21.69  ? 46  PRO A O   1 
ATOM   269  C CB  . PRO A 1 32  ? 1.405   5.556   -0.271  1.00 24.14  ? 46  PRO A CB  1 
ATOM   270  C CG  . PRO A 1 32  ? 0.449   4.538   -0.861  1.00 23.96  ? 46  PRO A CG  1 
ATOM   271  C CD  . PRO A 1 32  ? 0.509   3.390   0.098   1.00 23.40  ? 46  PRO A CD  1 
ATOM   272  N N   . LEU A 1 33  ? 3.641   5.510   2.549   1.00 21.72  ? 47  LEU A N   1 
ATOM   273  C CA  . LEU A 1 33  ? 3.805   5.937   3.932   1.00 24.30  ? 47  LEU A CA  1 
ATOM   274  C C   . LEU A 1 33  ? 3.815   7.462   3.965   1.00 24.47  ? 47  LEU A C   1 
ATOM   275  O O   . LEU A 1 33  ? 4.618   8.075   3.261   1.00 24.06  ? 47  LEU A O   1 
ATOM   276  C CB  . LEU A 1 33  ? 5.121   5.464   4.526   1.00 25.29  ? 47  LEU A CB  1 
ATOM   277  C CG  . LEU A 1 33  ? 5.183   3.998   4.939   1.00 28.52  ? 47  LEU A CG  1 
ATOM   278  C CD1 . LEU A 1 33  ? 6.646   3.625   5.201   1.00 30.28  ? 47  LEU A CD1 1 
ATOM   279  C CD2 . LEU A 1 33  ? 4.325   3.727   6.176   1.00 28.78  ? 47  LEU A CD2 1 
ATOM   280  N N   . VAL A 1 34  ? 2.975   8.017   4.812   1.00 25.72  ? 48  VAL A N   1 
ATOM   281  C CA  . VAL A 1 34  ? 2.753   9.463   4.916   1.00 27.53  ? 48  VAL A CA  1 
ATOM   282  C C   . VAL A 1 34  ? 2.979   9.825   6.382   1.00 28.44  ? 48  VAL A C   1 
ATOM   283  O O   . VAL A 1 34  ? 2.379   9.185   7.266   1.00 29.39  ? 48  VAL A O   1 
ATOM   284  C CB  . VAL A 1 34  ? 1.303   9.795   4.525   1.00 28.09  ? 48  VAL A CB  1 
ATOM   285  C CG1 . VAL A 1 34  ? 0.959   11.247  4.842   1.00 31.66  ? 48  VAL A CG1 1 
ATOM   286  C CG2 . VAL A 1 34  ? 1.050   9.479   3.045   1.00 30.41  ? 48  VAL A CG2 1 
ATOM   287  N N   . ALA A 1 35  ? 3.822   10.826  6.643   1.00 28.45  ? 49  ALA A N   1 
ATOM   288  C CA  . ALA A 1 35  ? 4.059   11.315  8.009   1.00 28.77  ? 49  ALA A CA  1 
ATOM   289  C C   . ALA A 1 35  ? 3.130   12.476  8.320   1.00 33.16  ? 49  ALA A C   1 
ATOM   290  O O   . ALA A 1 35  ? 3.167   13.462  7.591   1.00 34.66  ? 49  ALA A O   1 
ATOM   291  C CB  . ALA A 1 35  ? 5.502   11.746  8.157   1.00 30.37  ? 49  ALA A CB  1 
ATOM   292  N N   . LYS A 1 36  ? 2.275   12.347  9.344   1.00 32.93  ? 50  LYS A N   1 
ATOM   293  C CA  . LYS A 1 36  ? 1.366   13.442  9.789   1.00 37.29  ? 50  LYS A CA  1 
ATOM   294  C C   . LYS A 1 36  ? 1.384   13.468  11.306  1.00 36.99  ? 50  LYS A C   1 
ATOM   295  O O   . LYS A 1 36  ? 1.358   12.415  11.950  1.00 33.23  ? 50  LYS A O   1 
ATOM   296  C CB  . LYS A 1 36  ? -0.098  13.241  9.356   1.00 40.86  ? 50  LYS A CB  1 
ATOM   297  C CG  . LYS A 1 36  ? -0.404  13.319  7.872   1.00 50.91  ? 50  LYS A CG  1 
ATOM   298  C CD  . LYS A 1 36  ? -0.081  14.669  7.232   1.00 55.50  ? 50  LYS A CD  1 
ATOM   299  C CE  . LYS A 1 36  ? -0.524  14.706  5.768   1.00 61.04  ? 50  LYS A CE  1 
ATOM   300  N NZ  . LYS A 1 36  ? 0.346   15.582  4.921   1.00 65.24  ? 50  LYS A NZ  1 
ATOM   301  N N   . GLU A 1 37  ? 1.433   14.668  11.890  1.00 36.66  ? 51  GLU A N   1 
ATOM   302  C CA  . GLU A 1 37  ? 1.361   14.834  13.340  1.00 37.90  ? 51  GLU A CA  1 
ATOM   303  C C   . GLU A 1 37  ? 2.349   13.958  14.100  1.00 35.67  ? 51  GLU A C   1 
ATOM   304  O O   . GLU A 1 37  ? 2.033   13.393  15.151  1.00 37.66  ? 51  GLU A O   1 
ATOM   305  C CB  . GLU A 1 37  ? -0.085  14.598  13.817  1.00 46.10  ? 51  GLU A CB  1 
ATOM   306  C CG  . GLU A 1 37  ? -1.084  15.567  13.200  1.00 52.75  ? 51  GLU A CG  1 
ATOM   307  C CD  . GLU A 1 37  ? -2.525  15.286  13.591  1.00 62.24  ? 51  GLU A CD  1 
ATOM   308  O OE1 . GLU A 1 37  ? -3.386  15.214  12.681  1.00 66.88  ? 51  GLU A OE1 1 
ATOM   309  O OE2 . GLU A 1 37  ? -2.802  15.145  14.805  1.00 70.33  ? 51  GLU A OE2 1 
ATOM   310  N N   . GLY A 1 38  ? 3.558   13.862  13.562  1.00 31.13  ? 52  GLY A N   1 
ATOM   311  C CA  . GLY A 1 38  ? 4.646   13.125  14.148  1.00 33.74  ? 52  GLY A CA  1 
ATOM   312  C C   . GLY A 1 38  ? 4.561   11.599  14.083  1.00 34.99  ? 52  GLY A C   1 
ATOM   313  O O   . GLY A 1 38  ? 5.354   10.924  14.753  1.00 36.62  ? 52  GLY A O   1 
ATOM   314  N N   . LYS A 1 39  ? 3.625   11.043  13.299  1.00 30.57  ? 53  LYS A N   1 
ATOM   315  C CA  . LYS A 1 39  ? 3.434   9.577   13.236  1.00 31.22  ? 53  LYS A CA  1 
ATOM   316  C C   . LYS A 1 39  ? 3.313   9.158   11.787  1.00 28.47  ? 53  LYS A C   1 
ATOM   317  O O   . LYS A 1 39  ? 2.886   9.949   10.949  1.00 28.50  ? 53  LYS A O   1 
ATOM   318  C CB  . LYS A 1 39  ? 2.145   9.182   13.944  1.00 34.99  ? 53  LYS A CB  1 
ATOM   319  C CG  . LYS A 1 39  ? 2.034   9.695   15.377  1.00 41.15  ? 53  LYS A CG  1 
ATOM   320  C CD  . LYS A 1 39  ? 0.726   9.298   16.068  1.00 49.13  ? 53  LYS A CD  1 
ATOM   321  C CE  . LYS A 1 39  ? -0.557  9.746   15.348  1.00 53.84  ? 53  LYS A CE  1 
ATOM   322  N NZ  . LYS A 1 39  ? -1.672  8.749   15.419  1.00 56.43  ? 53  LYS A NZ  1 
ATOM   323  N N   . LEU A 1 40  ? 3.638   7.904   11.498  1.00 26.23  ? 54  LEU A N   1 
ATOM   324  C CA  . LEU A 1 40  ? 3.465   7.373   10.145  1.00 25.70  ? 54  LEU A CA  1 
ATOM   325  C C   . LEU A 1 40  ? 2.052   6.833   9.932   1.00 24.16  ? 54  LEU A C   1 
ATOM   326  O O   . LEU A 1 40  ? 1.431   6.290   10.867  1.00 25.20  ? 54  LEU A O   1 
ATOM   327  C CB  . LEU A 1 40  ? 4.470   6.252   9.890   1.00 28.53  ? 54  LEU A CB  1 
ATOM   328  C CG  . LEU A 1 40  ? 5.920   6.710   9.874   1.00 31.59  ? 54  LEU A CG  1 
ATOM   329  C CD1 . LEU A 1 40  ? 6.802   5.470   9.860   1.00 34.66  ? 54  LEU A CD1 1 
ATOM   330  C CD2 . LEU A 1 40  ? 6.176   7.630   8.702   1.00 30.59  ? 54  LEU A CD2 1 
ATOM   331  N N   . HIS A 1 41  ? 1.571   6.987   8.698   1.00 22.97  ? 55  HIS A N   1 
ATOM   332  C CA  . HIS A 1 41  ? 0.283   6.531   8.243   1.00 22.78  ? 55  HIS A CA  1 
ATOM   333  C C   . HIS A 1 41  ? 0.464   5.773   6.917   1.00 23.51  ? 55  HIS A C   1 
ATOM   334  O O   . HIS A 1 41  ? 1.410   6.028   6.192   1.00 24.97  ? 55  HIS A O   1 
ATOM   335  C CB  . HIS A 1 41  ? -0.643  7.701   8.001   1.00 24.40  ? 55  HIS A CB  1 
ATOM   336  C CG  . HIS A 1 41  ? -0.924  8.495   9.229   1.00 25.06  ? 55  HIS A CG  1 
ATOM   337  N ND1 . HIS A 1 41  ? 0.016   9.322   9.801   1.00 30.60  ? 55  HIS A ND1 1 
ATOM   338  C CD2 . HIS A 1 41  ? -2.033  8.602   9.989   1.00 29.71  ? 55  HIS A CD2 1 
ATOM   339  C CE1 . HIS A 1 41  ? -0.491  9.863   10.901  1.00 30.92  ? 55  HIS A CE1 1 
ATOM   340  N NE2 . HIS A 1 41  ? -1.736  9.448   11.031  1.00 31.53  ? 55  HIS A NE2 1 
ATOM   341  N N   . LEU A 1 42  ? -0.450  4.851   6.627   1.00 22.27  ? 56  LEU A N   1 
ATOM   342  C CA  . LEU A 1 42  ? -0.553  4.266   5.291   1.00 22.79  ? 56  LEU A CA  1 
ATOM   343  C C   . LEU A 1 42  ? -1.738  4.860   4.554   1.00 21.92  ? 56  LEU A C   1 
ATOM   344  O O   . LEU A 1 42  ? -2.792  5.045   5.140   1.00 25.26  ? 56  LEU A O   1 
ATOM   345  C CB  . LEU A 1 42  ? -0.693  2.744   5.359   1.00 23.84  ? 56  LEU A CB  1 
ATOM   346  C CG  . LEU A 1 42  ? 0.598   1.960   5.604   1.00 24.15  ? 56  LEU A CG  1 
ATOM   347  C CD1 . LEU A 1 42  ? 0.225   0.534   6.050   1.00 25.02  ? 56  LEU A CD1 1 
ATOM   348  C CD2 . LEU A 1 42  ? 1.436   1.930   4.339   1.00 24.38  ? 56  LEU A CD2 1 
ATOM   349  N N   . LEU A 1 43  ? -1.553  5.118   3.268   1.00 22.01  ? 57  LEU A N   1 
ATOM   350  C CA  . LEU A 1 43  ? -2.614  5.614   2.388   1.00 23.51  ? 57  LEU A CA  1 
ATOM   351  C C   . LEU A 1 43  ? -3.269  4.454   1.650   1.00 23.99  ? 57  LEU A C   1 
ATOM   352  O O   . LEU A 1 43  ? -2.574  3.657   0.993   1.00 22.99  ? 57  LEU A O   1 
ATOM   353  C CB  . LEU A 1 43  ? -2.012  6.625   1.404   1.00 23.87  ? 57  LEU A CB  1 
ATOM   354  C CG  . LEU A 1 43  ? -2.994  7.272   0.402   1.00 27.20  ? 57  LEU A CG  1 
ATOM   355  C CD1 . LEU A 1 43  ? -2.492  8.638   -0.015  1.00 31.01  ? 57  LEU A CD1 1 
ATOM   356  C CD2 . LEU A 1 43  ? -3.191  6.447   -0.840  1.00 28.86  ? 57  LEU A CD2 1 
ATOM   357  N N   . PHE A 1 44  ? -4.598  4.407   1.708   1.00 22.18  ? 58  PHE A N   1 
ATOM   358  C CA  . PHE A 1 44  ? -5.414  3.386   1.082   1.00 23.30  ? 58  PHE A CA  1 
ATOM   359  C C   . PHE A 1 44  ? -6.382  4.027   0.092   1.00 26.16  ? 58  PHE A C   1 
ATOM   360  O O   . PHE A 1 44  ? -6.708  5.241   0.205   1.00 25.82  ? 58  PHE A O   1 
ATOM   361  C CB  . PHE A 1 44  ? -6.232  2.644   2.131   1.00 23.72  ? 58  PHE A CB  1 
ATOM   362  C CG  . PHE A 1 44  ? -5.412  1.861   3.115   1.00 24.17  ? 58  PHE A CG  1 
ATOM   363  C CD1 . PHE A 1 44  ? -4.883  2.464   4.260   1.00 23.60  ? 58  PHE A CD1 1 
ATOM   364  C CD2 . PHE A 1 44  ? -5.164  0.503   2.903   1.00 24.36  ? 58  PHE A CD2 1 
ATOM   365  C CE1 . PHE A 1 44  ? -4.156  1.726   5.185   1.00 24.31  ? 58  PHE A CE1 1 
ATOM   366  C CE2 . PHE A 1 44  ? -4.423  -0.232  3.817   1.00 23.27  ? 58  PHE A CE2 1 
ATOM   367  C CZ  . PHE A 1 44  ? -3.910  0.373   4.958   1.00 23.13  ? 58  PHE A CZ  1 
ATOM   368  N N   . THR A 1 45  ? -6.832  3.217   -0.866  1.00 24.30  ? 59  THR A N   1 
ATOM   369  C CA  . THR A 1 45  ? -7.917  3.617   -1.784  1.00 26.74  ? 59  THR A CA  1 
ATOM   370  C C   . THR A 1 45  ? -9.144  2.739   -1.585  1.00 29.13  ? 59  THR A C   1 
ATOM   371  O O   . THR A 1 45  ? -9.029  1.604   -1.116  1.00 29.34  ? 59  THR A O   1 
ATOM   372  C CB  . THR A 1 45  ? -7.524  3.525   -3.268  1.00 26.77  ? 59  THR A CB  1 
ATOM   373  O OG1 . THR A 1 45  ? -7.467  2.151   -3.712  1.00 27.12  ? 59  THR A OG1 1 
ATOM   374  C CG2 . THR A 1 45  ? -6.217  4.224   -3.580  1.00 26.61  ? 59  THR A CG2 1 
ATOM   375  N N   . VAL A 1 46  ? -10.310 3.271   -1.943  1.00 28.77  ? 60  VAL A N   1 
ATOM   376  C CA  . VAL A 1 46  ? -11.502 2.479   -2.172  1.00 30.78  ? 60  VAL A CA  1 
ATOM   377  C C   . VAL A 1 46  ? -11.726 2.494   -3.690  1.00 32.60  ? 60  VAL A C   1 
ATOM   378  O O   . VAL A 1 46  ? -11.876 3.559   -4.305  1.00 31.09  ? 60  VAL A O   1 
ATOM   379  C CB  . VAL A 1 46  ? -12.738 3.022   -1.404  1.00 32.06  ? 60  VAL A CB  1 
ATOM   380  C CG1 . VAL A 1 46  ? -13.972 2.156   -1.660  1.00 34.24  ? 60  VAL A CG1 1 
ATOM   381  C CG2 . VAL A 1 46  ? -12.486 3.102   0.088   1.00 32.97  ? 60  VAL A CG2 1 
ATOM   382  N N   . ARG A 1 47  ? -11.708 1.312   -4.296  1.00 32.41  ? 61  ARG A N   1 
ATOM   383  C CA  . ARG A 1 47  ? -11.817 1.184   -5.748  1.00 34.06  ? 61  ARG A CA  1 
ATOM   384  C C   . ARG A 1 47  ? -13.225 1.603   -6.227  1.00 34.83  ? 61  ARG A C   1 
ATOM   385  O O   . ARG A 1 47  ? -14.224 1.455   -5.513  1.00 35.86  ? 61  ARG A O   1 
ATOM   386  C CB  . ARG A 1 47  ? -11.487 -0.250  -6.200  1.00 36.21  ? 61  ARG A CB  1 
ATOM   387  C CG  . ARG A 1 47  ? -10.012 -0.583  -6.088  1.00 38.47  ? 61  ARG A CG  1 
ATOM   388  C CD  . ARG A 1 47  ? -9.716  -2.048  -6.389  1.00 43.04  ? 61  ARG A CD  1 
ATOM   389  N NE  . ARG A 1 47  ? -9.969  -2.433  -7.793  1.00 44.22  ? 61  ARG A NE  1 
ATOM   390  C CZ  . ARG A 1 47  ? -9.142  -2.219  -8.812  1.00 44.50  ? 61  ARG A CZ  1 
ATOM   391  N NH1 . ARG A 1 47  ? -7.971  -1.596  -8.658  1.00 52.35  ? 61  ARG A NH1 1 
ATOM   392  N NH2 . ARG A 1 47  ? -9.501  -2.619  -10.034 1.00 53.02  ? 61  ARG A NH2 1 
ATOM   393  N N   . SER A 1 48  ? -13.275 2.212   -7.400  1.00 36.77  ? 62  SER A N   1 
ATOM   394  C CA  . SER A 1 48  ? -14.549 2.663   -7.945  1.00 43.71  ? 62  SER A CA  1 
ATOM   395  C C   . SER A 1 48  ? -15.477 1.458   -8.119  1.00 44.93  ? 62  SER A C   1 
ATOM   396  O O   . SER A 1 48  ? -15.027 0.384   -8.535  1.00 43.13  ? 62  SER A O   1 
ATOM   397  C CB  . SER A 1 48  ? -14.363 3.335   -9.304  1.00 46.50  ? 62  SER A CB  1 
ATOM   398  O OG  . SER A 1 48  ? -15.631 3.498   -9.935  1.00 52.38  ? 62  SER A OG  1 
ATOM   399  N N   . GLU A 1 49  ? -16.758 1.672   -7.834  1.00 56.30  ? 63  GLU A N   1 
ATOM   400  C CA  . GLU A 1 49  ? -17.805 0.658   -8.064  1.00 64.89  ? 63  GLU A CA  1 
ATOM   401  C C   . GLU A 1 49  ? -17.902 0.211   -9.544  1.00 67.23  ? 63  GLU A C   1 
ATOM   402  O O   . GLU A 1 49  ? -18.331 -0.909  -9.817  1.00 71.82  ? 63  GLU A O   1 
ATOM   403  C CB  . GLU A 1 49  ? -19.191 1.161   -7.596  1.00 67.00  ? 63  GLU A CB  1 
ATOM   404  C CG  . GLU A 1 49  ? -19.314 1.667   -6.152  1.00 69.59  ? 63  GLU A CG  1 
ATOM   405  C CD  . GLU A 1 49  ? -19.115 0.602   -5.080  1.00 75.17  ? 63  GLU A CD  1 
ATOM   406  O OE1 . GLU A 1 49  ? -18.941 -0.595  -5.402  1.00 78.41  ? 63  GLU A OE1 1 
ATOM   407  O OE2 . GLU A 1 49  ? -19.138 0.976   -3.885  1.00 77.31  ? 63  GLU A OE2 1 
ATOM   408  N N   . LYS A 1 50  ? -17.482 1.067   -10.479 1.00 69.24  ? 64  LYS A N   1 
ATOM   409  C CA  . LYS A 1 50  ? -17.615 0.795   -11.921 1.00 70.83  ? 64  LYS A CA  1 
ATOM   410  C C   . LYS A 1 50  ? -16.673 -0.272  -12.471 1.00 70.93  ? 64  LYS A C   1 
ATOM   411  O O   . LYS A 1 50  ? -16.933 -0.820  -13.544 1.00 74.33  ? 64  LYS A O   1 
ATOM   412  C CB  . LYS A 1 50  ? -17.371 2.065   -12.752 1.00 74.49  ? 64  LYS A CB  1 
ATOM   413  C CG  . LYS A 1 50  ? -18.236 3.273   -12.418 1.00 78.84  ? 64  LYS A CG  1 
ATOM   414  C CD  . LYS A 1 50  ? -18.064 4.364   -13.479 1.00 84.95  ? 64  LYS A CD  1 
ATOM   415  C CE  . LYS A 1 50  ? -17.906 5.753   -12.876 1.00 86.11  ? 64  LYS A CE  1 
ATOM   416  N NZ  . LYS A 1 50  ? -19.126 6.201   -12.151 1.00 87.64  ? 64  LYS A NZ  1 
ATOM   417  N N   . LEU A 1 51  ? -15.577 -0.555  -11.770 1.00 62.77  ? 65  LEU A N   1 
ATOM   418  C CA  . LEU A 1 51  ? -14.478 -1.314  -12.369 1.00 64.65  ? 65  LEU A CA  1 
ATOM   419  C C   . LEU A 1 51  ? -14.782 -2.801  -12.608 1.00 65.90  ? 65  LEU A C   1 
ATOM   420  O O   . LEU A 1 51  ? -15.650 -3.384  -11.953 1.00 63.67  ? 65  LEU A O   1 
ATOM   421  C CB  . LEU A 1 51  ? -13.211 -1.158  -11.518 1.00 62.31  ? 65  LEU A CB  1 
ATOM   422  C CG  . LEU A 1 51  ? -12.660 0.271   -11.406 1.00 58.66  ? 65  LEU A CG  1 
ATOM   423  C CD1 . LEU A 1 51  ? -11.588 0.338   -10.322 1.00 58.44  ? 65  LEU A CD1 1 
ATOM   424  C CD2 . LEU A 1 51  ? -12.111 0.764   -12.744 1.00 57.30  ? 65  LEU A CD2 1 
ATOM   425  N N   . ARG A 1 52  ? -14.052 -3.390  -13.561 1.00 67.51  ? 66  ARG A N   1 
ATOM   426  C CA  . ARG A 1 52  ? -14.108 -4.830  -13.835 1.00 70.19  ? 66  ARG A CA  1 
ATOM   427  C C   . ARG A 1 52  ? -13.600 -5.614  -12.612 1.00 73.68  ? 66  ARG A C   1 
ATOM   428  O O   . ARG A 1 52  ? -14.415 -6.194  -11.880 1.00 73.06  ? 66  ARG A O   1 
ATOM   429  C CB  . ARG A 1 52  ? -13.313 -5.189  -15.100 1.00 67.64  ? 66  ARG A CB  1 
ATOM   430  N N   . ARG A 1 53  ? -12.282 -5.599  -12.364 1.00 74.04  ? 67  ARG A N   1 
ATOM   431  C CA  . ARG A 1 53  ? -11.709 -6.323  -11.212 1.00 69.98  ? 67  ARG A CA  1 
ATOM   432  C C   . ARG A 1 53  ? -11.812 -5.501  -9.920  1.00 68.88  ? 67  ARG A C   1 
ATOM   433  O O   . ARG A 1 53  ? -11.483 -4.293  -9.890  1.00 57.20  ? 67  ARG A O   1 
ATOM   434  C CB  . ARG A 1 53  ? -10.249 -6.764  -11.449 1.00 75.23  ? 67  ARG A CB  1 
ATOM   435  C CG  . ARG A 1 53  ? -9.787  -7.841  -10.455 1.00 78.10  ? 67  ARG A CG  1 
ATOM   436  C CD  . ARG A 1 53  ? -8.395  -8.414  -10.730 1.00 80.31  ? 67  ARG A CD  1 
ATOM   437  N NE  . ARG A 1 53  ? -8.008  -9.422  -9.721  1.00 80.27  ? 67  ARG A NE  1 
ATOM   438  C CZ  . ARG A 1 53  ? -6.782  -9.946  -9.562  1.00 82.94  ? 67  ARG A CZ  1 
ATOM   439  N NH1 . ARG A 1 53  ? -5.767  -9.584  -10.345 1.00 84.52  ? 67  ARG A NH1 1 
ATOM   440  N NH2 . ARG A 1 53  ? -6.559  -10.845 -8.604  1.00 79.01  ? 67  ARG A NH2 1 
ATOM   441  N N   . ALA A 1 54  ? -12.288 -6.178  -8.871  1.00 63.84  ? 68  ALA A N   1 
ATOM   442  C CA  . ALA A 1 54  ? -12.277 -5.698  -7.487  1.00 64.30  ? 68  ALA A CA  1 
ATOM   443  C C   . ALA A 1 54  ? -12.998 -4.350  -7.265  1.00 65.22  ? 68  ALA A C   1 
ATOM   444  O O   . ALA A 1 54  ? -12.398 -3.401  -6.750  1.00 60.14  ? 68  ALA A O   1 
ATOM   445  C CB  . ALA A 1 54  ? -10.835 -5.659  -6.968  1.00 63.60  ? 68  ALA A CB  1 
ATOM   446  N N   . PRO A 1 55  ? -14.287 -4.261  -7.663  1.00 62.57  ? 69  PRO A N   1 
ATOM   447  C CA  . PRO A 1 55  ? -15.090 -3.037  -7.442  1.00 59.02  ? 69  PRO A CA  1 
ATOM   448  C C   . PRO A 1 55  ? -15.468 -2.798  -5.984  1.00 55.05  ? 69  PRO A C   1 
ATOM   449  O O   . PRO A 1 55  ? -15.838 -3.744  -5.316  1.00 54.75  ? 69  PRO A O   1 
ATOM   450  C CB  . PRO A 1 55  ? -16.365 -3.294  -8.262  1.00 60.46  ? 69  PRO A CB  1 
ATOM   451  C CG  . PRO A 1 55  ? -16.438 -4.777  -8.412  1.00 60.37  ? 69  PRO A CG  1 
ATOM   452  C CD  . PRO A 1 55  ? -15.010 -5.244  -8.494  1.00 61.13  ? 69  PRO A CD  1 
ATOM   453  N N   . GLY A 1 56  ? -15.388 -1.539  -5.517  1.00 48.99  ? 70  GLY A N   1 
ATOM   454  C CA  . GLY A 1 56  ? -15.712 -1.155  -4.125  1.00 44.94  ? 70  GLY A CA  1 
ATOM   455  C C   . GLY A 1 56  ? -14.713 -1.576  -3.031  1.00 40.31  ? 70  GLY A C   1 
ATOM   456  O O   . GLY A 1 56  ? -14.900 -1.283  -1.861  1.00 39.64  ? 70  GLY A O   1 
ATOM   457  N N   . GLU A 1 57  ? -13.639 -2.239  -3.414  1.00 42.16  ? 71  GLU A N   1 
ATOM   458  C CA  . GLU A 1 57  ? -12.757 -2.862  -2.442  1.00 43.72  ? 71  GLU A CA  1 
ATOM   459  C C   . GLU A 1 57  ? -11.646 -1.897  -1.975  1.00 37.60  ? 71  GLU A C   1 
ATOM   460  O O   . GLU A 1 57  ? -11.204 -1.047  -2.744  1.00 35.12  ? 71  GLU A O   1 
ATOM   461  C CB  . GLU A 1 57  ? -12.157 -4.106  -3.070  1.00 45.56  ? 71  GLU A CB  1 
ATOM   462  C CG  . GLU A 1 57  ? -11.582 -5.032  -2.034  1.00 53.65  ? 71  GLU A CG  1 
ATOM   463  C CD  . GLU A 1 57  ? -11.490 -6.457  -2.494  1.00 57.69  ? 71  GLU A CD  1 
ATOM   464  O OE1 . GLU A 1 57  ? -10.360 -7.002  -2.464  1.00 59.93  ? 71  GLU A OE1 1 
ATOM   465  O OE2 . GLU A 1 57  ? -12.549 -7.008  -2.879  1.00 59.79  ? 71  GLU A OE2 1 
ATOM   466  N N   . VAL A 1 58  ? -11.199 -2.063  -0.730  1.00 35.30  ? 72  VAL A N   1 
ATOM   467  C CA  . VAL A 1 58  ? -10.079 -1.287  -0.180  1.00 33.58  ? 72  VAL A CA  1 
ATOM   468  C C   . VAL A 1 58  ? -8.772  -1.930  -0.637  1.00 33.58  ? 72  VAL A C   1 
ATOM   469  O O   . VAL A 1 58  ? -8.529  -3.099  -0.346  1.00 32.17  ? 72  VAL A O   1 
ATOM   470  C CB  . VAL A 1 58  ? -10.146 -1.193  1.357   1.00 32.00  ? 72  VAL A CB  1 
ATOM   471  C CG1 . VAL A 1 58  ? -8.882  -0.558  1.941   1.00 32.60  ? 72  VAL A CG1 1 
ATOM   472  C CG2 . VAL A 1 58  ? -11.368 -0.401  1.792   1.00 34.67  ? 72  VAL A CG2 1 
ATOM   473  N N   . CYS A 1 59  ? -7.947  -1.165  -1.364  1.00 28.68  ? 73  CYS A N   1 
ATOM   474  C CA  . CYS A 1 59  ? -6.699  -1.627  -1.948  1.00 28.89  ? 73  CYS A CA  1 
ATOM   475  C C   . CYS A 1 59  ? -5.654  -0.527  -1.823  1.00 27.91  ? 73  CYS A C   1 
ATOM   476  O O   . CYS A 1 59  ? -5.977  0.677   -1.888  1.00 27.59  ? 73  CYS A O   1 
ATOM   477  C CB  . CYS A 1 59  ? -6.862  -1.926  -3.452  1.00 33.94  ? 73  CYS A CB  1 
ATOM   478  S SG  . CYS A 1 59  ? -7.885  -3.336  -3.803  1.00 39.68  ? 73  CYS A SG  1 
ATOM   479  N N   . PHE A 1 60  ? -4.398  -0.928  -1.729  1.00 24.38  ? 74  PHE A N   1 
ATOM   480  C CA  . PHE A 1 60  ? -3.324  0.013   -2.009  1.00 24.26  ? 74  PHE A CA  1 
ATOM   481  C C   . PHE A 1 60  ? -3.368  0.448   -3.480  1.00 25.95  ? 74  PHE A C   1 
ATOM   482  O O   . PHE A 1 60  ? -3.853  -0.306  -4.317  1.00 25.51  ? 74  PHE A O   1 
ATOM   483  C CB  . PHE A 1 60  ? -1.989  -0.609  -1.684  1.00 24.57  ? 74  PHE A CB  1 
ATOM   484  C CG  . PHE A 1 60  ? -1.779  -0.824  -0.209  1.00 24.01  ? 74  PHE A CG  1 
ATOM   485  C CD1 . PHE A 1 60  ? -1.717  0.275   0.655   1.00 24.37  ? 74  PHE A CD1 1 
ATOM   486  C CD2 . PHE A 1 60  ? -1.680  -2.094  0.326   1.00 24.52  ? 74  PHE A CD2 1 
ATOM   487  C CE1 . PHE A 1 60  ? -1.546  0.107   2.022   1.00 24.89  ? 74  PHE A CE1 1 
ATOM   488  C CE2 . PHE A 1 60  ? -1.506  -2.276  1.700   1.00 24.32  ? 74  PHE A CE2 1 
ATOM   489  C CZ  . PHE A 1 60  ? -1.451  -1.179  2.550   1.00 25.30  ? 74  PHE A CZ  1 
ATOM   490  N N   . PRO A 1 61  ? -2.853  1.659   -3.795  1.00 24.83  ? 75  PRO A N   1 
ATOM   491  C CA  . PRO A 1 61  ? -2.729  2.004   -5.218  1.00 26.64  ? 75  PRO A CA  1 
ATOM   492  C C   . PRO A 1 61  ? -1.891  0.942   -5.961  1.00 26.78  ? 75  PRO A C   1 
ATOM   493  O O   . PRO A 1 61  ? -0.886  0.446   -5.430  1.00 24.86  ? 75  PRO A O   1 
ATOM   494  C CB  . PRO A 1 61  ? -1.981  3.347   -5.203  1.00 26.92  ? 75  PRO A CB  1 
ATOM   495  C CG  . PRO A 1 61  ? -2.097  3.875   -3.824  1.00 26.10  ? 75  PRO A CG  1 
ATOM   496  C CD  . PRO A 1 61  ? -2.363  2.723   -2.902  1.00 24.72  ? 75  PRO A CD  1 
ATOM   497  N N   . GLY A 1 62  ? -2.302  0.614   -7.170  1.00 26.49  ? 76  GLY A N   1 
ATOM   498  C CA  . GLY A 1 62  ? -1.609  -0.393  -7.955  1.00 27.51  ? 76  GLY A CA  1 
ATOM   499  C C   . GLY A 1 62  ? -2.439  -0.917  -9.094  1.00 27.43  ? 76  GLY A C   1 
ATOM   500  O O   . GLY A 1 62  ? -3.572  -0.484  -9.327  1.00 26.75  ? 76  GLY A O   1 
ATOM   501  N N   . GLY A 1 63  ? -1.860  -1.871  -9.808  1.00 28.14  ? 77  GLY A N   1 
ATOM   502  C CA  . GLY A 1 63  ? -2.489  -2.453  -10.955 1.00 27.33  ? 77  GLY A CA  1 
ATOM   503  C C   . GLY A 1 63  ? -1.563  -3.298  -11.809 1.00 26.74  ? 77  GLY A C   1 
ATOM   504  O O   . GLY A 1 63  ? -0.430  -3.602  -11.436 1.00 25.76  ? 77  GLY A O   1 
ATOM   505  N N   . LYS A 1 64  ? -2.061  -3.661  -12.978 1.00 28.72  ? 78  LYS A N   1 
ATOM   506  C CA  . LYS A 1 64  ? -1.372  -4.594  -13.886 1.00 29.33  ? 78  LYS A CA  1 
ATOM   507  C C   . LYS A 1 64  ? -0.210  -3.959  -14.643 1.00 27.63  ? 78  LYS A C   1 
ATOM   508  O O   . LYS A 1 64  ? -0.327  -2.848  -15.159 1.00 27.78  ? 78  LYS A O   1 
ATOM   509  C CB  . LYS A 1 64  ? -2.417  -5.114  -14.866 1.00 31.88  ? 78  LYS A CB  1 
ATOM   510  C CG  . LYS A 1 64  ? -2.004  -6.258  -15.737 1.00 39.41  ? 78  LYS A CG  1 
ATOM   511  C CD  . LYS A 1 64  ? -3.252  -6.927  -16.318 1.00 44.65  ? 78  LYS A CD  1 
ATOM   512  C CE  . LYS A 1 64  ? -2.922  -7.870  -17.468 1.00 50.70  ? 78  LYS A CE  1 
ATOM   513  N NZ  . LYS A 1 64  ? -1.847  -8.842  -17.130 1.00 54.80  ? 78  LYS A NZ  1 
ATOM   514  N N   . ARG A 1 65  ? 0.919   -4.650  -14.716 1.00 27.86  ? 79  ARG A N   1 
ATOM   515  C CA  . ARG A 1 65  ? 2.068   -4.189  -15.495 1.00 29.08  ? 79  ARG A CA  1 
ATOM   516  C C   . ARG A 1 65  ? 1.664   -4.049  -16.964 1.00 31.34  ? 79  ARG A C   1 
ATOM   517  O O   . ARG A 1 65  ? 0.822   -4.803  -17.461 1.00 29.75  ? 79  ARG A O   1 
ATOM   518  C CB  . ARG A 1 65  ? 3.236   -5.144  -15.361 1.00 31.38  ? 79  ARG A CB  1 
ATOM   519  C CG  . ARG A 1 65  ? 4.462   -4.768  -16.177 1.00 34.41  ? 79  ARG A CG  1 
ATOM   520  C CD  . ARG A 1 65  ? 5.736   -5.340  -15.573 1.00 35.02  ? 79  ARG A CD  1 
ATOM   521  N NE  . ARG A 1 65  ? 6.920   -5.042  -16.375 1.00 33.18  ? 79  ARG A NE  1 
ATOM   522  C CZ  . ARG A 1 65  ? 8.171   -5.350  -16.042 1.00 35.33  ? 79  ARG A CZ  1 
ATOM   523  N NH1 . ARG A 1 65  ? 8.454   -5.976  -14.904 1.00 34.33  ? 79  ARG A NH1 1 
ATOM   524  N NH2 . ARG A 1 65  ? 9.166   -5.050  -16.868 1.00 36.64  ? 79  ARG A NH2 1 
ATOM   525  N N   . ASP A 1 66  ? 2.220   -3.032  -17.610 1.00 31.91  ? 80  ASP A N   1 
ATOM   526  C CA  . ASP A 1 66  ? 2.033   -2.858  -19.046 1.00 30.36  ? 80  ASP A CA  1 
ATOM   527  C C   . ASP A 1 66  ? 3.357   -2.705  -19.740 1.00 29.07  ? 80  ASP A C   1 
ATOM   528  O O   . ASP A 1 66  ? 4.410   -2.564  -19.086 1.00 28.87  ? 80  ASP A O   1 
ATOM   529  C CB  . ASP A 1 66  ? 1.007   -1.760  -19.315 1.00 31.13  ? 80  ASP A CB  1 
ATOM   530  C CG  . ASP A 1 66  ? 1.591   -0.364  -19.350 1.00 30.84  ? 80  ASP A CG  1 
ATOM   531  O OD1 . ASP A 1 66  ? 2.826   -0.141  -19.289 1.00 33.57  ? 80  ASP A OD1 1 
ATOM   532  O OD2 . ASP A 1 66  ? 0.752   0.527   -19.509 1.00 34.32  ? 80  ASP A OD2 1 
ATOM   533  N N   . PRO A 1 67  ? 3.346   -2.766  -21.104 1.00 28.78  ? 81  PRO A N   1 
ATOM   534  C CA  . PRO A 1 67  ? 4.622   -2.832  -21.786 1.00 29.52  ? 81  PRO A CA  1 
ATOM   535  C C   . PRO A 1 67  ? 5.481   -1.610  -21.604 1.00 26.44  ? 81  PRO A C   1 
ATOM   536  O O   . PRO A 1 67  ? 6.677   -1.722  -21.726 1.00 28.81  ? 81  PRO A O   1 
ATOM   537  C CB  . PRO A 1 67  ? 4.236   -3.030  -23.279 1.00 31.00  ? 81  PRO A CB  1 
ATOM   538  C CG  . PRO A 1 67  ? 2.855   -3.540  -23.240 1.00 31.00  ? 81  PRO A CG  1 
ATOM   539  C CD  . PRO A 1 67  ? 2.207   -3.003  -22.006 1.00 29.10  ? 81  PRO A CD  1 
ATOM   540  N N   . THR A 1 68  ? 4.898   -0.448  -21.289 1.00 29.23  ? 82  THR A N   1 
ATOM   541  C CA  . THR A 1 68  ? 5.720   0.775   -21.084 1.00 28.79  ? 82  THR A CA  1 
ATOM   542  C C   . THR A 1 68  ? 6.600   0.739   -19.835 1.00 29.45  ? 82  THR A C   1 
ATOM   543  O O   . THR A 1 68  ? 7.634   1.390   -19.777 1.00 28.87  ? 82  THR A O   1 
ATOM   544  C CB  . THR A 1 68  ? 4.872   2.070   -20.971 1.00 31.59  ? 82  THR A CB  1 
ATOM   545  O OG1 . THR A 1 68  ? 4.163   2.121   -19.720 1.00 31.57  ? 82  THR A OG1 1 
ATOM   546  C CG2 . THR A 1 68  ? 3.909   2.158   -22.056 1.00 32.50  ? 82  THR A CG2 1 
ATOM   547  N N   . ASP A 1 69  ? 6.178   -0.025  -18.831 1.00 30.87  ? 83  ASP A N   1 
ATOM   548  C CA  . ASP A 1 69  ? 6.860   -0.025  -17.531 1.00 28.73  ? 83  ASP A CA  1 
ATOM   549  C C   . ASP A 1 69  ? 8.274   -0.559  -17.640 1.00 29.75  ? 83  ASP A C   1 
ATOM   550  O O   . ASP A 1 69  ? 8.485   -1.674  -18.129 1.00 30.59  ? 83  ASP A O   1 
ATOM   551  C CB  . ASP A 1 69  ? 6.051   -0.871  -16.518 1.00 27.08  ? 83  ASP A CB  1 
ATOM   552  C CG  . ASP A 1 69  ? 4.695   -0.308  -16.212 1.00 26.46  ? 83  ASP A CG  1 
ATOM   553  O OD1 . ASP A 1 69  ? 4.566   0.928   -16.180 1.00 27.70  ? 83  ASP A OD1 1 
ATOM   554  O OD2 . ASP A 1 69  ? 3.723   -1.070  -15.940 1.00 26.91  ? 83  ASP A OD2 1 
ATOM   555  N N   . MET A 1 70  ? 9.245   0.226   -17.196 1.00 28.98  ? 84  MET A N   1 
ATOM   556  C CA  . MET A 1 70  ? 10.644  -0.183  -17.149 1.00 32.65  ? 84  MET A CA  1 
ATOM   557  C C   . MET A 1 70  ? 10.890  -1.357  -16.204 1.00 33.51  ? 84  MET A C   1 
ATOM   558  O O   . MET A 1 70  ? 11.777  -2.180  -16.447 1.00 31.89  ? 84  MET A O   1 
ATOM   559  C CB  . MET A 1 70  ? 11.549  0.983   -16.718 1.00 34.57  ? 84  MET A CB  1 
ATOM   560  C CG  . MET A 1 70  ? 11.761  2.074   -17.770 1.00 40.40  ? 84  MET A CG  1 
ATOM   561  S SD  . MET A 1 70  ? 12.692  1.501   -19.205 1.00 43.49  ? 84  MET A SD  1 
ATOM   562  C CE  . MET A 1 70  ? 14.328  1.218   -18.541 1.00 44.84  ? 84  MET A CE  1 
ATOM   563  N N   . ASP A 1 71  ? 10.116  -1.411  -15.124 1.00 29.51  ? 85  ASP A N   1 
ATOM   564  C CA  . ASP A 1 71  ? 10.249  -2.468  -14.109 1.00 29.40  ? 85  ASP A CA  1 
ATOM   565  C C   . ASP A 1 71  ? 8.981   -2.501  -13.243 1.00 28.75  ? 85  ASP A C   1 
ATOM   566  O O   . ASP A 1 71  ? 8.025   -1.723  -13.467 1.00 25.14  ? 85  ASP A O   1 
ATOM   567  C CB  . ASP A 1 71  ? 11.550  -2.285  -13.295 1.00 31.15  ? 85  ASP A CB  1 
ATOM   568  C CG  . ASP A 1 71  ? 11.642  -0.938  -12.577 1.00 33.22  ? 85  ASP A CG  1 
ATOM   569  O OD1 . ASP A 1 71  ? 10.616  -0.268  -12.368 1.00 32.44  ? 85  ASP A OD1 1 
ATOM   570  O OD2 . ASP A 1 71  ? 12.769  -0.560  -12.198 1.00 37.55  ? 85  ASP A OD2 1 
ATOM   571  N N   . ASP A 1 72  ? 8.934   -3.413  -12.271 1.00 27.01  ? 86  ASP A N   1 
ATOM   572  C CA  . ASP A 1 72  ? 7.738   -3.567  -11.454 1.00 26.44  ? 86  ASP A CA  1 
ATOM   573  C C   . ASP A 1 72  ? 7.441   -2.334  -10.591 1.00 23.49  ? 86  ASP A C   1 
ATOM   574  O O   . ASP A 1 72  ? 6.283   -2.040  -10.361 1.00 24.65  ? 86  ASP A O   1 
ATOM   575  C CB  . ASP A 1 72  ? 7.829   -4.845  -10.585 1.00 28.75  ? 86  ASP A CB  1 
ATOM   576  C CG  . ASP A 1 72  ? 7.721   -6.127  -11.427 1.00 30.05  ? 86  ASP A CG  1 
ATOM   577  O OD1 . ASP A 1 72  ? 6.965   -6.122  -12.431 1.00 27.93  ? 86  ASP A OD1 1 
ATOM   578  O OD2 . ASP A 1 72  ? 8.375   -7.129  -11.061 1.00 30.62  ? 86  ASP A OD2 1 
ATOM   579  N N   . ALA A 1 73  ? 8.475   -1.648  -10.132 1.00 24.45  ? 87  ALA A N   1 
ATOM   580  C CA  . ALA A 1 73  ? 8.293   -0.395  -9.352  1.00 25.53  ? 87  ALA A CA  1 
ATOM   581  C C   . ALA A 1 73  ? 7.619   0.664   -10.216 1.00 25.33  ? 87  ALA A C   1 
ATOM   582  O O   . ALA A 1 73  ? 6.714   1.364   -9.765  1.00 24.21  ? 87  ALA A O   1 
ATOM   583  C CB  . ALA A 1 73  ? 9.622   0.107   -8.826  1.00 26.71  ? 87  ALA A CB  1 
ATOM   584  N N   . ALA A 1 74  ? 8.036   0.751   -11.482 1.00 25.88  ? 88  ALA A N   1 
ATOM   585  C CA  . ALA A 1 74  ? 7.383   1.651   -12.436 1.00 27.02  ? 88  ALA A CA  1 
ATOM   586  C C   . ALA A 1 74  ? 5.892   1.420   -12.546 1.00 25.56  ? 88  ALA A C   1 
ATOM   587  O O   . ALA A 1 74  ? 5.124   2.375   -12.607 1.00 24.06  ? 88  ALA A O   1 
ATOM   588  C CB  . ALA A 1 74  ? 8.051   1.586   -13.820 1.00 28.47  ? 88  ALA A CB  1 
ATOM   589  N N   . THR A 1 75  ? 5.453   0.157   -12.581 1.00 23.84  ? 89  THR A N   1 
ATOM   590  C CA  . THR A 1 75  ? 4.028   -0.158  -12.580 1.00 23.85  ? 89  THR A CA  1 
ATOM   591  C C   . THR A 1 75  ? 3.270   0.490   -11.419 1.00 23.92  ? 89  THR A C   1 
ATOM   592  O O   . THR A 1 75  ? 2.201   1.121   -11.600 1.00 22.83  ? 89  THR A O   1 
ATOM   593  C CB  . THR A 1 75  ? 3.813   -1.692  -12.523 1.00 25.52  ? 89  THR A CB  1 
ATOM   594  O OG1 . THR A 1 75  ? 4.512   -2.335  -13.613 1.00 24.15  ? 89  THR A OG1 1 
ATOM   595  C CG2 . THR A 1 75  ? 2.359   -2.057  -12.557 1.00 24.84  ? 89  THR A CG2 1 
ATOM   596  N N   . ALA A 1 76  ? 3.814   0.276   -10.221 1.00 22.80  ? 90  ALA A N   1 
ATOM   597  C CA  . ALA A 1 76  ? 3.212   0.798   -8.997  1.00 23.68  ? 90  ALA A CA  1 
ATOM   598  C C   . ALA A 1 76  ? 3.102   2.350   -9.053  1.00 21.39  ? 90  ALA A C   1 
ATOM   599  O O   . ALA A 1 76  ? 2.054   2.895   -8.711  1.00 23.88  ? 90  ALA A O   1 
ATOM   600  C CB  . ALA A 1 76  ? 4.008   0.340   -7.766  1.00 24.07  ? 90  ALA A CB  1 
ATOM   601  N N   . LEU A 1 77  ? 4.150   3.010   -9.525  1.00 23.36  ? 91  LEU A N   1 
ATOM   602  C CA  . LEU A 1 77  ? 4.186   4.467   -9.574  1.00 26.15  ? 91  LEU A CA  1 
ATOM   603  C C   . LEU A 1 77  ? 3.223   4.995   -10.637 1.00 26.60  ? 91  LEU A C   1 
ATOM   604  O O   . LEU A 1 77  ? 2.493   5.940   -10.376 1.00 24.40  ? 91  LEU A O   1 
ATOM   605  C CB  . LEU A 1 77  ? 5.593   5.001   -9.841  1.00 27.40  ? 91  LEU A CB  1 
ATOM   606  C CG  . LEU A 1 77  ? 6.663   4.670   -8.781  1.00 30.93  ? 91  LEU A CG  1 
ATOM   607  C CD1 . LEU A 1 77  ? 7.967   5.358   -9.133  1.00 33.10  ? 91  LEU A CD1 1 
ATOM   608  C CD2 . LEU A 1 77  ? 6.214   5.017   -7.375  1.00 32.96  ? 91  LEU A CD2 1 
ATOM   609  N N   . ARG A 1 78  ? 3.184   4.346   -11.806 1.00 24.98  ? 92  ARG A N   1 
ATOM   610  C CA  . ARG A 1 78  ? 2.221   4.723   -12.870 1.00 24.87  ? 92  ARG A CA  1 
ATOM   611  C C   . ARG A 1 78  ? 0.802   4.651   -12.391 1.00 25.63  ? 92  ARG A C   1 
ATOM   612  O O   . ARG A 1 78  ? -0.010  5.597   -12.591 1.00 26.18  ? 92  ARG A O   1 
ATOM   613  C CB  . ARG A 1 78  ? 2.414   3.858   -14.147 1.00 25.64  ? 92  ARG A CB  1 
ATOM   614  C CG  . ARG A 1 78  ? 1.467   4.232   -15.295 1.00 28.73  ? 92  ARG A CG  1 
ATOM   615  C CD  . ARG A 1 78  ? 1.772   3.455   -16.587 1.00 28.38  ? 92  ARG A CD  1 
ATOM   616  N NE  . ARG A 1 78  ? 1.873   2.014   -16.312 1.00 27.88  ? 92  ARG A NE  1 
ATOM   617  C CZ  . ARG A 1 78  ? 0.851   1.215   -16.013 1.00 28.01  ? 92  ARG A CZ  1 
ATOM   618  N NH1 . ARG A 1 78  ? -0.398  1.652   -15.993 1.00 30.07  ? 92  ARG A NH1 1 
ATOM   619  N NH2 . ARG A 1 78  ? 1.086   -0.073  -15.740 1.00 30.16  ? 92  ARG A NH2 1 
ATOM   620  N N   . GLU A 1 79  ? 0.459   3.540   -11.743 1.00 25.42  ? 93  GLU A N   1 
ATOM   621  C CA  . GLU A 1 79  ? -0.900  3.337   -11.292 1.00 25.54  ? 93  GLU A CA  1 
ATOM   622  C C   . GLU A 1 79  ? -1.237  4.293   -10.155 1.00 25.92  ? 93  GLU A C   1 
ATOM   623  O O   . GLU A 1 79  ? -2.354  4.811   -10.129 1.00 25.21  ? 93  GLU A O   1 
ATOM   624  C CB  . GLU A 1 79  ? -1.169  1.865   -10.897 1.00 27.93  ? 93  GLU A CB  1 
ATOM   625  C CG  . GLU A 1 79  ? -1.060  0.876   -12.069 1.00 30.36  ? 93  GLU A CG  1 
ATOM   626  C CD  . GLU A 1 79  ? -2.301  0.752   -12.965 1.00 33.51  ? 93  GLU A CD  1 
ATOM   627  O OE1 . GLU A 1 79  ? -3.405  1.090   -12.572 1.00 38.59  ? 93  GLU A OE1 1 
ATOM   628  O OE2 . GLU A 1 79  ? -2.166  0.232   -14.084 1.00 42.40  ? 93  GLU A OE2 1 
ATOM   629  N N   . ALA A 1 80  ? -0.289  4.551   -9.245  1.00 24.62  ? 94  ALA A N   1 
ATOM   630  C CA  . ALA A 1 80  ? -0.522  5.547   -8.182  1.00 25.74  ? 94  ALA A CA  1 
ATOM   631  C C   . ALA A 1 80  ? -0.834  6.940   -8.785  1.00 27.75  ? 94  ALA A C   1 
ATOM   632  O O   . ALA A 1 80  ? -1.761  7.633   -8.321  1.00 29.06  ? 94  ALA A O   1 
ATOM   633  C CB  . ALA A 1 80  ? 0.658   5.636   -7.233  1.00 26.89  ? 94  ALA A CB  1 
ATOM   634  N N   . GLN A 1 81  ? -0.083  7.329   -9.808  1.00 25.22  ? 95  GLN A N   1 
ATOM   635  C CA  . GLN A 1 81  ? -0.337  8.629   -10.478 1.00 27.76  ? 95  GLN A CA  1 
ATOM   636  C C   . GLN A 1 81  ? -1.749  8.685   -11.076 1.00 28.21  ? 95  GLN A C   1 
ATOM   637  O O   . GLN A 1 81  ? -2.508  9.648   -10.821 1.00 26.23  ? 95  GLN A O   1 
ATOM   638  C CB  . GLN A 1 81  ? 0.728   8.956   -11.529 1.00 29.95  ? 95  GLN A CB  1 
ATOM   639  C CG  . GLN A 1 81  ? 0.607   10.412  -12.018 1.00 32.72  ? 95  GLN A CG  1 
ATOM   640  C CD  . GLN A 1 81  ? 1.782   10.919  -12.838 1.00 36.23  ? 95  GLN A CD  1 
ATOM   641  O OE1 . GLN A 1 81  ? 2.855   10.340  -12.860 1.00 40.18  ? 95  GLN A OE1 1 
ATOM   642  N NE2 . GLN A 1 81  ? 1.561   12.028  -13.536 1.00 44.35  ? 95  GLN A NE2 1 
ATOM   643  N N   A GLU A 1 82  ? -2.135  7.649   -11.811 0.60 28.18  ? 96  GLU A N   1 
ATOM   644  N N   B GLU A 1 82  ? -2.108  7.642   -11.834 0.40 26.57  ? 96  GLU A N   1 
ATOM   645  C CA  A GLU A 1 82  ? -3.462  7.623   -12.437 0.60 29.91  ? 96  GLU A CA  1 
ATOM   646  C CA  B GLU A 1 82  ? -3.439  7.509   -12.464 0.40 26.92  ? 96  GLU A CA  1 
ATOM   647  C C   A GLU A 1 82  ? -4.589  7.644   -11.418 0.60 28.72  ? 96  GLU A C   1 
ATOM   648  C C   B GLU A 1 82  ? -4.589  7.571   -11.462 0.40 26.79  ? 96  GLU A C   1 
ATOM   649  O O   A GLU A 1 82  ? -5.609  8.325   -11.619 0.60 30.25  ? 96  GLU A O   1 
ATOM   650  O O   B GLU A 1 82  ? -5.627  8.185   -11.734 0.40 28.51  ? 96  GLU A O   1 
ATOM   651  C CB  A GLU A 1 82  ? -3.613  6.399   -13.369 0.60 32.74  ? 96  GLU A CB  1 
ATOM   652  C CB  B GLU A 1 82  ? -3.548  6.183   -13.284 0.40 26.64  ? 96  GLU A CB  1 
ATOM   653  C CG  A GLU A 1 82  ? -4.819  6.457   -14.292 0.60 35.38  ? 96  GLU A CG  1 
ATOM   654  C CG  B GLU A 1 82  ? -2.681  6.112   -14.540 0.40 26.33  ? 96  GLU A CG  1 
ATOM   655  C CD  A GLU A 1 82  ? -4.780  7.630   -15.268 0.60 36.94  ? 96  GLU A CD  1 
ATOM   656  C CD  B GLU A 1 82  ? -2.708  4.741   -15.245 0.40 26.65  ? 96  GLU A CD  1 
ATOM   657  O OE1 A GLU A 1 82  ? -3.676  8.081   -15.648 0.60 38.96  ? 96  GLU A OE1 1 
ATOM   658  O OE1 B GLU A 1 82  ? -3.589  3.910   -14.930 0.40 27.16  ? 96  GLU A OE1 1 
ATOM   659  O OE2 A GLU A 1 82  ? -5.867  8.105   -15.652 0.60 40.56  ? 96  GLU A OE2 1 
ATOM   660  O OE2 B GLU A 1 82  ? -1.840  4.485   -16.121 0.40 25.76  ? 96  GLU A OE2 1 
ATOM   661  N N   . GLU A 1 83  ? -4.409  6.941   -10.300 1.00 25.57  ? 97  GLU A N   1 
ATOM   662  C CA  . GLU A 1 83  ? -5.473  6.786   -9.328  1.00 26.24  ? 97  GLU A CA  1 
ATOM   663  C C   . GLU A 1 83  ? -5.620  7.980   -8.384  1.00 26.82  ? 97  GLU A C   1 
ATOM   664  O O   . GLU A 1 83  ? -6.752  8.358   -8.076  1.00 27.99  ? 97  GLU A O   1 
ATOM   665  C CB  . GLU A 1 83  ? -5.280  5.486   -8.528  1.00 27.79  ? 97  GLU A CB  1 
ATOM   666  C CG  . GLU A 1 83  ? -5.444  4.227   -9.401  1.00 30.27  ? 97  GLU A CG  1 
ATOM   667  C CD  . GLU A 1 83  ? -4.849  2.962   -8.797  1.00 36.12  ? 97  GLU A CD  1 
ATOM   668  O OE1 . GLU A 1 83  ? -4.434  3.002   -7.643  1.00 43.23  ? 97  GLU A OE1 1 
ATOM   669  O OE2 . GLU A 1 83  ? -4.806  1.919   -9.486  1.00 39.18  ? 97  GLU A OE2 1 
ATOM   670  N N   . VAL A 1 84  ? -4.505  8.519   -7.888  1.00 25.69  ? 98  VAL A N   1 
ATOM   671  C CA  . VAL A 1 84  ? -4.543  9.552   -6.818  1.00 26.32  ? 98  VAL A CA  1 
ATOM   672  C C   . VAL A 1 84  ? -3.716  10.806  -7.076  1.00 27.81  ? 98  VAL A C   1 
ATOM   673  O O   . VAL A 1 84  ? -3.645  11.703  -6.202  1.00 29.73  ? 98  VAL A O   1 
ATOM   674  C CB  . VAL A 1 84  ? -4.173  8.969   -5.435  1.00 26.79  ? 98  VAL A CB  1 
ATOM   675  C CG1 . VAL A 1 84  ? -5.024  7.766   -5.107  1.00 27.86  ? 98  VAL A CG1 1 
ATOM   676  C CG2 . VAL A 1 84  ? -2.706  8.599   -5.347  1.00 26.03  ? 98  VAL A CG2 1 
ATOM   677  N N   . GLY A 1 85  ? -3.104  10.885  -8.253  1.00 26.56  ? 99  GLY A N   1 
ATOM   678  C CA  . GLY A 1 85  ? -2.318  12.045  -8.677  1.00 27.63  ? 99  GLY A CA  1 
ATOM   679  C C   . GLY A 1 85  ? -0.911  12.132  -8.141  1.00 30.48  ? 99  GLY A C   1 
ATOM   680  O O   . GLY A 1 85  ? -0.231  13.180  -8.305  1.00 29.10  ? 99  GLY A O   1 
ATOM   681  N N   . LEU A 1 86  ? -0.443  11.045  -7.504  1.00 27.95  ? 100 LEU A N   1 
ATOM   682  C CA  . LEU A 1 86  ? 0.928   11.000  -6.995  1.00 27.73  ? 100 LEU A CA  1 
ATOM   683  C C   . LEU A 1 86  ? 1.962   11.017  -8.117  1.00 31.08  ? 100 LEU A C   1 
ATOM   684  O O   . LEU A 1 86  ? 2.055   10.079  -8.911  1.00 31.52  ? 100 LEU A O   1 
ATOM   685  C CB  . LEU A 1 86  ? 1.097   9.744   -6.113  1.00 28.56  ? 100 LEU A CB  1 
ATOM   686  C CG  . LEU A 1 86  ? 2.462   9.596   -5.438  1.00 26.74  ? 100 LEU A CG  1 
ATOM   687  C CD1 . LEU A 1 86  ? 2.620   10.636  -4.309  1.00 26.80  ? 100 LEU A CD1 1 
ATOM   688  C CD2 . LEU A 1 86  ? 2.614   8.165   -4.920  1.00 29.39  ? 100 LEU A CD2 1 
ATOM   689  N N   . ARG A 1 87  ? 2.782   12.055  -8.167  1.00 29.91  ? 101 ARG A N   1 
ATOM   690  C CA  . ARG A 1 87  ? 3.798   12.205  -9.194  1.00 31.57  ? 101 ARG A CA  1 
ATOM   691  C C   . ARG A 1 87  ? 5.129   11.590  -8.742  1.00 33.80  ? 101 ARG A C   1 
ATOM   692  O O   . ARG A 1 87  ? 5.406   11.517  -7.538  1.00 29.46  ? 101 ARG A O   1 
ATOM   693  C CB  . ARG A 1 87  ? 3.952   13.687  -9.577  1.00 36.44  ? 101 ARG A CB  1 
ATOM   694  C CG  . ARG A 1 87  ? 2.701   14.222  -10.272 1.00 40.36  ? 101 ARG A CG  1 
ATOM   695  C CD  . ARG A 1 87  ? 2.573   15.730  -10.180 1.00 46.12  ? 101 ARG A CD  1 
ATOM   696  N NE  . ARG A 1 87  ? 3.594   16.426  -10.968 1.00 50.06  ? 101 ARG A NE  1 
ATOM   697  C CZ  . ARG A 1 87  ? 3.828   17.746  -10.930 1.00 54.22  ? 101 ARG A CZ  1 
ATOM   698  N NH1 . ARG A 1 87  ? 3.118   18.552  -10.131 1.00 53.60  ? 101 ARG A NH1 1 
ATOM   699  N NH2 . ARG A 1 87  ? 4.794   18.266  -11.692 1.00 52.83  ? 101 ARG A NH2 1 
HETATM 700  N N   . HYP A 1 88  ? 5.967   11.151  -9.695  1.00 38.50  ? 102 HYP A N   1 
HETATM 701  C CA  . HYP A 1 88  ? 7.185   10.458  -9.269  1.00 39.14  ? 102 HYP A CA  1 
HETATM 702  C C   . HYP A 1 88  ? 8.151   11.207  -8.395  1.00 36.55  ? 102 HYP A C   1 
HETATM 703  O O   . HYP A 1 88  ? 8.768   10.575  -7.540  1.00 36.75  ? 102 HYP A O   1 
HETATM 704  C CB  . HYP A 1 88  ? 7.809   9.896   -10.547 1.00 43.64  ? 102 HYP A CB  1 
HETATM 705  C CG  . HYP A 1 88  ? 6.641   9.843   -11.522 1.00 46.36  ? 102 HYP A CG  1 
HETATM 706  C CD  . HYP A 1 88  ? 5.768   11.031  -11.147 1.00 43.40  ? 102 HYP A CD  1 
HETATM 707  O OD1 . HYP A 1 88  ? 5.850   8.652   -11.309 1.00 58.42  ? 102 HYP A OD1 1 
ATOM   708  N N   . HIS A 1 89  ? 8.241   12.540  -8.524  1.00 31.67  ? 103 HIS A N   1 
ATOM   709  C CA  . HIS A 1 89  ? 9.071   13.338  -7.625  1.00 31.63  ? 103 HIS A CA  1 
ATOM   710  C C   . HIS A 1 89  ? 8.539   13.376  -6.176  1.00 28.21  ? 103 HIS A C   1 
ATOM   711  O O   . HIS A 1 89  ? 9.260   13.794  -5.277  1.00 29.51  ? 103 HIS A O   1 
ATOM   712  C CB  . HIS A 1 89  ? 9.302   14.782  -8.161  1.00 32.97  ? 103 HIS A CB  1 
ATOM   713  C CG  . HIS A 1 89  ? 8.091   15.671  -8.117  1.00 31.47  ? 103 HIS A CG  1 
ATOM   714  N ND1 . HIS A 1 89  ? 7.872   16.585  -7.104  1.00 32.85  ? 103 HIS A ND1 1 
ATOM   715  C CD2 . HIS A 1 89  ? 7.048   15.799  -8.967  1.00 30.06  ? 103 HIS A CD2 1 
ATOM   716  C CE1 . HIS A 1 89  ? 6.740   17.223  -7.335  1.00 29.80  ? 103 HIS A CE1 1 
ATOM   717  N NE2 . HIS A 1 89  ? 6.225   16.768  -8.463  1.00 31.97  ? 103 HIS A NE2 1 
ATOM   718  N N   . GLN A 1 90  ? 7.296   12.952  -5.969  1.00 27.44  ? 104 GLN A N   1 
ATOM   719  C CA  . GLN A 1 90  ? 6.643   12.987  -4.663  1.00 27.56  ? 104 GLN A CA  1 
ATOM   720  C C   . GLN A 1 90  ? 6.746   11.684  -3.886  1.00 28.52  ? 104 GLN A C   1 
ATOM   721  O O   . GLN A 1 90  ? 6.189   11.592  -2.796  1.00 28.17  ? 104 GLN A O   1 
ATOM   722  C CB  . GLN A 1 90  ? 5.176   13.386  -4.838  1.00 28.83  ? 104 GLN A CB  1 
ATOM   723  C CG  . GLN A 1 90  ? 5.003   14.734  -5.527  1.00 30.94  ? 104 GLN A CG  1 
ATOM   724  C CD  . GLN A 1 90  ? 3.559   15.168  -5.615  1.00 31.05  ? 104 GLN A CD  1 
ATOM   725  O OE1 . GLN A 1 90  ? 3.160   16.231  -5.076  1.00 33.72  ? 104 GLN A OE1 1 
ATOM   726  N NE2 . GLN A 1 90  ? 2.762   14.377  -6.281  1.00 24.45  ? 104 GLN A NE2 1 
ATOM   727  N N   . VAL A 1 91  ? 7.498   10.707  -4.409  1.00 28.04  ? 105 VAL A N   1 
ATOM   728  C CA  . VAL A 1 91  ? 7.632   9.413   -3.760  1.00 28.54  ? 105 VAL A CA  1 
ATOM   729  C C   . VAL A 1 91  ? 9.076   8.861   -3.848  1.00 28.91  ? 105 VAL A C   1 
ATOM   730  O O   . VAL A 1 91  ? 9.727   8.944   -4.899  1.00 28.36  ? 105 VAL A O   1 
ATOM   731  C CB  . VAL A 1 91  ? 6.595   8.417   -4.319  1.00 30.96  ? 105 VAL A CB  1 
ATOM   732  C CG1 . VAL A 1 91  ? 6.613   8.381   -5.829  1.00 33.59  ? 105 VAL A CG1 1 
ATOM   733  C CG2 . VAL A 1 91  ? 6.823   7.021   -3.751  1.00 31.77  ? 105 VAL A CG2 1 
ATOM   734  N N   . GLU A 1 92  ? 9.576   8.328   -2.737  1.00 26.25  ? 106 GLU A N   1 
ATOM   735  C CA  . GLU A 1 92  ? 10.850  7.630   -2.705  1.00 28.86  ? 106 GLU A CA  1 
ATOM   736  C C   . GLU A 1 92  ? 10.539  6.156   -2.448  1.00 26.31  ? 106 GLU A C   1 
ATOM   737  O O   . GLU A 1 92  ? 10.049  5.823   -1.365  1.00 26.29  ? 106 GLU A O   1 
ATOM   738  C CB  . GLU A 1 92  ? 11.755  8.175   -1.609  1.00 32.37  ? 106 GLU A CB  1 
ATOM   739  C CG  . GLU A 1 92  ? 13.158  7.559   -1.642  1.00 36.82  ? 106 GLU A CG  1 
ATOM   740  C CD  . GLU A 1 92  ? 14.011  7.895   -0.437  1.00 40.35  ? 106 GLU A CD  1 
ATOM   741  O OE1 . GLU A 1 92  ? 13.592  8.702   0.423   1.00 42.84  ? 106 GLU A OE1 1 
ATOM   742  O OE2 . GLU A 1 92  ? 15.111  7.309   -0.344  1.00 46.60  ? 106 GLU A OE2 1 
ATOM   743  N N   . VAL A 1 93  ? 10.795  5.315   -3.444  1.00 26.38  ? 107 VAL A N   1 
ATOM   744  C CA  . VAL A 1 93  ? 10.611  3.861   -3.314  1.00 28.45  ? 107 VAL A CA  1 
ATOM   745  C C   . VAL A 1 93  ? 11.801  3.355   -2.519  1.00 28.82  ? 107 VAL A C   1 
ATOM   746  O O   . VAL A 1 93  ? 12.934  3.499   -2.948  1.00 29.20  ? 107 VAL A O   1 
ATOM   747  C CB  . VAL A 1 93  ? 10.512  3.153   -4.673  1.00 30.13  ? 107 VAL A CB  1 
ATOM   748  C CG1 . VAL A 1 93  ? 10.430  1.626   -4.490  1.00 32.01  ? 107 VAL A CG1 1 
ATOM   749  C CG2 . VAL A 1 93  ? 9.294   3.658   -5.417  1.00 29.75  ? 107 VAL A CG2 1 
ATOM   750  N N   A VAL A 1 94  ? 11.497  2.769   -1.366  0.70 30.50  ? 108 VAL A N   1 
ATOM   751  N N   B VAL A 1 94  ? 11.563  2.771   -1.354  0.30 27.53  ? 108 VAL A N   1 
ATOM   752  C CA  A VAL A 1 94  ? 12.478  2.376   -0.368  0.70 30.71  ? 108 VAL A CA  1 
ATOM   753  C CA  B VAL A 1 94  ? 12.674  2.347   -0.502  0.30 26.36  ? 108 VAL A CA  1 
ATOM   754  C C   A VAL A 1 94  ? 12.838  0.904   -0.547  0.70 31.71  ? 108 VAL A C   1 
ATOM   755  C C   B VAL A 1 94  ? 12.829  0.846   -0.351  0.30 27.83  ? 108 VAL A C   1 
ATOM   756  O O   A VAL A 1 94  ? 14.013  0.550   -0.510  0.70 33.48  ? 108 VAL A O   1 
ATOM   757  O O   B VAL A 1 94  ? 13.854  0.408   0.173   0.30 27.92  ? 108 VAL A O   1 
ATOM   758  C CB  A VAL A 1 94  ? 11.911  2.567   1.057   0.70 32.31  ? 108 VAL A CB  1 
ATOM   759  C CB  B VAL A 1 94  ? 12.577  2.974   0.884   0.30 24.93  ? 108 VAL A CB  1 
ATOM   760  C CG1 A VAL A 1 94  ? 12.971  2.239   2.104   0.70 34.43  ? 108 VAL A CG1 1 
ATOM   761  C CG1 B VAL A 1 94  ? 12.877  4.460   0.784   0.30 24.73  ? 108 VAL A CG1 1 
ATOM   762  C CG2 A VAL A 1 94  ? 11.380  3.982   1.249   0.70 34.48  ? 108 VAL A CG2 1 
ATOM   763  C CG2 B VAL A 1 94  ? 11.209  2.699   1.496   0.30 24.38  ? 108 VAL A CG2 1 
HETATM 764  N N   . CSO A 1 95  ? 11.824  0.065   -0.749  1.00 27.85  ? 109 CSO A N   1 
HETATM 765  C CA  . CSO A 1 95  ? 12.021  -1.376  -0.895  1.00 30.39  ? 109 CSO A CA  1 
HETATM 766  C CB  . CSO A 1 95  ? 12.301  -1.961  0.456   1.00 34.13  ? 109 CSO A CB  1 
HETATM 767  S SG  . CSO A 1 95  ? 10.860  -1.900  1.398   1.00 36.57  ? 109 CSO A SG  1 
HETATM 768  C C   . CSO A 1 95  ? 10.888  -2.131  -1.535  1.00 30.05  ? 109 CSO A C   1 
HETATM 769  O O   . CSO A 1 95  ? 9.774   -1.631  -1.726  1.00 27.69  ? 109 CSO A O   1 
HETATM 770  O OD  . CSO A 1 95  ? 11.110  -3.566  1.659   1.00 35.19  ? 109 CSO A OD  1 
ATOM   771  N N   . CYS A 1 96  ? 11.206  -3.364  -1.899  1.00 29.13  ? 110 CYS A N   1 
ATOM   772  C CA  . CYS A 1 96  ? 10.295  -4.291  -2.475  1.00 29.77  ? 110 CYS A CA  1 
ATOM   773  C C   . CYS A 1 96  ? 10.101  -5.427  -1.469  1.00 30.47  ? 110 CYS A C   1 
ATOM   774  O O   . CYS A 1 96  ? 11.061  -6.095  -1.119  1.00 32.33  ? 110 CYS A O   1 
ATOM   775  C CB  . CYS A 1 96  ? 10.948  -4.794  -3.755  1.00 36.65  ? 110 CYS A CB  1 
ATOM   776  S SG  . CYS A 1 96  ? 10.004  -6.020  -4.601  1.00 42.33  ? 110 CYS A SG  1 
ATOM   777  N N   . LEU A 1 97  ? 8.881   -5.615  -0.989  1.00 30.65  ? 111 LEU A N   1 
ATOM   778  C CA  . LEU A 1 97  ? 8.604   -6.624  0.012   1.00 32.22  ? 111 LEU A CA  1 
ATOM   779  C C   . LEU A 1 97  ? 8.264   -7.952  -0.660  1.00 35.25  ? 111 LEU A C   1 
ATOM   780  O O   . LEU A 1 97  ? 8.232   -8.058  -1.914  1.00 29.68  ? 111 LEU A O   1 
ATOM   781  C CB  . LEU A 1 97  ? 7.485   -6.180  0.953   1.00 31.71  ? 111 LEU A CB  1 
ATOM   782  C CG  . LEU A 1 97  ? 7.851   -5.027  1.881   1.00 34.87  ? 111 LEU A CG  1 
ATOM   783  C CD1 . LEU A 1 97  ? 6.649   -4.612  2.693   1.00 37.94  ? 111 LEU A CD1 1 
ATOM   784  C CD2 . LEU A 1 97  ? 9.000   -5.381  2.795   1.00 35.72  ? 111 LEU A CD2 1 
ATOM   785  N N   . VAL A 1 98  ? 8.061   -8.972  0.181   1.00 37.59  ? 112 VAL A N   1 
ATOM   786  C CA  . VAL A 1 98  ? 7.705   -10.311 -0.310  1.00 37.90  ? 112 VAL A CA  1 
ATOM   787  C C   . VAL A 1 98  ? 6.553   -10.291 -1.300  1.00 32.06  ? 112 VAL A C   1 
ATOM   788  O O   . VAL A 1 98  ? 5.468   -9.813  -0.996  1.00 31.73  ? 112 VAL A O   1 
ATOM   789  C CB  . VAL A 1 98  ? 7.384   -11.345 0.825   1.00 42.79  ? 112 VAL A CB  1 
ATOM   790  C CG1 . VAL A 1 98  ? 8.666   -11.766 1.521   1.00 44.69  ? 112 VAL A CG1 1 
ATOM   791  C CG2 . VAL A 1 98  ? 6.345   -10.825 1.819   1.00 44.18  ? 112 VAL A CG2 1 
ATOM   792  N N   . PRO A 1 99  ? 6.772   -10.850 -2.499  1.00 31.51  ? 113 PRO A N   1 
ATOM   793  C CA  . PRO A 1 99  ? 5.647   -10.903 -3.419  1.00 31.58  ? 113 PRO A CA  1 
ATOM   794  C C   . PRO A 1 99  ? 4.566   -11.887 -2.996  1.00 32.16  ? 113 PRO A C   1 
ATOM   795  O O   . PRO A 1 99  ? 4.851   -12.862 -2.257  1.00 31.64  ? 113 PRO A O   1 
ATOM   796  C CB  . PRO A 1 99  ? 6.297   -11.308 -4.747  1.00 33.77  ? 113 PRO A CB  1 
ATOM   797  C CG  . PRO A 1 99  ? 7.549   -11.999 -4.376  1.00 36.81  ? 113 PRO A CG  1 
ATOM   798  C CD  . PRO A 1 99  ? 8.021   -11.259 -3.144  1.00 33.70  ? 113 PRO A CD  1 
ATOM   799  N N   A CYS A 1 100 ? 3.347   -11.642 -3.462  0.70 29.29  ? 114 CYS A N   1 
ATOM   800  N N   B CYS A 1 100 ? 3.341   -11.609 -3.438  0.30 31.04  ? 114 CYS A N   1 
ATOM   801  C CA  A CYS A 1 100 ? 2.171   -12.454 -3.140  0.70 30.48  ? 114 CYS A CA  1 
ATOM   802  C CA  B CYS A 1 100 ? 2.157   -12.427 -3.179  0.30 31.67  ? 114 CYS A CA  1 
ATOM   803  C C   A CYS A 1 100 ? 1.698   -13.271 -4.350  0.70 32.01  ? 114 CYS A C   1 
ATOM   804  C C   B CYS A 1 100 ? 1.896   -13.304 -4.401  0.30 31.95  ? 114 CYS A C   1 
ATOM   805  O O   A CYS A 1 100 ? 1.382   -12.709 -5.402  0.70 27.62  ? 114 CYS A O   1 
ATOM   806  O O   B CYS A 1 100 ? 1.974   -12.820 -5.532  0.30 29.51  ? 114 CYS A O   1 
ATOM   807  C CB  A CYS A 1 100 ? 1.062   -11.540 -2.652  0.70 31.63  ? 114 CYS A CB  1 
ATOM   808  C CB  B CYS A 1 100 ? 0.959   -11.507 -2.943  0.30 32.41  ? 114 CYS A CB  1 
ATOM   809  S SG  A CYS A 1 100 ? 1.573   -10.551 -1.211  0.70 35.92  ? 114 CYS A SG  1 
ATOM   810  S SG  B CYS A 1 100 ? -0.593  -12.303 -2.464  0.30 36.04  ? 114 CYS A SG  1 
ATOM   811  N N   . LEU A 1 101 ? 1.632   -14.593 -4.177  1.00 31.36  ? 115 LEU A N   1 
ATOM   812  C CA  . LEU A 1 101 ? 1.226   -15.520 -5.255  1.00 31.94  ? 115 LEU A CA  1 
ATOM   813  C C   . LEU A 1 101 ? -0.274  -15.673 -5.201  1.00 31.93  ? 115 LEU A C   1 
ATOM   814  O O   . LEU A 1 101 ? -0.811  -15.954 -4.130  1.00 32.66  ? 115 LEU A O   1 
ATOM   815  C CB  . LEU A 1 101 ? 1.881   -16.893 -5.051  1.00 32.74  ? 115 LEU A CB  1 
ATOM   816  C CG  . LEU A 1 101 ? 3.404   -16.957 -4.981  1.00 34.97  ? 115 LEU A CG  1 
ATOM   817  C CD1 . LEU A 1 101 ? 3.925   -18.340 -4.593  1.00 36.96  ? 115 LEU A CD1 1 
ATOM   818  C CD2 . LEU A 1 101 ? 3.997   -16.525 -6.319  1.00 39.56  ? 115 LEU A CD2 1 
ATOM   819  N N   . ILE A 1 102 ? -0.957  -15.498 -6.342  1.00 34.08  ? 116 ILE A N   1 
ATOM   820  C CA  . ILE A 1 102 ? -2.425  -15.652 -6.427  1.00 35.88  ? 116 ILE A CA  1 
ATOM   821  C C   . ILE A 1 102 ? -2.831  -16.441 -7.647  1.00 33.63  ? 116 ILE A C   1 
ATOM   822  O O   . ILE A 1 102 ? -2.248  -16.251 -8.710  1.00 33.11  ? 116 ILE A O   1 
ATOM   823  C CB  . ILE A 1 102 ? -3.215  -14.312 -6.637  1.00 44.55  ? 116 ILE A CB  1 
ATOM   824  C CG1 . ILE A 1 102 ? -2.491  -13.083 -6.100  1.00 49.09  ? 116 ILE A CG1 1 
ATOM   825  C CG2 . ILE A 1 102 ? -4.643  -14.473 -6.094  1.00 46.53  ? 116 ILE A CG2 1 
ATOM   826  C CD1 . ILE A 1 102 ? -2.843  -12.703 -4.679  1.00 54.04  ? 116 ILE A CD1 1 
ATOM   827  N N   . ASP A 1 103 ? -3.869  -17.265 -7.507  1.00 36.37  ? 117 ASP A N   1 
ATOM   828  C CA  . ASP A 1 103 ? -4.583  -17.887 -8.639  1.00 40.51  ? 117 ASP A CA  1 
ATOM   829  C C   . ASP A 1 103 ? -3.726  -18.791 -9.496  1.00 38.70  ? 117 ASP A C   1 
ATOM   830  O O   . ASP A 1 103 ? -4.058  -19.038 -10.650 1.00 41.84  ? 117 ASP A O   1 
ATOM   831  C CB  . ASP A 1 103 ? -5.251  -16.820 -9.550  1.00 43.66  ? 117 ASP A CB  1 
ATOM   832  C CG  . ASP A 1 103 ? -6.458  -16.160 -8.912  1.00 52.34  ? 117 ASP A CG  1 
ATOM   833  O OD1 . ASP A 1 103 ? -7.108  -16.788 -8.050  1.00 59.46  ? 117 ASP A OD1 1 
ATOM   834  O OD2 . ASP A 1 103 ? -6.777  -15.011 -9.299  1.00 58.05  ? 117 ASP A OD2 1 
ATOM   835  N N   . THR A 1 104 ? -2.619  -19.265 -8.937  1.00 33.91  ? 118 THR A N   1 
ATOM   836  C CA  . THR A 1 104 ? -1.642  -20.095 -9.636  1.00 34.52  ? 118 THR A CA  1 
ATOM   837  C C   . THR A 1 104 ? -0.802  -19.416 -10.708 1.00 35.13  ? 118 THR A C   1 
ATOM   838  O O   . THR A 1 104 ? 0.280   -19.889 -10.981 1.00 35.11  ? 118 THR A O   1 
ATOM   839  C CB  . THR A 1 104 ? -2.269  -21.414 -10.190 1.00 38.36  ? 118 THR A CB  1 
ATOM   840  O OG1 . THR A 1 104 ? -3.060  -21.159 -11.358 1.00 35.86  ? 118 THR A OG1 1 
ATOM   841  C CG2 . THR A 1 104 ? -3.139  -22.090 -9.121  1.00 39.15  ? 118 THR A CG2 1 
ATOM   842  N N   . ASP A 1 105 ? -1.256  -18.290 -11.277 1.00 33.48  ? 119 ASP A N   1 
ATOM   843  C CA  . ASP A 1 105 ? -0.604  -17.682 -12.441 1.00 33.19  ? 119 ASP A CA  1 
ATOM   844  C C   . ASP A 1 105 ? -0.260  -16.178 -12.293 1.00 30.30  ? 119 ASP A C   1 
ATOM   845  O O   . ASP A 1 105 ? 0.195   -15.566 -13.253 1.00 28.92  ? 119 ASP A O   1 
ATOM   846  C CB  . ASP A 1 105 ? -1.499  -17.869 -13.705 1.00 34.70  ? 119 ASP A CB  1 
ATOM   847  C CG  . ASP A 1 105 ? -2.876  -17.189 -13.576 1.00 39.98  ? 119 ASP A CG  1 
ATOM   848  O OD1 . ASP A 1 105 ? -3.120  -16.392 -12.629 1.00 39.61  ? 119 ASP A OD1 1 
ATOM   849  O OD2 . ASP A 1 105 ? -3.750  -17.481 -14.420 1.00 44.15  ? 119 ASP A OD2 1 
ATOM   850  N N   . THR A 1 106 ? -0.427  -15.629 -11.098 1.00 29.53  ? 120 THR A N   1 
ATOM   851  C CA  . THR A 1 106 ? -0.292  -14.184 -10.868 1.00 30.40  ? 120 THR A CA  1 
ATOM   852  C C   . THR A 1 106 ? 0.664   -13.889 -9.706  1.00 29.04  ? 120 THR A C   1 
ATOM   853  O O   . THR A 1 106 ? 0.649   -14.583 -8.669  1.00 29.22  ? 120 THR A O   1 
ATOM   854  C CB  . THR A 1 106 ? -1.694  -13.601 -10.600 1.00 31.78  ? 120 THR A CB  1 
ATOM   855  O OG1 . THR A 1 106 ? -2.510  -13.861 -11.748 1.00 32.20  ? 120 THR A OG1 1 
ATOM   856  C CG2 . THR A 1 106 ? -1.640  -12.091 -10.329 1.00 32.47  ? 120 THR A CG2 1 
ATOM   857  N N   . LEU A 1 107 ? 1.499   -12.872 -9.885  1.00 26.84  ? 121 LEU A N   1 
ATOM   858  C CA  . LEU A 1 107 ? 2.438   -12.466 -8.861  1.00 28.16  ? 121 LEU A CA  1 
ATOM   859  C C   . LEU A 1 107 ? 2.218   -10.982 -8.601  1.00 28.91  ? 121 LEU A C   1 
ATOM   860  O O   . LEU A 1 107 ? 2.310   -10.162 -9.534  1.00 27.92  ? 121 LEU A O   1 
ATOM   861  C CB  . LEU A 1 107 ? 3.870   -12.740 -9.295  1.00 30.76  ? 121 LEU A CB  1 
ATOM   862  C CG  . LEU A 1 107 ? 4.935   -12.559 -8.192  1.00 35.77  ? 121 LEU A CG  1 
ATOM   863  C CD1 . LEU A 1 107 ? 6.034   -13.599 -8.233  1.00 42.78  ? 121 LEU A CD1 1 
ATOM   864  C CD2 . LEU A 1 107 ? 5.579   -11.206 -8.303  1.00 39.16  ? 121 LEU A CD2 1 
ATOM   865  N N   . ILE A 1 108 ? 1.930   -10.646 -7.352  1.00 25.82  ? 122 ILE A N   1 
ATOM   866  C CA  . ILE A 1 108 ? 1.729   -9.234  -6.976  1.00 27.24  ? 122 ILE A CA  1 
ATOM   867  C C   . ILE A 1 108 ? 2.929   -8.776  -6.170  1.00 28.33  ? 122 ILE A C   1 
ATOM   868  O O   . ILE A 1 108 ? 3.247   -9.345  -5.131  1.00 27.86  ? 122 ILE A O   1 
ATOM   869  C CB  . ILE A 1 108 ? 0.429   -9.020  -6.215  1.00 30.19  ? 122 ILE A CB  1 
ATOM   870  C CG1 . ILE A 1 108 ? -0.768  -9.442  -7.099  1.00 32.31  ? 122 ILE A CG1 1 
ATOM   871  C CG2 . ILE A 1 108 ? 0.309   -7.546  -5.782  1.00 32.22  ? 122 ILE A CG2 1 
ATOM   872  C CD1 . ILE A 1 108 ? -2.100  -9.378  -6.396  1.00 35.92  ? 122 ILE A CD1 1 
ATOM   873  N N   . THR A 1 109 ? 3.604   -7.748  -6.648  1.00 24.12  ? 123 THR A N   1 
ATOM   874  C CA  . THR A 1 109 ? 4.810   -7.263  -6.027  1.00 24.89  ? 123 THR A CA  1 
ATOM   875  C C   . THR A 1 109 ? 4.507   -5.951  -5.281  1.00 26.20  ? 123 THR A C   1 
ATOM   876  O O   . THR A 1 109 ? 4.084   -4.990  -5.912  1.00 25.08  ? 123 THR A O   1 
ATOM   877  C CB  . THR A 1 109 ? 5.910   -7.046  -7.067  1.00 29.37  ? 123 THR A CB  1 
ATOM   878  O OG1 . THR A 1 109 ? 6.119   -8.273  -7.785  1.00 30.31  ? 123 THR A OG1 1 
ATOM   879  C CG2 . THR A 1 109 ? 7.218   -6.642  -6.398  1.00 31.82  ? 123 THR A CG2 1 
ATOM   880  N N   . PRO A 1 110 ? 4.708   -5.924  -3.947  1.00 24.98  ? 124 PRO A N   1 
ATOM   881  C CA  . PRO A 1 110 ? 4.531   -4.679  -3.147  1.00 24.00  ? 124 PRO A CA  1 
ATOM   882  C C   . PRO A 1 110 ? 5.799   -3.859  -2.959  1.00 25.19  ? 124 PRO A C   1 
ATOM   883  O O   . PRO A 1 110 ? 6.881   -4.382  -2.613  1.00 26.91  ? 124 PRO A O   1 
ATOM   884  C CB  . PRO A 1 110 ? 4.008   -5.193  -1.808  1.00 25.38  ? 124 PRO A CB  1 
ATOM   885  C CG  . PRO A 1 110 ? 4.370   -6.634  -1.732  1.00 27.54  ? 124 PRO A CG  1 
ATOM   886  C CD  . PRO A 1 110 ? 4.913   -7.090  -3.063  1.00 26.57  ? 124 PRO A CD  1 
ATOM   887  N N   . PHE A 1 111 ? 5.682   -2.553  -3.206  1.00 22.87  ? 125 PHE A N   1 
ATOM   888  C CA  . PHE A 1 111 ? 6.758   -1.627  -2.984  1.00 22.61  ? 125 PHE A CA  1 
ATOM   889  C C   . PHE A 1 111 ? 6.326   -0.640  -1.922  1.00 24.01  ? 125 PHE A C   1 
ATOM   890  O O   . PHE A 1 111 ? 5.192   -0.205  -1.954  1.00 26.53  ? 125 PHE A O   1 
ATOM   891  C CB  . PHE A 1 111 ? 7.052   -0.870  -4.256  1.00 23.54  ? 125 PHE A CB  1 
ATOM   892  C CG  . PHE A 1 111 ? 7.603   -1.754  -5.334  1.00 24.36  ? 125 PHE A CG  1 
ATOM   893  C CD1 . PHE A 1 111 ? 6.745   -2.402  -6.193  1.00 24.95  ? 125 PHE A CD1 1 
ATOM   894  C CD2 . PHE A 1 111 ? 8.968   -1.901  -5.487  1.00 25.55  ? 125 PHE A CD2 1 
ATOM   895  C CE1 . PHE A 1 111 ? 7.242   -3.247  -7.188  1.00 25.83  ? 125 PHE A CE1 1 
ATOM   896  C CE2 . PHE A 1 111 ? 9.469   -2.732  -6.484  1.00 27.52  ? 125 PHE A CE2 1 
ATOM   897  C CZ  . PHE A 1 111 ? 8.603   -3.407  -7.315  1.00 25.04  ? 125 PHE A CZ  1 
ATOM   898  N N   . VAL A 1 112 ? 7.205   -0.358  -0.971  1.00 23.09  ? 126 VAL A N   1 
ATOM   899  C CA  . VAL A 1 112 ? 6.928   0.675   0.044   1.00 24.78  ? 126 VAL A CA  1 
ATOM   900  C C   . VAL A 1 112 ? 7.557   1.966   -0.420  1.00 25.12  ? 126 VAL A C   1 
ATOM   901  O O   . VAL A 1 112 ? 8.719   1.977   -0.795  1.00 24.32  ? 126 VAL A O   1 
ATOM   902  C CB  . VAL A 1 112 ? 7.497   0.297   1.418   1.00 24.55  ? 126 VAL A CB  1 
ATOM   903  C CG1 . VAL A 1 112 ? 7.115   1.371   2.450   1.00 26.34  ? 126 VAL A CG1 1 
ATOM   904  C CG2 . VAL A 1 112 ? 6.951   -1.062  1.846   1.00 25.24  ? 126 VAL A CG2 1 
ATOM   905  N N   . GLY A 1 113 ? 6.791   3.051   -0.365  1.00 24.91  ? 127 GLY A N   1 
ATOM   906  C CA  . GLY A 1 113 ? 7.247   4.361   -0.788  1.00 24.83  ? 127 GLY A CA  1 
ATOM   907  C C   . GLY A 1 113 ? 7.027   5.390   0.305   1.00 26.06  ? 127 GLY A C   1 
ATOM   908  O O   . GLY A 1 113 ? 6.001   5.358   0.959   1.00 26.33  ? 127 GLY A O   1 
ATOM   909  N N   . LEU A 1 114 ? 7.996   6.281   0.504   1.00 24.87  ? 128 LEU A N   1 
ATOM   910  C CA  . LEU A 1 114 ? 7.848   7.430   1.415   1.00 27.94  ? 128 LEU A CA  1 
ATOM   911  C C   . LEU A 1 114 ? 7.292   8.615   0.613   1.00 25.90  ? 128 LEU A C   1 
ATOM   912  O O   . LEU A 1 114 ? 7.865   8.957   -0.443  1.00 26.94  ? 128 LEU A O   1 
ATOM   913  C CB  . LEU A 1 114 ? 9.185   7.830   2.014   1.00 32.21  ? 128 LEU A CB  1 
ATOM   914  C CG  . LEU A 1 114 ? 10.006  6.815   2.804   1.00 39.09  ? 128 LEU A CG  1 
ATOM   915  C CD1 . LEU A 1 114 ? 10.971  7.569   3.710   1.00 42.14  ? 128 LEU A CD1 1 
ATOM   916  C CD2 . LEU A 1 114 ? 9.154   5.869   3.627   1.00 42.72  ? 128 LEU A CD2 1 
ATOM   917  N N   . ILE A 1 115 ? 6.195   9.200   1.088   1.00 25.31  ? 129 ILE A N   1 
ATOM   918  C CA  . ILE A 1 115 ? 5.419   10.221  0.335   1.00 24.95  ? 129 ILE A CA  1 
ATOM   919  C C   . ILE A 1 115 ? 5.810   11.619  0.835   1.00 27.43  ? 129 ILE A C   1 
ATOM   920  O O   . ILE A 1 115 ? 5.919   11.846  2.034   1.00 27.02  ? 129 ILE A O   1 
ATOM   921  C CB  . ILE A 1 115 ? 3.905   9.994   0.476   1.00 25.58  ? 129 ILE A CB  1 
ATOM   922  C CG1 . ILE A 1 115 ? 3.520   8.572   -0.006  1.00 27.23  ? 129 ILE A CG1 1 
ATOM   923  C CG2 . ILE A 1 115 ? 3.092   11.066  -0.249  1.00 26.34  ? 129 ILE A CG2 1 
ATOM   924  C CD1 . ILE A 1 115 ? 4.037   8.209   -1.383  1.00 26.77  ? 129 ILE A CD1 1 
ATOM   925  N N   . ASP A 1 116 ? 6.074   12.525  -0.102  1.00 27.54  ? 130 ASP A N   1 
ATOM   926  C CA  . ASP A 1 116 ? 6.425   13.909  0.222   1.00 28.25  ? 130 ASP A CA  1 
ATOM   927  C C   . ASP A 1 116 ? 5.329   14.612  1.027   1.00 28.58  ? 130 ASP A C   1 
ATOM   928  O O   . ASP A 1 116 ? 4.132   14.446  0.755   1.00 26.29  ? 130 ASP A O   1 
ATOM   929  C CB  . ASP A 1 116 ? 6.685   14.687  -1.057  1.00 30.52  ? 130 ASP A CB  1 
ATOM   930  C CG  . ASP A 1 116 ? 7.191   16.091  -0.774  1.00 31.30  ? 130 ASP A CG  1 
ATOM   931  O OD1 . ASP A 1 116 ? 8.372   16.218  -0.406  1.00 33.19  ? 130 ASP A OD1 1 
ATOM   932  O OD2 . ASP A 1 116 ? 6.369   17.019  -0.875  1.00 28.91  ? 130 ASP A OD2 1 
ATOM   933  N N   . HIS A 1 117 ? 5.737   15.425  1.998   1.00 29.54  ? 131 HIS A N   1 
ATOM   934  C CA  . HIS A 1 117 ? 4.767   16.134  2.864   1.00 30.87  ? 131 HIS A CA  1 
ATOM   935  C C   . HIS A 1 117 ? 3.865   17.120  2.144   1.00 29.28  ? 131 HIS A C   1 
ATOM   936  O O   . HIS A 1 117 ? 2.817   17.454  2.670   1.00 30.91  ? 131 HIS A O   1 
ATOM   937  C CB  . HIS A 1 117 ? 5.456   16.808  4.075   1.00 32.24  ? 131 HIS A CB  1 
ATOM   938  C CG  . HIS A 1 117 ? 6.250   18.037  3.725   1.00 33.88  ? 131 HIS A CG  1 
ATOM   939  N ND1 . HIS A 1 117 ? 7.336   18.015  2.871   1.00 34.15  ? 131 HIS A ND1 1 
ATOM   940  C CD2 . HIS A 1 117 ? 6.117   19.322  4.126   1.00 35.40  ? 131 HIS A CD2 1 
ATOM   941  C CE1 . HIS A 1 117 ? 7.833   19.234  2.759   1.00 32.02  ? 131 HIS A CE1 1 
ATOM   942  N NE2 . HIS A 1 117 ? 7.111   20.048  3.505   1.00 36.82  ? 131 HIS A NE2 1 
ATOM   943  N N   . ASN A 1 118 ? 4.228   17.605  0.955   1.00 29.63  ? 132 ASN A N   1 
ATOM   944  C CA  . ASN A 1 118 ? 3.336   18.507  0.208   1.00 30.22  ? 132 ASN A CA  1 
ATOM   945  C C   . ASN A 1 118 ? 2.360   17.796  -0.742  1.00 31.72  ? 132 ASN A C   1 
ATOM   946  O O   . ASN A 1 118 ? 1.528   18.444  -1.390  1.00 32.48  ? 132 ASN A O   1 
ATOM   947  C CB  . ASN A 1 118 ? 4.136   19.594  -0.520  1.00 31.57  ? 132 ASN A CB  1 
ATOM   948  C CG  . ASN A 1 118 ? 4.795   20.572  0.452   1.00 33.33  ? 132 ASN A CG  1 
ATOM   949  O OD1 . ASN A 1 118 ? 6.009   20.832  0.381   1.00 34.85  ? 132 ASN A OD1 1 
ATOM   950  N ND2 . ASN A 1 118 ? 4.011   21.068  1.403   1.00 31.02  ? 132 ASN A ND2 1 
ATOM   951  N N   . PHE A 1 119 ? 2.395   16.458  -0.784  1.00 29.75  ? 133 PHE A N   1 
ATOM   952  C CA  . PHE A 1 119 ? 1.393   15.736  -1.588  1.00 27.59  ? 133 PHE A CA  1 
ATOM   953  C C   . PHE A 1 119 ? -0.014  15.900  -1.042  1.00 26.96  ? 133 PHE A C   1 
ATOM   954  O O   . PHE A 1 119 ? -0.246  15.720  0.127   1.00 28.12  ? 133 PHE A O   1 
ATOM   955  C CB  . PHE A 1 119 ? 1.762   14.231  -1.697  1.00 28.57  ? 133 PHE A CB  1 
ATOM   956  C CG  . PHE A 1 119 ? 0.686   13.389  -2.309  1.00 27.86  ? 133 PHE A CG  1 
ATOM   957  C CD1 . PHE A 1 119 ? 0.382   13.502  -3.657  1.00 30.59  ? 133 PHE A CD1 1 
ATOM   958  C CD2 . PHE A 1 119 ? -0.010  12.475  -1.544  1.00 30.12  ? 133 PHE A CD2 1 
ATOM   959  C CE1 . PHE A 1 119 ? -0.614  12.718  -4.234  1.00 29.51  ? 133 PHE A CE1 1 
ATOM   960  C CE2 . PHE A 1 119 ? -1.002  11.674  -2.123  1.00 29.78  ? 133 PHE A CE2 1 
ATOM   961  C CZ  . PHE A 1 119 ? -1.294  11.808  -3.462  1.00 27.51  ? 133 PHE A CZ  1 
ATOM   962  N N   . GLN A 1 120 ? -0.950  16.204  -1.931  1.00 29.83  ? 134 GLN A N   1 
ATOM   963  C CA  . GLN A 1 120 ? -2.379  16.257  -1.617  1.00 33.58  ? 134 GLN A CA  1 
ATOM   964  C C   . GLN A 1 120 ? -3.100  15.339  -2.626  1.00 29.38  ? 134 GLN A C   1 
ATOM   965  O O   . GLN A 1 120 ? -3.039  15.563  -3.833  1.00 28.86  ? 134 GLN A O   1 
ATOM   966  C CB  . GLN A 1 120 ? -2.906  17.685  -1.801  1.00 40.19  ? 134 GLN A CB  1 
ATOM   967  C CG  . GLN A 1 120 ? -2.159  18.759  -1.024  1.00 47.63  ? 134 GLN A CG  1 
ATOM   968  C CD  . GLN A 1 120 ? -2.701  18.942  0.373   1.00 57.03  ? 134 GLN A CD  1 
ATOM   969  O OE1 . GLN A 1 120 ? -2.675  18.016  1.190   1.00 67.91  ? 134 GLN A OE1 1 
ATOM   970  N NE2 . GLN A 1 120 ? -3.201  20.147  0.659   1.00 61.58  ? 134 GLN A NE2 1 
ATOM   971  N N   . ALA A 1 121 ? -3.765  14.312  -2.131  1.00 31.86  ? 135 ALA A N   1 
ATOM   972  C CA  . ALA A 1 121 ? -4.408  13.334  -3.016  1.00 33.26  ? 135 ALA A CA  1 
ATOM   973  C C   . ALA A 1 121 ? -5.468  13.994  -3.870  1.00 34.91  ? 135 ALA A C   1 
ATOM   974  O O   . ALA A 1 121 ? -6.240  14.836  -3.380  1.00 33.12  ? 135 ALA A O   1 
ATOM   975  C CB  . ALA A 1 121 ? -5.035  12.220  -2.206  1.00 35.07  ? 135 ALA A CB  1 
ATOM   976  N N   . GLN A 1 122 ? -5.494  13.618  -5.139  1.00 30.55  ? 136 GLN A N   1 
ATOM   977  C CA  . GLN A 1 122 ? -6.569  14.015  -6.052  1.00 33.26  ? 136 GLN A CA  1 
ATOM   978  C C   . GLN A 1 122 ? -7.215  12.740  -6.579  1.00 30.01  ? 136 GLN A C   1 
ATOM   979  O O   . GLN A 1 122 ? -6.787  12.224  -7.620  1.00 29.10  ? 136 GLN A O   1 
ATOM   980  C CB  . GLN A 1 122 ? -5.977  14.821  -7.204  1.00 37.65  ? 136 GLN A CB  1 
ATOM   981  C CG  . GLN A 1 122 ? -5.268  16.096  -6.786  1.00 46.44  ? 136 GLN A CG  1 
ATOM   982  C CD  . GLN A 1 122 ? -4.611  16.762  -7.974  1.00 53.29  ? 136 GLN A CD  1 
ATOM   983  O OE1 . GLN A 1 122 ? -3.389  16.710  -8.139  1.00 56.48  ? 136 GLN A OE1 1 
ATOM   984  N NE2 . GLN A 1 122 ? -5.437  17.350  -8.850  1.00 58.49  ? 136 GLN A NE2 1 
ATOM   985  N N   . PRO A 1 123 ? -8.207  12.195  -5.851  1.00 30.08  ? 137 PRO A N   1 
ATOM   986  C CA  . PRO A 1 123 ? -8.832  10.960  -6.302  1.00 30.66  ? 137 PRO A CA  1 
ATOM   987  C C   . PRO A 1 123 ? -9.385  11.101  -7.715  1.00 33.69  ? 137 PRO A C   1 
ATOM   988  O O   . PRO A 1 123 ? -10.115 12.060  -7.995  1.00 30.42  ? 137 PRO A O   1 
ATOM   989  C CB  . PRO A 1 123 ? -9.973  10.749  -5.308  1.00 32.09  ? 137 PRO A CB  1 
ATOM   990  C CG  . PRO A 1 123 ? -9.610  11.538  -4.111  1.00 31.87  ? 137 PRO A CG  1 
ATOM   991  C CD  . PRO A 1 123 ? -8.815  12.693  -4.609  1.00 31.89  ? 137 PRO A CD  1 
ATOM   992  N N   . ASN A 1 124 ? -9.000  10.180  -8.589  1.00 30.52  ? 138 ASN A N   1 
ATOM   993  C CA  . ASN A 1 124 ? -9.580  10.062  -9.917  1.00 31.00  ? 138 ASN A CA  1 
ATOM   994  C C   . ASN A 1 124 ? -10.888 9.217   -9.829  1.00 30.51  ? 138 ASN A C   1 
ATOM   995  O O   . ASN A 1 124 ? -10.841 7.986   -9.637  1.00 29.34  ? 138 ASN A O   1 
ATOM   996  C CB  . ASN A 1 124 ? -8.529  9.436   -10.847 1.00 31.18  ? 138 ASN A CB  1 
ATOM   997  C CG  . ASN A 1 124 ? -9.046  9.183   -12.252 1.00 35.98  ? 138 ASN A CG  1 
ATOM   998  O OD1 . ASN A 1 124 ? -10.247 9.361   -12.545 1.00 35.35  ? 138 ASN A OD1 1 
ATOM   999  N ND2 . ASN A 1 124 ? -8.144  8.735   -13.130 1.00 33.77  ? 138 ASN A ND2 1 
ATOM   1000 N N   . PRO A 1 125 ? -12.077 9.856   -9.965  1.00 30.54  ? 139 PRO A N   1 
ATOM   1001 C CA  . PRO A 1 125 ? -13.333 9.124   -9.747  1.00 30.88  ? 139 PRO A CA  1 
ATOM   1002 C C   . PRO A 1 125 ? -13.632 7.969   -10.723 1.00 30.89  ? 139 PRO A C   1 
ATOM   1003 O O   . PRO A 1 125 ? -14.489 7.137   -10.412 1.00 34.90  ? 139 PRO A O   1 
ATOM   1004 C CB  . PRO A 1 125 ? -14.416 10.214  -9.867  1.00 32.71  ? 139 PRO A CB  1 
ATOM   1005 C CG  . PRO A 1 125 ? -13.807 11.251  -10.710 1.00 32.89  ? 139 PRO A CG  1 
ATOM   1006 C CD  . PRO A 1 125 ? -12.321 11.216  -10.483 1.00 31.53  ? 139 PRO A CD  1 
ATOM   1007 N N   . ALA A 1 126 ? -12.949 7.917   -11.857 1.00 31.68  ? 140 ALA A N   1 
ATOM   1008 C CA  . ALA A 1 126 ? -13.056 6.738   -12.761 1.00 35.29  ? 140 ALA A CA  1 
ATOM   1009 C C   . ALA A 1 126 ? -12.363 5.485   -12.191 1.00 36.99  ? 140 ALA A C   1 
ATOM   1010 O O   . ALA A 1 126 ? -12.665 4.339   -12.603 1.00 35.85  ? 140 ALA A O   1 
ATOM   1011 C CB  . ALA A 1 126 ? -12.477 7.066   -14.122 1.00 35.58  ? 140 ALA A CB  1 
ATOM   1012 N N   . GLU A 1 127 ? -11.432 5.700   -11.259 1.00 35.29  ? 141 GLU A N   1 
ATOM   1013 C CA  . GLU A 1 127 ? -10.635 4.616   -10.644 1.00 35.17  ? 141 GLU A CA  1 
ATOM   1014 C C   . GLU A 1 127 ? -10.932 4.368   -9.167  1.00 34.38  ? 141 GLU A C   1 
ATOM   1015 O O   . GLU A 1 127 ? -10.965 3.222   -8.722  1.00 32.07  ? 141 GLU A O   1 
ATOM   1016 C CB  . GLU A 1 127 ? -9.166  4.964   -10.765 1.00 40.76  ? 141 GLU A CB  1 
ATOM   1017 C CG  . GLU A 1 127 ? -8.708  5.352   -12.168 1.00 46.82  ? 141 GLU A CG  1 
ATOM   1018 C CD  . GLU A 1 127 ? -8.179  4.198   -12.976 1.00 51.95  ? 141 GLU A CD  1 
ATOM   1019 O OE1 . GLU A 1 127 ? -8.505  4.121   -14.178 1.00 58.66  ? 141 GLU A OE1 1 
ATOM   1020 O OE2 . GLU A 1 127 ? -7.403  3.397   -12.422 1.00 60.17  ? 141 GLU A OE2 1 
ATOM   1021 N N   A VAL A 1 128 ? -11.223 5.437   -8.433  0.50 31.60  ? 142 VAL A N   1 
ATOM   1022 N N   B VAL A 1 128 ? -11.082 5.444   -8.393  0.50 28.84  ? 142 VAL A N   1 
ATOM   1023 C CA  A VAL A 1 128 ? -11.218 5.383   -7.002  0.50 33.45  ? 142 VAL A CA  1 
ATOM   1024 C CA  B VAL A 1 128 ? -11.200 5.336   -6.952  0.50 29.35  ? 142 VAL A CA  1 
ATOM   1025 C C   A VAL A 1 128 ? -12.352 6.219   -6.420  0.50 32.75  ? 142 VAL A C   1 
ATOM   1026 C C   B VAL A 1 128 ? -12.370 6.178   -6.458  0.50 30.06  ? 142 VAL A C   1 
ATOM   1027 O O   A VAL A 1 128 ? -12.473 7.401   -6.741  0.50 34.74  ? 142 VAL A O   1 
ATOM   1028 O O   B VAL A 1 128 ? -12.538 7.316   -6.888  0.50 31.51  ? 142 VAL A O   1 
ATOM   1029 C CB  A VAL A 1 128 ? -9.856  5.893   -6.510  0.50 34.89  ? 142 VAL A CB  1 
ATOM   1030 C CB  B VAL A 1 128 ? -9.900  5.803   -6.259  0.50 27.72  ? 142 VAL A CB  1 
ATOM   1031 C CG1 A VAL A 1 128 ? -10.011 6.711   -5.261  0.50 35.66  ? 142 VAL A CG1 1 
ATOM   1032 C CG1 B VAL A 1 128 ? -8.701  5.037   -6.810  0.50 28.28  ? 142 VAL A CG1 1 
ATOM   1033 C CG2 A VAL A 1 128 ? -8.912  4.720   -6.317  0.50 35.41  ? 142 VAL A CG2 1 
ATOM   1034 C CG2 B VAL A 1 128 ? -9.701  7.285   -6.492  0.50 25.98  ? 142 VAL A CG2 1 
ATOM   1035 N N   . LYS A 1 129 ? -13.168 5.596   -5.569  1.00 32.15  ? 143 LYS A N   1 
ATOM   1036 C CA  . LYS A 1 129 ? -14.271 6.278   -4.874  1.00 34.64  ? 143 LYS A CA  1 
ATOM   1037 C C   . LYS A 1 129 ? -13.789 7.100   -3.676  1.00 33.57  ? 143 LYS A C   1 
ATOM   1038 O O   . LYS A 1 129 ? -14.440 8.070   -3.267  1.00 29.33  ? 143 LYS A O   1 
ATOM   1039 C CB  . LYS A 1 129 ? -15.266 5.231   -4.373  1.00 41.69  ? 143 LYS A CB  1 
ATOM   1040 C CG  . LYS A 1 129 ? -16.507 5.826   -3.737  1.00 50.02  ? 143 LYS A CG  1 
ATOM   1041 C CD  . LYS A 1 129 ? -17.631 4.810   -3.618  1.00 56.94  ? 143 LYS A CD  1 
ATOM   1042 C CE  . LYS A 1 129 ? -17.331 3.751   -2.581  1.00 59.92  ? 143 LYS A CE  1 
ATOM   1043 N NZ  . LYS A 1 129 ? -18.605 3.178   -2.066  1.00 64.49  ? 143 LYS A NZ  1 
ATOM   1044 N N   . ASP A 1 130 ? -12.679 6.689   -3.056  1.00 29.98  ? 144 ASP A N   1 
ATOM   1045 C CA  . ASP A 1 130 ? -12.192 7.379   -1.868  1.00 29.70  ? 144 ASP A CA  1 
ATOM   1046 C C   . ASP A 1 130 ? -10.694 7.057   -1.690  1.00 28.99  ? 144 ASP A C   1 
ATOM   1047 O O   . ASP A 1 130 ? -10.184 6.074   -2.248  1.00 28.82  ? 144 ASP A O   1 
ATOM   1048 C CB  . ASP A 1 130 ? -13.029 6.944   -0.660  1.00 29.96  ? 144 ASP A CB  1 
ATOM   1049 C CG  . ASP A 1 130 ? -12.925 7.869   0.531   1.00 31.09  ? 144 ASP A CG  1 
ATOM   1050 O OD1 . ASP A 1 130 ? -12.221 8.906   0.485   1.00 29.45  ? 144 ASP A OD1 1 
ATOM   1051 O OD2 . ASP A 1 130 ? -13.574 7.545   1.556   1.00 34.19  ? 144 ASP A OD2 1 
ATOM   1052 N N   . VAL A 1 131 ? -10.022 7.941   -0.982  1.00 28.42  ? 145 VAL A N   1 
ATOM   1053 C CA  . VAL A 1 131 ? -8.620  7.774   -0.545  1.00 29.04  ? 145 VAL A CA  1 
ATOM   1054 C C   . VAL A 1 131 ? -8.595  8.158   0.930   1.00 30.07  ? 145 VAL A C   1 
ATOM   1055 O O   . VAL A 1 131 ? -9.223  9.138   1.327   1.00 31.95  ? 145 VAL A O   1 
ATOM   1056 C CB  . VAL A 1 131 ? -7.680  8.665   -1.381  1.00 30.23  ? 145 VAL A CB  1 
ATOM   1057 C CG1 . VAL A 1 131 ? -6.233  8.599   -0.906  1.00 33.52  ? 145 VAL A CG1 1 
ATOM   1058 C CG2 . VAL A 1 131 ? -7.770  8.291   -2.849  1.00 30.66  ? 145 VAL A CG2 1 
ATOM   1059 N N   . PHE A 1 132 ? -7.913  7.382   1.768   1.00 27.60  ? 146 PHE A N   1 
ATOM   1060 C CA  . PHE A 1 132 ? -7.907  7.628   3.209   1.00 26.50  ? 146 PHE A CA  1 
ATOM   1061 C C   . PHE A 1 132 ? -6.618  7.132   3.862   1.00 27.16  ? 146 PHE A C   1 
ATOM   1062 O O   . PHE A 1 132 ? -5.942  6.255   3.313   1.00 25.54  ? 146 PHE A O   1 
ATOM   1063 C CB  . PHE A 1 132 ? -9.127  6.997   3.910   1.00 30.21  ? 146 PHE A CB  1 
ATOM   1064 C CG  . PHE A 1 132 ? -9.172  5.490   3.880   1.00 29.75  ? 146 PHE A CG  1 
ATOM   1065 C CD1 . PHE A 1 132 ? -9.597  4.814   2.747   1.00 31.50  ? 146 PHE A CD1 1 
ATOM   1066 C CD2 . PHE A 1 132 ? -8.826  4.743   5.021   1.00 30.60  ? 146 PHE A CD2 1 
ATOM   1067 C CE1 . PHE A 1 132 ? -9.674  3.419   2.728   1.00 31.57  ? 146 PHE A CE1 1 
ATOM   1068 C CE2 . PHE A 1 132 ? -8.878  3.349   4.996   1.00 30.05  ? 146 PHE A CE2 1 
ATOM   1069 C CZ  . PHE A 1 132 ? -9.309  2.691   3.854   1.00 30.07  ? 146 PHE A CZ  1 
ATOM   1070 N N   . LEU A 1 133 ? -6.286  7.732   4.991   1.00 24.81  ? 147 LEU A N   1 
ATOM   1071 C CA  . LEU A 1 133 ? -5.091  7.375   5.771   1.00 26.51  ? 147 LEU A CA  1 
ATOM   1072 C C   . LEU A 1 133 ? -5.471  6.557   7.000   1.00 27.58  ? 147 LEU A C   1 
ATOM   1073 O O   . LEU A 1 133 ? -6.517  6.784   7.586   1.00 28.99  ? 147 LEU A O   1 
ATOM   1074 C CB  . LEU A 1 133 ? -4.349  8.610   6.233   1.00 27.49  ? 147 LEU A CB  1 
ATOM   1075 C CG  . LEU A 1 133 ? -3.823  9.563   5.175   1.00 29.40  ? 147 LEU A CG  1 
ATOM   1076 C CD1 . LEU A 1 133 ? -3.248  10.799  5.833   1.00 32.16  ? 147 LEU A CD1 1 
ATOM   1077 C CD2 . LEU A 1 133 ? -2.762  8.901   4.314   1.00 30.97  ? 147 LEU A CD2 1 
ATOM   1078 N N   . VAL A 1 134 ? -4.622  5.600   7.383   1.00 24.45  ? 148 VAL A N   1 
ATOM   1079 C CA  . VAL A 1 134 ? -4.751  4.905   8.659   1.00 25.05  ? 148 VAL A CA  1 
ATOM   1080 C C   . VAL A 1 134 ? -3.400  4.992   9.359   1.00 25.02  ? 148 VAL A C   1 
ATOM   1081 O O   . VAL A 1 134 ? -2.361  4.747   8.726   1.00 24.55  ? 148 VAL A O   1 
ATOM   1082 C CB  . VAL A 1 134 ? -5.172  3.428   8.481   1.00 23.55  ? 148 VAL A CB  1 
ATOM   1083 C CG1 . VAL A 1 134 ? -5.343  2.741   9.826   1.00 24.85  ? 148 VAL A CG1 1 
ATOM   1084 C CG2 . VAL A 1 134 ? -6.429  3.330   7.631   1.00 26.01  ? 148 VAL A CG2 1 
ATOM   1085 N N   . PRO A 1 135 ? -3.383  5.358   10.656  1.00 24.76  ? 149 PRO A N   1 
ATOM   1086 C CA  . PRO A 1 135 ? -2.115  5.355   11.365  1.00 25.85  ? 149 PRO A CA  1 
ATOM   1087 C C   . PRO A 1 135 ? -1.501  3.951   11.347  1.00 24.51  ? 149 PRO A C   1 
ATOM   1088 O O   . PRO A 1 135 ? -2.230  2.971   11.536  1.00 24.89  ? 149 PRO A O   1 
ATOM   1089 C CB  . PRO A 1 135 ? -2.501  5.741   12.809  1.00 28.61  ? 149 PRO A CB  1 
ATOM   1090 C CG  . PRO A 1 135 ? -3.808  6.469   12.675  1.00 29.62  ? 149 PRO A CG  1 
ATOM   1091 C CD  . PRO A 1 135 ? -4.504  5.845   11.497  1.00 28.75  ? 149 PRO A CD  1 
ATOM   1092 N N   . LEU A 1 136 ? -0.199  3.879   11.101  1.00 25.19  ? 150 LEU A N   1 
ATOM   1093 C CA  . LEU A 1 136 ? 0.494   2.599   11.010  1.00 25.22  ? 150 LEU A CA  1 
ATOM   1094 C C   . LEU A 1 136 ? 0.343   1.787   12.304  1.00 25.81  ? 150 LEU A C   1 
ATOM   1095 O O   . LEU A 1 136 ? 0.124   0.565   12.269  1.00 24.73  ? 150 LEU A O   1 
ATOM   1096 C CB  . LEU A 1 136 ? 1.968   2.829   10.660  1.00 25.33  ? 150 LEU A CB  1 
ATOM   1097 C CG  . LEU A 1 136 ? 2.782   1.607   10.296  1.00 25.33  ? 150 LEU A CG  1 
ATOM   1098 C CD1 . LEU A 1 136 ? 2.206   0.917   9.075   1.00 25.61  ? 150 LEU A CD1 1 
ATOM   1099 C CD2 . LEU A 1 136 ? 4.229   2.022   10.063  1.00 27.15  ? 150 LEU A CD2 1 
ATOM   1100 N N   . ALA A 1 137 ? 0.408   2.473   13.443  1.00 26.51  ? 151 ALA A N   1 
ATOM   1101 C CA  . ALA A 1 137 ? 0.255   1.815   14.756  1.00 26.69  ? 151 ALA A CA  1 
ATOM   1102 C C   . ALA A 1 137 ? -1.087  1.088   14.958  1.00 27.13  ? 151 ALA A C   1 
ATOM   1103 O O   . ALA A 1 137 ? -1.154  0.091   15.716  1.00 27.54  ? 151 ALA A O   1 
ATOM   1104 C CB  . ALA A 1 137 ? 0.518   2.801   15.891  1.00 29.11  ? 151 ALA A CB  1 
ATOM   1105 N N   . TYR A 1 138 ? -2.136  1.531   14.271  1.00 24.96  ? 152 TYR A N   1 
ATOM   1106 C CA  . TYR A 1 138 ? -3.437  0.869   14.322  1.00 26.48  ? 152 TYR A CA  1 
ATOM   1107 C C   . TYR A 1 138 ? -3.306  -0.646  14.052  1.00 27.44  ? 152 TYR A C   1 
ATOM   1108 O O   . TYR A 1 138 ? -3.979  -1.470  14.689  1.00 28.62  ? 152 TYR A O   1 
ATOM   1109 C CB  . TYR A 1 138 ? -4.417  1.507   13.317  1.00 27.76  ? 152 TYR A CB  1 
ATOM   1110 C CG  . TYR A 1 138 ? -5.636  0.681   13.089  1.00 29.56  ? 152 TYR A CG  1 
ATOM   1111 C CD1 . TYR A 1 138 ? -6.726  0.759   13.954  1.00 31.37  ? 152 TYR A CD1 1 
ATOM   1112 C CD2 . TYR A 1 138 ? -5.678  -0.255  12.044  1.00 29.84  ? 152 TYR A CD2 1 
ATOM   1113 C CE1 . TYR A 1 138 ? -7.827  -0.051  13.781  1.00 32.02  ? 152 TYR A CE1 1 
ATOM   1114 C CE2 . TYR A 1 138 ? -6.776  -1.074  11.876  1.00 32.19  ? 152 TYR A CE2 1 
ATOM   1115 C CZ  . TYR A 1 138 ? -7.853  -0.968  12.744  1.00 33.01  ? 152 TYR A CZ  1 
ATOM   1116 O OH  . TYR A 1 138 ? -8.966  -1.793  12.571  1.00 33.92  ? 152 TYR A OH  1 
ATOM   1117 N N   . PHE A 1 139 ? -2.452  -1.006  13.099  1.00 26.04  ? 153 PHE A N   1 
ATOM   1118 C CA  . PHE A 1 139 ? -2.361  -2.412  12.652  1.00 25.94  ? 153 PHE A CA  1 
ATOM   1119 C C   . PHE A 1 139 ? -1.693  -3.351  13.673  1.00 29.89  ? 153 PHE A C   1 
ATOM   1120 O O   . PHE A 1 139 ? -1.723  -4.586  13.499  1.00 28.34  ? 153 PHE A O   1 
ATOM   1121 C CB  . PHE A 1 139 ? -1.701  -2.468  11.258  1.00 24.62  ? 153 PHE A CB  1 
ATOM   1122 C CG  . PHE A 1 139 ? -2.518  -1.763  10.227  1.00 24.14  ? 153 PHE A CG  1 
ATOM   1123 C CD1 . PHE A 1 139 ? -3.648  -2.362  9.701   1.00 24.45  ? 153 PHE A CD1 1 
ATOM   1124 C CD2 . PHE A 1 139 ? -2.216  -0.466  9.847   1.00 23.95  ? 153 PHE A CD2 1 
ATOM   1125 C CE1 . PHE A 1 139 ? -4.442  -1.706  8.785   1.00 24.49  ? 153 PHE A CE1 1 
ATOM   1126 C CE2 . PHE A 1 139 ? -3.012  0.209   8.936   1.00 23.74  ? 153 PHE A CE2 1 
ATOM   1127 C CZ  . PHE A 1 139 ? -4.117  -0.410  8.393   1.00 24.40  ? 153 PHE A CZ  1 
ATOM   1128 N N   . LEU A 1 140 ? -1.110  -2.764  14.723  1.00 28.54  ? 154 LEU A N   1 
ATOM   1129 C CA  . LEU A 1 140 ? -0.647  -3.515  15.887  1.00 32.37  ? 154 LEU A CA  1 
ATOM   1130 C C   . LEU A 1 140 ? -1.779  -3.865  16.854  1.00 34.49  ? 154 LEU A C   1 
ATOM   1131 O O   . LEU A 1 140 ? -1.645  -4.829  17.585  1.00 34.91  ? 154 LEU A O   1 
ATOM   1132 C CB  . LEU A 1 140 ? 0.428   -2.743  16.646  1.00 33.96  ? 154 LEU A CB  1 
ATOM   1133 C CG  . LEU A 1 140 ? 1.665   -2.288  15.862  1.00 34.98  ? 154 LEU A CG  1 
ATOM   1134 C CD1 . LEU A 1 140 ? 2.649   -1.631  16.793  1.00 37.29  ? 154 LEU A CD1 1 
ATOM   1135 C CD2 . LEU A 1 140 ? 2.333   -3.437  15.125  1.00 35.64  ? 154 LEU A CD2 1 
ATOM   1136 N N   . HIS A 1 141 ? -2.856  -3.069  16.888  1.00 34.74  ? 155 HIS A N   1 
ATOM   1137 C CA  . HIS A 1 141 ? -4.011  -3.286  17.774  1.00 38.34  ? 155 HIS A CA  1 
ATOM   1138 C C   . HIS A 1 141 ? -5.308  -3.006  17.036  1.00 37.36  ? 155 HIS A C   1 
ATOM   1139 O O   . HIS A 1 141 ? -6.049  -2.092  17.386  1.00 38.12  ? 155 HIS A O   1 
ATOM   1140 C CB  . HIS A 1 141 ? -3.909  -2.383  19.009  1.00 42.50  ? 155 HIS A CB  1 
ATOM   1141 C CG  . HIS A 1 141 ? -2.752  -2.722  19.886  1.00 43.79  ? 155 HIS A CG  1 
ATOM   1142 N ND1 . HIS A 1 141 ? -2.763  -3.808  20.738  1.00 47.48  ? 155 HIS A ND1 1 
ATOM   1143 C CD2 . HIS A 1 141 ? -1.531  -2.152  20.013  1.00 45.48  ? 155 HIS A CD2 1 
ATOM   1144 C CE1 . HIS A 1 141 ? -1.606  -3.872  21.374  1.00 48.19  ? 155 HIS A CE1 1 
ATOM   1145 N NE2 . HIS A 1 141 ? -0.837  -2.884  20.945  1.00 44.99  ? 155 HIS A NE2 1 
ATOM   1146 N N   . PRO A 1 142 ? -5.567  -3.772  15.973  1.00 38.52  ? 156 PRO A N   1 
ATOM   1147 C CA  . PRO A 1 142 ? -6.720  -3.464  15.132  1.00 39.11  ? 156 PRO A CA  1 
ATOM   1148 C C   . PRO A 1 142 ? -8.044  -3.870  15.790  1.00 40.99  ? 156 PRO A C   1 
ATOM   1149 O O   . PRO A 1 142 ? -8.042  -4.630  16.760  1.00 39.73  ? 156 PRO A O   1 
ATOM   1150 C CB  . PRO A 1 142 ? -6.450  -4.289  13.867  1.00 39.42  ? 156 PRO A CB  1 
ATOM   1151 C CG  . PRO A 1 142 ? -5.636  -5.448  14.351  1.00 39.65  ? 156 PRO A CG  1 
ATOM   1152 C CD  . PRO A 1 142 ? -4.812  -4.947  15.495  1.00 37.13  ? 156 PRO A CD  1 
ATOM   1153 N N   . GLN A 1 143 ? -9.141  -3.334  15.273  1.00 41.29  ? 157 GLN A N   1 
ATOM   1154 C CA  . GLN A 1 143 ? -10.487 -3.732  15.671  1.00 46.78  ? 157 GLN A CA  1 
ATOM   1155 C C   . GLN A 1 143 ? -10.966 -4.793  14.678  1.00 45.45  ? 157 GLN A C   1 
ATOM   1156 O O   . GLN A 1 143 ? -11.304 -4.479  13.532  1.00 40.27  ? 157 GLN A O   1 
ATOM   1157 C CB  . GLN A 1 143 ? -11.420 -2.524  15.699  1.00 48.59  ? 157 GLN A CB  1 
ATOM   1158 C CG  . GLN A 1 143 ? -12.810 -2.814  16.250  1.00 56.15  ? 157 GLN A CG  1 
ATOM   1159 C CD  . GLN A 1 143 ? -13.735 -1.606  16.196  1.00 62.12  ? 157 GLN A CD  1 
ATOM   1160 O OE1 . GLN A 1 143 ? -13.577 -0.657  16.968  1.00 73.94  ? 157 GLN A OE1 1 
ATOM   1161 N NE2 . GLN A 1 143 ? -14.708 -1.636  15.289  1.00 64.75  ? 157 GLN A NE2 1 
ATOM   1162 N N   . VAL A 1 144 ? -10.983 -6.045  15.137  1.00 46.63  ? 158 VAL A N   1 
ATOM   1163 C CA  . VAL A 1 144 ? -11.183 -7.215  14.286  1.00 48.09  ? 158 VAL A CA  1 
ATOM   1164 C C   . VAL A 1 144 ? -12.651 -7.645  14.316  1.00 51.27  ? 158 VAL A C   1 
ATOM   1165 O O   . VAL A 1 144 ? -13.289 -7.634  15.378  1.00 50.23  ? 158 VAL A O   1 
ATOM   1166 C CB  . VAL A 1 144 ? -10.277 -8.394  14.724  1.00 51.35  ? 158 VAL A CB  1 
ATOM   1167 C CG1 . VAL A 1 144 ? -10.483 -9.616  13.821  1.00 52.94  ? 158 VAL A CG1 1 
ATOM   1168 C CG2 . VAL A 1 144 ? -8.811  -7.980  14.733  1.00 50.46  ? 158 VAL A CG2 1 
ATOM   1169 N N   . HIS A 1 145 ? -13.167 -7.998  13.140  1.00 52.56  ? 159 HIS A N   1 
ATOM   1170 C CA  . HIS A 1 145 ? -14.526 -8.517  12.956  1.00 61.54  ? 159 HIS A CA  1 
ATOM   1171 C C   . HIS A 1 145 ? -14.431 -9.747  12.077  1.00 63.80  ? 159 HIS A C   1 
ATOM   1172 O O   . HIS A 1 145 ? -13.782 -9.707  11.033  1.00 60.90  ? 159 HIS A O   1 
ATOM   1173 C CB  . HIS A 1 145 ? -15.420 -7.471  12.288  1.00 64.53  ? 159 HIS A CB  1 
ATOM   1174 C CG  . HIS A 1 145 ? -15.882 -6.406  13.226  1.00 74.72  ? 159 HIS A CG  1 
ATOM   1175 N ND1 . HIS A 1 145 ? -15.055 -5.396  13.670  1.00 80.09  ? 159 HIS A ND1 1 
ATOM   1176 C CD2 . HIS A 1 145 ? -17.076 -6.211  13.834  1.00 82.63  ? 159 HIS A CD2 1 
ATOM   1177 C CE1 . HIS A 1 145 ? -15.726 -4.617  14.499  1.00 82.14  ? 159 HIS A CE1 1 
ATOM   1178 N NE2 . HIS A 1 145 ? -16.953 -5.090  14.617  1.00 84.99  ? 159 HIS A NE2 1 
ATOM   1179 N N   . ASP A 1 146 ? -15.067 -10.836 12.496  1.00 68.44  ? 160 ASP A N   1 
ATOM   1180 C CA  . ASP A 1 146 ? -15.007 -12.096 11.760  1.00 72.94  ? 160 ASP A CA  1 
ATOM   1181 C C   . ASP A 1 146 ? -16.265 -12.261 10.903  1.00 75.96  ? 160 ASP A C   1 
ATOM   1182 O O   . ASP A 1 146 ? -17.367 -12.344 11.437  1.00 76.58  ? 160 ASP A O   1 
ATOM   1183 C CB  . ASP A 1 146 ? -14.816 -13.252 12.742  1.00 76.56  ? 160 ASP A CB  1 
ATOM   1184 C CG  . ASP A 1 146 ? -13.562 -13.083 13.603  1.00 80.45  ? 160 ASP A CG  1 
ATOM   1185 O OD1 . ASP A 1 146 ? -12.621 -12.368 13.181  1.00 82.07  ? 160 ASP A OD1 1 
ATOM   1186 O OD2 . ASP A 1 146 ? -13.515 -13.658 14.710  1.00 83.03  ? 160 ASP A OD2 1 
ATOM   1187 N N   . GLN A 1 147 ? -16.084 -12.272 9.576   1.00 78.84  ? 161 GLN A N   1 
ATOM   1188 C CA  . GLN A 1 147 ? -17.186 -12.353 8.608   1.00 79.55  ? 161 GLN A CA  1 
ATOM   1189 C C   . GLN A 1 147 ? -17.347 -13.779 8.107   1.00 81.74  ? 161 GLN A C   1 
ATOM   1190 O O   . GLN A 1 147 ? -16.378 -14.393 7.664   1.00 81.97  ? 161 GLN A O   1 
ATOM   1191 C CB  . GLN A 1 147 ? -16.919 -11.428 7.417   1.00 79.28  ? 161 GLN A CB  1 
ATOM   1192 N N   . ILE A 1 158 ? -14.820 -18.665 8.067   1.00 105.82 ? 172 ILE A N   1 
ATOM   1193 C CA  . ILE A 1 158 ? -15.026 -17.345 8.658   1.00 105.56 ? 172 ILE A CA  1 
ATOM   1194 C C   . ILE A 1 158 ? -13.653 -16.687 8.919   1.00 99.02  ? 172 ILE A C   1 
ATOM   1195 O O   . ILE A 1 158 ? -12.789 -17.282 9.567   1.00 93.42  ? 172 ILE A O   1 
ATOM   1196 C CB  . ILE A 1 158 ? -15.905 -17.445 9.940   1.00 108.49 ? 172 ILE A CB  1 
ATOM   1197 C CG1 . ILE A 1 158 ? -17.328 -17.956 9.605   1.00 106.97 ? 172 ILE A CG1 1 
ATOM   1198 C CG2 . ILE A 1 158 ? -15.963 -16.120 10.697  1.00 107.80 ? 172 ILE A CG2 1 
ATOM   1199 C CD1 . ILE A 1 158 ? -18.211 -17.014 8.802   1.00 103.93 ? 172 ILE A CD1 1 
ATOM   1200 N N   . ASN A 1 159 ? -13.482 -15.455 8.420   1.00 92.77  ? 173 ASN A N   1 
ATOM   1201 C CA  . ASN A 1 159 ? -12.162 -14.797 8.297   1.00 85.16  ? 173 ASN A CA  1 
ATOM   1202 C C   . ASN A 1 159 ? -12.136 -13.337 8.801   1.00 75.57  ? 173 ASN A C   1 
ATOM   1203 O O   . ASN A 1 159 ? -13.166 -12.665 8.870   1.00 71.16  ? 173 ASN A O   1 
ATOM   1204 C CB  . ASN A 1 159 ? -11.678 -14.854 6.839   1.00 85.13  ? 173 ASN A CB  1 
ATOM   1205 C CG  . ASN A 1 159 ? -12.321 -13.794 5.962   1.00 84.97  ? 173 ASN A CG  1 
ATOM   1206 O OD1 . ASN A 1 159 ? -11.639 -12.922 5.427   1.00 83.99  ? 173 ASN A OD1 1 
ATOM   1207 N ND2 . ASN A 1 159 ? -13.638 -13.853 5.827   1.00 86.87  ? 173 ASN A ND2 1 
ATOM   1208 N N   . HIS A 1 160 ? -10.931 -12.852 9.094   1.00 66.15  ? 174 HIS A N   1 
ATOM   1209 C CA  . HIS A 1 160 ? -10.731 -11.615 9.863   1.00 62.53  ? 174 HIS A CA  1 
ATOM   1210 C C   . HIS A 1 160 ? -10.752 -10.357 8.992   1.00 54.86  ? 174 HIS A C   1 
ATOM   1211 O O   . HIS A 1 160 ? -10.095 -10.303 7.954   1.00 58.84  ? 174 HIS A O   1 
ATOM   1212 C CB  . HIS A 1 160 ? -9.416  -11.679 10.646  1.00 64.36  ? 174 HIS A CB  1 
ATOM   1213 C CG  . HIS A 1 160 ? -9.275  -12.911 11.484  1.00 69.07  ? 174 HIS A CG  1 
ATOM   1214 N ND1 . HIS A 1 160 ? -10.151 -13.223 12.503  1.00 71.32  ? 174 HIS A ND1 1 
ATOM   1215 C CD2 . HIS A 1 160 ? -8.363  -13.912 11.452  1.00 69.80  ? 174 HIS A CD2 1 
ATOM   1216 C CE1 . HIS A 1 160 ? -9.784  -14.363 13.061  1.00 71.47  ? 174 HIS A CE1 1 
ATOM   1217 N NE2 . HIS A 1 160 ? -8.702  -14.800 12.443  1.00 71.67  ? 174 HIS A NE2 1 
ATOM   1218 N N   . ILE A 1 161 ? -11.517 -9.364  9.439   1.00 50.74  ? 175 ILE A N   1 
ATOM   1219 C CA  . ILE A 1 161 ? -11.675 -8.066  8.776   1.00 47.64  ? 175 ILE A CA  1 
ATOM   1220 C C   . ILE A 1 161 ? -11.326 -6.984  9.806   1.00 45.73  ? 175 ILE A C   1 
ATOM   1221 O O   . ILE A 1 161 ? -11.731 -7.080  10.971  1.00 45.16  ? 175 ILE A O   1 
ATOM   1222 C CB  . ILE A 1 161 ? -13.130 -7.892  8.275   1.00 50.30  ? 175 ILE A CB  1 
ATOM   1223 C CG1 . ILE A 1 161 ? -13.366 -8.784  7.048   1.00 53.42  ? 175 ILE A CG1 1 
ATOM   1224 C CG2 . ILE A 1 161 ? -13.474 -6.436  7.960   1.00 49.96  ? 175 ILE A CG2 1 
ATOM   1225 C CD1 . ILE A 1 161 ? -14.824 -8.914  6.651   1.00 55.60  ? 175 ILE A CD1 1 
ATOM   1226 N N   . PHE A 1 162 ? -10.581 -5.966  9.384   1.00 36.31  ? 176 PHE A N   1 
ATOM   1227 C CA  . PHE A 1 162 ? -10.279 -4.825  10.248  1.00 34.44  ? 176 PHE A CA  1 
ATOM   1228 C C   . PHE A 1 162 ? -11.277 -3.722  9.979   1.00 33.58  ? 176 PHE A C   1 
ATOM   1229 O O   . PHE A 1 162 ? -11.570 -3.449  8.829   1.00 35.98  ? 176 PHE A O   1 
ATOM   1230 C CB  . PHE A 1 162 ? -8.881  -4.284  9.979   1.00 34.37  ? 176 PHE A CB  1 
ATOM   1231 C CG  . PHE A 1 162 ? -7.763  -5.250  10.274  1.00 35.45  ? 176 PHE A CG  1 
ATOM   1232 C CD1 . PHE A 1 162 ? -7.932  -6.358  11.115  1.00 37.79  ? 176 PHE A CD1 1 
ATOM   1233 C CD2 . PHE A 1 162 ? -6.514  -5.023  9.729   1.00 33.84  ? 176 PHE A CD2 1 
ATOM   1234 C CE1 . PHE A 1 162 ? -6.865  -7.214  11.371  1.00 37.73  ? 176 PHE A CE1 1 
ATOM   1235 C CE2 . PHE A 1 162 ? -5.446  -5.870  9.989   1.00 35.41  ? 176 PHE A CE2 1 
ATOM   1236 C CZ  . PHE A 1 162 ? -5.621  -6.958  10.816  1.00 37.14  ? 176 PHE A CZ  1 
ATOM   1237 N N   . GLU A 1 163 ? -11.778 -3.082  11.035  1.00 33.11  ? 177 GLU A N   1 
ATOM   1238 C CA  . GLU A 1 163 ? -12.602 -1.880  10.901  1.00 35.75  ? 177 GLU A CA  1 
ATOM   1239 C C   . GLU A 1 163 ? -11.874 -0.692  11.493  1.00 33.28  ? 177 GLU A C   1 
ATOM   1240 O O   . GLU A 1 163 ? -11.435 -0.735  12.635  1.00 35.19  ? 177 GLU A O   1 
ATOM   1241 C CB  . GLU A 1 163 ? -13.948 -2.050  11.591  1.00 40.20  ? 177 GLU A CB  1 
ATOM   1242 C CG  . GLU A 1 163 ? -14.763 -3.170  10.969  1.00 46.88  ? 177 GLU A CG  1 
ATOM   1243 C CD  . GLU A 1 163 ? -16.264 -3.061  11.214  1.00 53.58  ? 177 GLU A CD  1 
ATOM   1244 O OE1 . GLU A 1 163 ? -16.697 -2.216  12.039  1.00 55.55  ? 177 GLU A OE1 1 
ATOM   1245 O OE2 . GLU A 1 163 ? -17.009 -3.842  10.568  1.00 55.84  ? 177 GLU A OE2 1 
ATOM   1246 N N   . TYR A 1 164 ? -11.729 0.355   10.698  1.00 33.24  ? 178 TYR A N   1 
ATOM   1247 C CA  . TYR A 1 164 ? -11.054 1.563   11.133  1.00 31.68  ? 178 TYR A CA  1 
ATOM   1248 C C   . TYR A 1 164 ? -12.027 2.695   10.965  1.00 30.21  ? 178 TYR A C   1 
ATOM   1249 O O   . TYR A 1 164 ? -12.546 2.911   9.874   1.00 33.53  ? 178 TYR A O   1 
ATOM   1250 C CB  . TYR A 1 164 ? -9.813  1.869   10.285  1.00 30.51  ? 178 TYR A CB  1 
ATOM   1251 C CG  . TYR A 1 164 ? -9.208  3.199   10.674  1.00 31.02  ? 178 TYR A CG  1 
ATOM   1252 C CD1 . TYR A 1 164 ? -8.591  3.355   11.909  1.00 33.38  ? 178 TYR A CD1 1 
ATOM   1253 C CD2 . TYR A 1 164 ? -9.304  4.313   9.849   1.00 31.60  ? 178 TYR A CD2 1 
ATOM   1254 C CE1 . TYR A 1 164 ? -8.070  4.580   12.306  1.00 34.23  ? 178 TYR A CE1 1 
ATOM   1255 C CE2 . TYR A 1 164 ? -8.776  5.540   10.235  1.00 31.86  ? 178 TYR A CE2 1 
ATOM   1256 C CZ  . TYR A 1 164 ? -8.164  5.668   11.451  1.00 31.59  ? 178 TYR A CZ  1 
ATOM   1257 O OH  . TYR A 1 164 ? -7.660  6.869   11.876  1.00 34.09  ? 178 TYR A OH  1 
ATOM   1258 N N   . THR A 1 165 ? -12.229 3.441   12.036  1.00 32.23  ? 179 THR A N   1 
ATOM   1259 C CA  . THR A 1 165 ? -13.081 4.617   12.027  1.00 33.51  ? 179 THR A CA  1 
ATOM   1260 C C   . THR A 1 165 ? -12.217 5.877   12.080  1.00 32.91  ? 179 THR A C   1 
ATOM   1261 O O   . THR A 1 165 ? -11.470 6.060   13.030  1.00 35.05  ? 179 THR A O   1 
ATOM   1262 C CB  . THR A 1 165 ? -14.012 4.593   13.252  1.00 34.42  ? 179 THR A CB  1 
ATOM   1263 O OG1 . THR A 1 165 ? -14.754 3.366   13.243  1.00 37.59  ? 179 THR A OG1 1 
ATOM   1264 C CG2 . THR A 1 165 ? -14.946 5.793   13.238  1.00 35.31  ? 179 THR A CG2 1 
ATOM   1265 N N   . ASN A 1 166 ? -12.292 6.718   11.049  1.00 31.99  ? 180 ASN A N   1 
ATOM   1266 C CA  . ASN A 1 166 ? -11.538 7.970   11.011  1.00 32.71  ? 180 ASN A CA  1 
ATOM   1267 C C   . ASN A 1 166 ? -12.103 8.961   12.060  1.00 34.25  ? 180 ASN A C   1 
ATOM   1268 O O   . ASN A 1 166 ? -13.268 9.346   11.960  1.00 32.71  ? 180 ASN A O   1 
ATOM   1269 C CB  . ASN A 1 166 ? -11.613 8.549   9.597   1.00 34.68  ? 180 ASN A CB  1 
ATOM   1270 C CG  . ASN A 1 166 ? -10.790 9.805   9.410   1.00 37.00  ? 180 ASN A CG  1 
ATOM   1271 O OD1 . ASN A 1 166 ? -10.247 10.391  10.354  1.00 40.17  ? 180 ASN A OD1 1 
ATOM   1272 N ND2 . ASN A 1 166 ? -10.709 10.242  8.165   1.00 40.25  ? 180 ASN A ND2 1 
ATOM   1273 N N   . PRO A 1 167 ? -11.296 9.361   13.073  1.00 35.52  ? 181 PRO A N   1 
ATOM   1274 C CA  . PRO A 1 167 ? -11.831 10.300  14.094  1.00 37.69  ? 181 PRO A CA  1 
ATOM   1275 C C   . PRO A 1 167 ? -12.164 11.705  13.577  1.00 37.54  ? 181 PRO A C   1 
ATOM   1276 O O   . PRO A 1 167 ? -12.890 12.438  14.244  1.00 38.28  ? 181 PRO A O   1 
ATOM   1277 C CB  . PRO A 1 167 ? -10.717 10.382  15.160  1.00 40.13  ? 181 PRO A CB  1 
ATOM   1278 C CG  . PRO A 1 167 ? -9.627  9.484   14.711  1.00 41.17  ? 181 PRO A CG  1 
ATOM   1279 C CD  . PRO A 1 167 ? -9.878  9.027   13.309  1.00 38.83  ? 181 PRO A CD  1 
ATOM   1280 N N   . GLU A 1 168 ? -11.637 12.074  12.418  1.00 39.10  ? 182 GLU A N   1 
ATOM   1281 C CA  . GLU A 1 168 ? -11.976 13.338  11.762  1.00 43.99  ? 182 GLU A CA  1 
ATOM   1282 C C   . GLU A 1 168 ? -13.451 13.447  11.395  1.00 43.67  ? 182 GLU A C   1 
ATOM   1283 O O   . GLU A 1 168 ? -14.032 14.525  11.587  1.00 39.79  ? 182 GLU A O   1 
ATOM   1284 C CB  . GLU A 1 168 ? -11.164 13.528  10.485  1.00 49.67  ? 182 GLU A CB  1 
ATOM   1285 C CG  . GLU A 1 168 ? -9.680  13.751  10.730  1.00 54.06  ? 182 GLU A CG  1 
ATOM   1286 C CD  . GLU A 1 168 ? -9.378  15.096  11.353  1.00 60.58  ? 182 GLU A CD  1 
ATOM   1287 O OE1 . GLU A 1 168 ? -9.863  16.155  10.834  1.00 59.44  ? 182 GLU A OE1 1 
ATOM   1288 O OE2 . GLU A 1 168 ? -8.645  15.087  12.364  1.00 65.05  ? 182 GLU A OE2 1 
ATOM   1289 N N   . ASP A 1 169 ? -14.026 12.349  10.874  1.00 40.22  ? 183 ASP A N   1 
ATOM   1290 C CA  . ASP A 1 169 ? -15.417 12.311  10.394  1.00 38.24  ? 183 ASP A CA  1 
ATOM   1291 C C   . ASP A 1 169 ? -16.310 11.117  10.803  1.00 37.05  ? 183 ASP A C   1 
ATOM   1292 O O   . ASP A 1 169 ? -17.488 11.081  10.448  1.00 35.65  ? 183 ASP A O   1 
ATOM   1293 C CB  . ASP A 1 169 ? -15.440 12.491  8.884   1.00 36.65  ? 183 ASP A CB  1 
ATOM   1294 C CG  . ASP A 1 169 ? -14.715 11.368  8.140   1.00 43.09  ? 183 ASP A CG  1 
ATOM   1295 O OD1 . ASP A 1 169 ? -14.424 10.298  8.725   1.00 41.12  ? 183 ASP A OD1 1 
ATOM   1296 O OD2 . ASP A 1 169 ? -14.446 11.576  6.947   1.00 45.43  ? 183 ASP A OD2 1 
ATOM   1297 N N   . GLY A 1 170 ? -15.783 10.160  11.560  1.00 36.66  ? 184 GLY A N   1 
ATOM   1298 C CA  . GLY A 1 170 ? -16.556 8.996   12.005  1.00 36.36  ? 184 GLY A CA  1 
ATOM   1299 C C   . GLY A 1 170 ? -16.856 7.935   10.967  1.00 39.37  ? 184 GLY A C   1 
ATOM   1300 O O   . GLY A 1 170 ? -17.597 6.971   11.250  1.00 38.57  ? 184 GLY A O   1 
ATOM   1301 N N   . VAL A 1 171 ? -16.273 8.079   9.778   1.00 37.88  ? 185 VAL A N   1 
ATOM   1302 C CA  . VAL A 1 171 ? -16.464 7.114   8.693   1.00 40.15  ? 185 VAL A CA  1 
ATOM   1303 C C   . VAL A 1 171 ? -15.660 5.858   8.976   1.00 42.79  ? 185 VAL A C   1 
ATOM   1304 O O   . VAL A 1 171 ? -14.467 5.946   9.318   1.00 37.76  ? 185 VAL A O   1 
ATOM   1305 C CB  . VAL A 1 171 ? -16.036 7.702   7.334   1.00 41.24  ? 185 VAL A CB  1 
ATOM   1306 C CG1 . VAL A 1 171 ? -16.139 6.651   6.230   1.00 43.35  ? 185 VAL A CG1 1 
ATOM   1307 C CG2 . VAL A 1 171 ? -16.908 8.909   6.990   1.00 44.47  ? 185 VAL A CG2 1 
ATOM   1308 N N   . THR A 1 172 ? -16.315 4.704   8.829   1.00 38.19  ? 186 THR A N   1 
ATOM   1309 C CA  . THR A 1 172 ? -15.677 3.411   9.052   1.00 40.58  ? 186 THR A CA  1 
ATOM   1310 C C   . THR A 1 172 ? -15.290 2.787   7.710   1.00 38.25  ? 186 THR A C   1 
ATOM   1311 O O   . THR A 1 172 ? -16.028 2.861   6.729   1.00 37.91  ? 186 THR A O   1 
ATOM   1312 C CB  . THR A 1 172 ? -16.572 2.477   9.894   1.00 40.30  ? 186 THR A CB  1 
ATOM   1313 O OG1 . THR A 1 172 ? -16.779 3.076   11.181  1.00 38.40  ? 186 THR A OG1 1 
ATOM   1314 C CG2 . THR A 1 172 ? -15.924 1.105   10.093  1.00 42.80  ? 186 THR A CG2 1 
ATOM   1315 N N   . TYR A 1 173 ? -14.095 2.206   7.676   1.00 35.41  ? 187 TYR A N   1 
ATOM   1316 C CA  . TYR A 1 173 ? -13.594 1.506   6.510   1.00 34.27  ? 187 TYR A CA  1 
ATOM   1317 C C   . TYR A 1 173 ? -13.263 0.074   6.928   1.00 35.58  ? 187 TYR A C   1 
ATOM   1318 O O   . TYR A 1 173 ? -12.802 -0.161  8.061   1.00 34.14  ? 187 TYR A O   1 
ATOM   1319 C CB  . TYR A 1 173 ? -12.313 2.169   6.015   1.00 34.58  ? 187 TYR A CB  1 
ATOM   1320 C CG  . TYR A 1 173 ? -12.454 3.612   5.555   1.00 33.97  ? 187 TYR A CG  1 
ATOM   1321 C CD1 . TYR A 1 173 ? -12.782 3.902   4.249   1.00 35.71  ? 187 TYR A CD1 1 
ATOM   1322 C CD2 . TYR A 1 173 ? -12.256 4.674   6.436   1.00 35.95  ? 187 TYR A CD2 1 
ATOM   1323 C CE1 . TYR A 1 173 ? -12.905 5.221   3.816   1.00 35.74  ? 187 TYR A CE1 1 
ATOM   1324 C CE2 . TYR A 1 173 ? -12.360 6.002   6.019   1.00 36.48  ? 187 TYR A CE2 1 
ATOM   1325 C CZ  . TYR A 1 173 ? -12.691 6.272   4.709   1.00 37.82  ? 187 TYR A CZ  1 
ATOM   1326 O OH  . TYR A 1 173 ? -12.795 7.586   4.280   1.00 37.72  ? 187 TYR A OH  1 
ATOM   1327 N N   . GLN A 1 174 ? -13.464 -0.859  5.996   1.00 32.28  ? 188 GLN A N   1 
ATOM   1328 C CA  . GLN A 1 174 ? -13.174 -2.261  6.200   1.00 34.39  ? 188 GLN A CA  1 
ATOM   1329 C C   . GLN A 1 174 ? -11.942 -2.619  5.384   1.00 33.20  ? 188 GLN A C   1 
ATOM   1330 O O   . GLN A 1 174 ? -11.908 -2.350  4.191   1.00 30.84  ? 188 GLN A O   1 
ATOM   1331 C CB  . GLN A 1 174 ? -14.362 -3.126  5.782   1.00 37.69  ? 188 GLN A CB  1 
ATOM   1332 C CG  . GLN A 1 174 ? -15.580 -2.935  6.676   1.00 43.50  ? 188 GLN A CG  1 
ATOM   1333 C CD  . GLN A 1 174 ? -16.572 -4.079  6.555   1.00 49.38  ? 188 GLN A CD  1 
ATOM   1334 O OE1 . GLN A 1 174 ? -16.694 -4.712  5.501   1.00 52.44  ? 188 GLN A OE1 1 
ATOM   1335 N NE2 . GLN A 1 174 ? -17.274 -4.362  7.646   1.00 50.52  ? 188 GLN A NE2 1 
ATOM   1336 N N   . ILE A 1 175 ? -10.922 -3.174  6.041   1.00 30.07  ? 189 ILE A N   1 
ATOM   1337 C CA  . ILE A 1 175 ? -9.670  -3.520  5.366   1.00 30.05  ? 189 ILE A CA  1 
ATOM   1338 C C   . ILE A 1 175 ? -9.498  -5.034  5.536   1.00 30.32  ? 189 ILE A C   1 
ATOM   1339 O O   . ILE A 1 175 ? -9.610  -5.550  6.659   1.00 29.83  ? 189 ILE A O   1 
ATOM   1340 C CB  . ILE A 1 175 ? -8.474  -2.742  5.958   1.00 31.19  ? 189 ILE A CB  1 
ATOM   1341 C CG1 . ILE A 1 175 ? -8.814  -1.240  6.021   1.00 33.32  ? 189 ILE A CG1 1 
ATOM   1342 C CG2 . ILE A 1 175 ? -7.197  -2.952  5.131   1.00 30.99  ? 189 ILE A CG2 1 
ATOM   1343 C CD1 . ILE A 1 175 ? -7.732  -0.371  6.611   1.00 33.66  ? 189 ILE A CD1 1 
ATOM   1344 N N   . LYS A 1 176 ? -9.239  -5.740  4.444   1.00 29.88  ? 190 LYS A N   1 
ATOM   1345 C CA  . LYS A 1 176 ? -9.170  -7.198  4.539   1.00 32.10  ? 190 LYS A CA  1 
ATOM   1346 C C   . LYS A 1 176 ? -8.212  -7.821  3.550   1.00 31.26  ? 190 LYS A C   1 
ATOM   1347 O O   . LYS A 1 176 ? -7.571  -7.129  2.773   1.00 26.88  ? 190 LYS A O   1 
ATOM   1348 C CB  . LYS A 1 176 ? -10.590 -7.779  4.428   1.00 37.00  ? 190 LYS A CB  1 
ATOM   1349 C CG  . LYS A 1 176 ? -11.316 -7.523  3.134   1.00 41.68  ? 190 LYS A CG  1 
ATOM   1350 C CD  . LYS A 1 176 ? -12.825 -7.741  3.301   1.00 45.24  ? 190 LYS A CD  1 
ATOM   1351 C CE  . LYS A 1 176 ? -13.557 -7.731  1.970   1.00 51.19  ? 190 LYS A CE  1 
ATOM   1352 N NZ  . LYS A 1 176 ? -15.045 -7.782  2.147   1.00 54.42  ? 190 LYS A NZ  1 
ATOM   1353 N N   . GLY A 1 177 ? -8.045  -9.143  3.633   1.00 28.87  ? 191 GLY A N   1 
ATOM   1354 C CA  . GLY A 1 177 ? -7.273  -9.868  2.637   1.00 29.26  ? 191 GLY A CA  1 
ATOM   1355 C C   . GLY A 1 177 ? -5.805  -9.482  2.585   1.00 29.12  ? 191 GLY A C   1 
ATOM   1356 O O   . GLY A 1 177 ? -5.209  -9.167  3.613   1.00 27.90  ? 191 GLY A O   1 
ATOM   1357 N N   . MET A 1 178 ? -5.238  -9.526  1.383   1.00 28.11  ? 192 MET A N   1 
ATOM   1358 C CA  . MET A 1 178 ? -3.810  -9.226  1.141   1.00 29.17  ? 192 MET A CA  1 
ATOM   1359 C C   . MET A 1 178 ? -3.465  -7.823  1.646   1.00 26.94  ? 192 MET A C   1 
ATOM   1360 O O   . MET A 1 178 ? -2.383  -7.582  2.198   1.00 24.21  ? 192 MET A O   1 
ATOM   1361 C CB  . MET A 1 178 ? -3.504  -9.327  -0.366  1.00 33.36  ? 192 MET A CB  1 
ATOM   1362 C CG  . MET A 1 178 ? -2.082  -9.013  -0.827  1.00 36.87  ? 192 MET A CG  1 
ATOM   1363 S SD  . MET A 1 178 ? -1.830  -8.706  -2.617  1.00 40.52  ? 192 MET A SD  1 
ATOM   1364 C CE  . MET A 1 178 ? -2.620  -7.122  -2.882  1.00 43.64  ? 192 MET A CE  1 
ATOM   1365 N N   . THR A 1 179 ? -4.405  -6.918  1.444   1.00 24.12  ? 193 THR A N   1 
ATOM   1366 C CA  . THR A 1 179 ? -4.208  -5.504  1.822   1.00 25.50  ? 193 THR A CA  1 
ATOM   1367 C C   . THR A 1 179 ? -4.012  -5.391  3.325   1.00 24.30  ? 193 THR A C   1 
ATOM   1368 O O   . THR A 1 179 ? -3.057  -4.758  3.777   1.00 23.48  ? 193 THR A O   1 
ATOM   1369 C CB  . THR A 1 179 ? -5.406  -4.656  1.346   1.00 24.52  ? 193 THR A CB  1 
ATOM   1370 O OG1 . THR A 1 179 ? -5.491  -4.744  -0.081  1.00 24.68  ? 193 THR A OG1 1 
ATOM   1371 C CG2 . THR A 1 179 ? -5.220  -3.187  1.750   1.00 26.34  ? 193 THR A CG2 1 
ATOM   1372 N N   . ALA A 1 180 ? -4.899  -6.013  4.104   1.00 23.64  ? 194 ALA A N   1 
ATOM   1373 C CA  . ALA A 1 180 ? -4.725  -6.064  5.560   1.00 24.18  ? 194 ALA A CA  1 
ATOM   1374 C C   . ALA A 1 180 ? -3.448  -6.766  5.977   1.00 23.32  ? 194 ALA A C   1 
ATOM   1375 O O   . ALA A 1 180 ? -2.763  -6.305  6.896   1.00 23.89  ? 194 ALA A O   1 
ATOM   1376 C CB  . ALA A 1 180 ? -5.931  -6.707  6.255   1.00 25.16  ? 194 ALA A CB  1 
ATOM   1377 N N   A ASN A 1 181 ? -3.127  -7.883  5.324   0.50 24.37  ? 195 ASN A N   1 
ATOM   1378 N N   B ASN A 1 181 ? -3.110  -7.878  5.325   0.50 23.89  ? 195 ASN A N   1 
ATOM   1379 C CA  A ASN A 1 181 ? -1.921  -8.631  5.655   0.50 24.71  ? 195 ASN A CA  1 
ATOM   1380 C CA  B ASN A 1 181 ? -1.893  -8.611  5.670   0.50 23.96  ? 195 ASN A CA  1 
ATOM   1381 C C   A ASN A 1 181 ? -0.653  -7.798  5.448   0.50 23.91  ? 195 ASN A C   1 
ATOM   1382 C C   B ASN A 1 181 ? -0.642  -7.777  5.460   0.50 23.48  ? 195 ASN A C   1 
ATOM   1383 O O   A ASN A 1 181 ? 0.245   -7.828  6.293   0.50 22.87  ? 195 ASN A O   1 
ATOM   1384 O O   B ASN A 1 181 ? 0.261   -7.794  6.302   0.50 22.56  ? 195 ASN A O   1 
ATOM   1385 C CB  A ASN A 1 181 ? -1.849  -9.951  4.870   0.50 26.37  ? 195 ASN A CB  1 
ATOM   1386 C CB  B ASN A 1 181 ? -1.780  -9.905  4.869   0.50 24.87  ? 195 ASN A CB  1 
ATOM   1387 C CG  A ASN A 1 181 ? -2.724  -11.039 5.478   0.50 27.96  ? 195 ASN A CG  1 
ATOM   1388 C CG  B ASN A 1 181 ? -2.928  -10.844 5.142   0.50 26.02  ? 195 ASN A CG  1 
ATOM   1389 O OD1 A ASN A 1 181 ? -2.237  -11.894 6.219   0.50 31.34  ? 195 ASN A OD1 1 
ATOM   1390 O OD1 B ASN A 1 181 ? -3.623  -10.720 6.168   0.50 26.30  ? 195 ASN A OD1 1 
ATOM   1391 N ND2 A ASN A 1 181 ? -4.032  -11.010 5.175   0.50 28.37  ? 195 ASN A ND2 1 
ATOM   1392 N ND2 B ASN A 1 181 ? -3.158  -11.781 4.220   0.50 25.85  ? 195 ASN A ND2 1 
ATOM   1393 N N   . LEU A 1 182 ? -0.597  -7.048  4.340   1.00 22.41  ? 196 LEU A N   1 
ATOM   1394 C CA  . LEU A 1 182 ? 0.559   -6.206  4.029   1.00 23.43  ? 196 LEU A CA  1 
ATOM   1395 C C   . LEU A 1 182 ? 0.706   -5.038  5.001   1.00 21.65  ? 196 LEU A C   1 
ATOM   1396 O O   . LEU A 1 182 ? 1.825   -4.666  5.375   1.00 21.66  ? 196 LEU A O   1 
ATOM   1397 C CB  . LEU A 1 182 ? 0.556   -5.724  2.576   1.00 24.22  ? 196 LEU A CB  1 
ATOM   1398 C CG  . LEU A 1 182 ? 0.824   -6.808  1.518   1.00 24.33  ? 196 LEU A CG  1 
ATOM   1399 C CD1 . LEU A 1 182 ? 0.484   -6.296  0.124   1.00 26.73  ? 196 LEU A CD1 1 
ATOM   1400 C CD2 . LEU A 1 182 ? 2.257   -7.313  1.565   1.00 26.33  ? 196 LEU A CD2 1 
ATOM   1401 N N   . ALA A 1 183 ? -0.424  -4.467  5.404   1.00 23.42  ? 197 ALA A N   1 
ATOM   1402 C CA  . ALA A 1 183 ? -0.410  -3.357  6.360   1.00 23.03  ? 197 ALA A CA  1 
ATOM   1403 C C   . ALA A 1 183 ? 0.195   -3.788  7.706   1.00 22.66  ? 197 ALA A C   1 
ATOM   1404 O O   . ALA A 1 183 ? 1.027   -3.068  8.282   1.00 23.49  ? 197 ALA A O   1 
ATOM   1405 C CB  . ALA A 1 183 ? -1.808  -2.822  6.561   1.00 23.51  ? 197 ALA A CB  1 
ATOM   1406 N N   . VAL A 1 184 ? -0.201  -4.975  8.167   1.00 23.54  ? 198 VAL A N   1 
ATOM   1407 C CA  . VAL A 1 184 ? 0.356   -5.550  9.388   1.00 24.44  ? 198 VAL A CA  1 
ATOM   1408 C C   . VAL A 1 184 ? 1.849   -5.796  9.262   1.00 22.30  ? 198 VAL A C   1 
ATOM   1409 O O   . VAL A 1 184 ? 2.624   -5.427  10.144  1.00 22.77  ? 198 VAL A O   1 
ATOM   1410 C CB  . VAL A 1 184 ? -0.384  -6.849  9.823   1.00 24.57  ? 198 VAL A CB  1 
ATOM   1411 C CG1 . VAL A 1 184 ? 0.367   -7.549  10.966  1.00 26.34  ? 198 VAL A CG1 1 
ATOM   1412 C CG2 . VAL A 1 184 ? -1.812  -6.531  10.230  1.00 25.51  ? 198 VAL A CG2 1 
ATOM   1413 N N   . LEU A 1 185 ? 2.271   -6.386  8.150   1.00 22.13  ? 199 LEU A N   1 
ATOM   1414 C CA  . LEU A 1 185 ? 3.692   -6.595  7.891   1.00 22.23  ? 199 LEU A CA  1 
ATOM   1415 C C   . LEU A 1 185 ? 4.535   -5.309  8.006   1.00 23.70  ? 199 LEU A C   1 
ATOM   1416 O O   . LEU A 1 185 ? 5.560   -5.282  8.677   1.00 22.94  ? 199 LEU A O   1 
ATOM   1417 C CB  . LEU A 1 185 ? 3.906   -7.232  6.513   1.00 22.91  ? 199 LEU A CB  1 
ATOM   1418 C CG  . LEU A 1 185 ? 5.351   -7.447  6.070   1.00 23.08  ? 199 LEU A CG  1 
ATOM   1419 C CD1 . LEU A 1 185 ? 6.101   -8.397  7.014   1.00 25.04  ? 199 LEU A CD1 1 
ATOM   1420 C CD2 . LEU A 1 185 ? 5.388   -7.942  4.632   1.00 25.19  ? 199 LEU A CD2 1 
ATOM   1421 N N   . VAL A 1 186 ? 4.099   -4.254  7.337   1.00 23.01  ? 200 VAL A N   1 
ATOM   1422 C CA  . VAL A 1 186 ? 4.812   -2.983  7.340   1.00 24.03  ? 200 VAL A CA  1 
ATOM   1423 C C   . VAL A 1 186 ? 4.837   -2.390  8.758   1.00 22.80  ? 200 VAL A C   1 
ATOM   1424 O O   . VAL A 1 186 ? 5.870   -1.912  9.191   1.00 23.75  ? 200 VAL A O   1 
ATOM   1425 C CB  . VAL A 1 186 ? 4.172   -1.982  6.344   1.00 26.48  ? 200 VAL A CB  1 
ATOM   1426 C CG1 . VAL A 1 186 ? 4.785   -0.598  6.512   1.00 28.93  ? 200 VAL A CG1 1 
ATOM   1427 C CG2 . VAL A 1 186 ? 4.413   -2.450  4.934   1.00 29.08  ? 200 VAL A CG2 1 
ATOM   1428 N N   . ALA A 1 187 ? 3.717   -2.483  9.478   1.00 22.46  ? 201 ALA A N   1 
ATOM   1429 C CA  . ALA A 1 187 ? 3.658   -2.035  10.876  1.00 23.39  ? 201 ALA A CA  1 
ATOM   1430 C C   . ALA A 1 187 ? 4.676   -2.773  11.775  1.00 24.85  ? 201 ALA A C   1 
ATOM   1431 O O   . ALA A 1 187 ? 5.405   -2.147  12.574  1.00 22.63  ? 201 ALA A O   1 
ATOM   1432 C CB  . ALA A 1 187 ? 2.247   -2.168  11.420  1.00 24.24  ? 201 ALA A CB  1 
ATOM   1433 N N   . PHE A 1 188 ? 4.717   -4.103  11.665  1.00 23.33  ? 202 PHE A N   1 
ATOM   1434 C CA  . PHE A 1 188 ? 5.715   -4.884  12.410  1.00 24.03  ? 202 PHE A CA  1 
ATOM   1435 C C   . PHE A 1 188 ? 7.127   -4.446  12.055  1.00 23.61  ? 202 PHE A C   1 
ATOM   1436 O O   . PHE A 1 188 ? 7.962   -4.263  12.925  1.00 24.43  ? 202 PHE A O   1 
ATOM   1437 C CB  . PHE A 1 188 ? 5.612   -6.389  12.124  1.00 24.46  ? 202 PHE A CB  1 
ATOM   1438 C CG  . PHE A 1 188 ? 4.418   -7.094  12.739  1.00 26.04  ? 202 PHE A CG  1 
ATOM   1439 C CD1 . PHE A 1 188 ? 3.569   -6.502  13.681  1.00 25.12  ? 202 PHE A CD1 1 
ATOM   1440 C CD2 . PHE A 1 188 ? 4.173   -8.420  12.379  1.00 28.13  ? 202 PHE A CD2 1 
ATOM   1441 C CE1 . PHE A 1 188 ? 2.495   -7.197  14.229  1.00 27.49  ? 202 PHE A CE1 1 
ATOM   1442 C CE2 . PHE A 1 188 ? 3.108   -9.122  12.925  1.00 27.61  ? 202 PHE A CE2 1 
ATOM   1443 C CZ  . PHE A 1 188 ? 2.278   -8.512  13.864  1.00 28.05  ? 202 PHE A CZ  1 
ATOM   1444 N N   . ILE A 1 189 ? 7.435   -4.327  10.755  1.00 21.65  ? 203 ILE A N   1 
ATOM   1445 C CA  . ILE A 1 189 ? 8.784   -3.993  10.338  1.00 22.74  ? 203 ILE A CA  1 
ATOM   1446 C C   . ILE A 1 189 ? 9.253   -2.678  10.954  1.00 23.15  ? 203 ILE A C   1 
ATOM   1447 O O   . ILE A 1 189 ? 10.377  -2.580  11.483  1.00 23.50  ? 203 ILE A O   1 
ATOM   1448 C CB  . ILE A 1 189 ? 8.900   -3.931  8.791   1.00 22.09  ? 203 ILE A CB  1 
ATOM   1449 C CG1 . ILE A 1 189 ? 8.838   -5.354  8.208   1.00 24.86  ? 203 ILE A CG1 1 
ATOM   1450 C CG2 . ILE A 1 189 ? 10.187  -3.245  8.348   1.00 22.33  ? 203 ILE A CG2 1 
ATOM   1451 C CD1 . ILE A 1 189 ? 8.705   -5.408  6.681   1.00 25.48  ? 203 ILE A CD1 1 
ATOM   1452 N N   . ILE A 1 190 ? 8.376   -1.674  10.884  1.00 22.55  ? 204 ILE A N   1 
ATOM   1453 C CA  . ILE A 1 190 ? 8.768   -0.311  11.242  1.00 24.23  ? 204 ILE A CA  1 
ATOM   1454 C C   . ILE A 1 190 ? 8.656   -0.040  12.751  1.00 23.12  ? 204 ILE A C   1 
ATOM   1455 O O   . ILE A 1 190 ? 9.482   0.675   13.294  1.00 25.19  ? 204 ILE A O   1 
ATOM   1456 C CB  . ILE A 1 190 ? 7.942   0.719   10.428  1.00 24.28  ? 204 ILE A CB  1 
ATOM   1457 C CG1 . ILE A 1 190 ? 8.304   0.591   8.938   1.00 25.67  ? 204 ILE A CG1 1 
ATOM   1458 C CG2 . ILE A 1 190 ? 8.146   2.133   10.970  1.00 26.18  ? 204 ILE A CG2 1 
ATOM   1459 C CD1 . ILE A 1 190 ? 7.430   1.420   8.022   1.00 27.03  ? 204 ILE A CD1 1 
ATOM   1460 N N   . LEU A 1 191 ? 7.675   -0.636  13.405  1.00 23.72  ? 205 LEU A N   1 
ATOM   1461 C CA  . LEU A 1 191 ? 7.340   -0.264  14.796  1.00 25.08  ? 205 LEU A CA  1 
ATOM   1462 C C   . LEU A 1 191 ? 7.732   -1.269  15.875  1.00 27.61  ? 205 LEU A C   1 
ATOM   1463 O O   . LEU A 1 191 ? 7.696   -0.919  17.068  1.00 27.10  ? 205 LEU A O   1 
ATOM   1464 C CB  . LEU A 1 191 ? 5.856   0.029   14.905  1.00 25.50  ? 205 LEU A CB  1 
ATOM   1465 C CG  . LEU A 1 191 ? 5.339   1.154   13.997  1.00 26.34  ? 205 LEU A CG  1 
ATOM   1466 C CD1 . LEU A 1 191 ? 3.832   1.256   14.146  1.00 26.81  ? 205 LEU A CD1 1 
ATOM   1467 C CD2 . LEU A 1 191 ? 6.003   2.473   14.330  1.00 28.65  ? 205 LEU A CD2 1 
ATOM   1468 N N   . GLU A 1 192 ? 8.072   -2.507  15.506  1.00 27.23  ? 206 GLU A N   1 
ATOM   1469 C CA  . GLU A 1 192 ? 8.447   -3.476  16.555  1.00 29.33  ? 206 GLU A CA  1 
ATOM   1470 C C   . GLU A 1 192 ? 9.685   -3.008  17.319  1.00 28.55  ? 206 GLU A C   1 
ATOM   1471 O O   . GLU A 1 192 ? 10.601  -2.390  16.767  1.00 28.61  ? 206 GLU A O   1 
ATOM   1472 C CB  . GLU A 1 192 ? 8.689   -4.874  15.987  1.00 32.11  ? 206 GLU A CB  1 
ATOM   1473 C CG  . GLU A 1 192 ? 10.023  -4.990  15.278  1.00 34.32  ? 206 GLU A CG  1 
ATOM   1474 C CD  . GLU A 1 192 ? 10.370  -6.424  14.907  1.00 40.65  ? 206 GLU A CD  1 
ATOM   1475 O OE1 . GLU A 1 192 ? 9.820   -7.353  15.534  1.00 39.75  ? 206 GLU A OE1 1 
ATOM   1476 O OE2 . GLU A 1 192 ? 11.208  -6.582  14.008  1.00 43.30  ? 206 GLU A OE2 1 
ATOM   1477 N N   . LYS A 1 193 ? 9.701   -3.275  18.617  1.00 31.64  ? 207 LYS A N   1 
ATOM   1478 C CA  . LYS A 1 193 ? 10.878  -3.024  19.429  1.00 34.31  ? 207 LYS A CA  1 
ATOM   1479 C C   . LYS A 1 193 ? 11.451  -1.630  19.285  1.00 35.01  ? 207 LYS A C   1 
ATOM   1480 O O   . LYS A 1 193 ? 12.578  -1.467  18.843  1.00 35.63  ? 207 LYS A O   1 
ATOM   1481 C CB  . LYS A 1 193 ? 11.973  -4.055  19.131  1.00 42.14  ? 207 LYS A CB  1 
ATOM   1482 C CG  . LYS A 1 193 ? 11.543  -5.507  19.284  1.00 44.67  ? 207 LYS A CG  1 
ATOM   1483 C CD  . LYS A 1 193 ? 12.711  -6.419  18.886  1.00 53.81  ? 207 LYS A CD  1 
ATOM   1484 C CE  . LYS A 1 193 ? 12.269  -7.736  18.247  1.00 58.40  ? 207 LYS A CE  1 
ATOM   1485 N NZ  . LYS A 1 193 ? 13.353  -8.330  17.402  1.00 61.68  ? 207 LYS A NZ  1 
ATOM   1486 N N   A LYS A 1 194 ? 10.664  -0.633  19.679  0.70 35.99  ? 208 LYS A N   1 
ATOM   1487 N N   B LYS A 1 194 ? 10.656  -0.628  19.646  0.30 35.53  ? 208 LYS A N   1 
ATOM   1488 C CA  A LYS A 1 194 ? 11.082  0.779   19.639  0.70 40.48  ? 208 LYS A CA  1 
ATOM   1489 C CA  B LYS A 1 194 ? 11.111  0.764   19.646  0.30 37.50  ? 208 LYS A CA  1 
ATOM   1490 C C   A LYS A 1 194 ? 10.971  1.394   21.025  0.70 39.15  ? 208 LYS A C   1 
ATOM   1491 C C   B LYS A 1 194 ? 10.981  1.376   21.031  0.30 39.23  ? 208 LYS A C   1 
ATOM   1492 O O   A LYS A 1 194 ? 9.942   1.238   21.667  0.70 35.33  ? 208 LYS A O   1 
ATOM   1493 O O   B LYS A 1 194 ? 9.958   1.191   21.686  0.30 37.72  ? 208 LYS A O   1 
ATOM   1494 C CB  A LYS A 1 194 ? 10.193  1.576   18.684  0.70 42.25  ? 208 LYS A CB  1 
ATOM   1495 C CB  B LYS A 1 194 ? 10.321  1.605   18.652  0.30 36.27  ? 208 LYS A CB  1 
ATOM   1496 C CG  A LYS A 1 194 ? 10.350  1.198   17.220  0.70 46.90  ? 208 LYS A CG  1 
ATOM   1497 C CG  B LYS A 1 194 ? 11.154  2.096   17.486  0.30 36.32  ? 208 LYS A CG  1 
ATOM   1498 C CD  A LYS A 1 194 ? 11.090  2.253   16.415  0.70 50.25  ? 208 LYS A CD  1 
ATOM   1499 C CD  B LYS A 1 194 ? 10.486  3.306   16.853  0.30 36.65  ? 208 LYS A CD  1 
ATOM   1500 C CE  A LYS A 1 194 ? 10.217  3.483   16.199  0.70 49.98  ? 208 LYS A CE  1 
ATOM   1501 C CE  B LYS A 1 194 ? 9.056   2.967   16.489  0.30 35.16  ? 208 LYS A CE  1 
ATOM   1502 N NZ  A LYS A 1 194 ? 10.782  4.333   15.132  0.70 49.49  ? 208 LYS A NZ  1 
ATOM   1503 N NZ  B LYS A 1 194 ? 8.094   4.026   16.898  0.30 33.81  ? 208 LYS A NZ  1 
ATOM   1504 N N   . PRO A 1 195 ? 12.018  2.109   21.481  1.00 43.45  ? 209 PRO A N   1 
ATOM   1505 C CA  . PRO A 1 195 ? 11.904  2.884   22.728  1.00 47.67  ? 209 PRO A CA  1 
ATOM   1506 C C   . PRO A 1 195 ? 10.833  3.974   22.627  1.00 50.70  ? 209 PRO A C   1 
ATOM   1507 O O   . PRO A 1 195 ? 10.595  4.485   21.534  1.00 53.43  ? 209 PRO A O   1 
ATOM   1508 C CB  . PRO A 1 195 ? 13.293  3.526   22.879  1.00 49.70  ? 209 PRO A CB  1 
ATOM   1509 C CG  . PRO A 1 195 ? 14.210  2.701   22.052  1.00 50.72  ? 209 PRO A CG  1 
ATOM   1510 C CD  . PRO A 1 195 ? 13.387  2.175   20.922  1.00 47.49  ? 209 PRO A CD  1 
ATOM   1511 N N   . THR A 1 196 ? 10.167  4.287   23.736  1.00 53.16  ? 210 THR A N   1 
ATOM   1512 C CA  . THR A 1 196 ? 9.203   5.389   23.782  1.00 57.08  ? 210 THR A CA  1 
ATOM   1513 C C   . THR A 1 196 ? 9.918   6.638   24.313  1.00 61.54  ? 210 THR A C   1 
ATOM   1514 O O   . THR A 1 196 ? 9.990   7.659   23.631  1.00 68.70  ? 210 THR A O   1 
ATOM   1515 C CB  . THR A 1 196 ? 7.980   5.061   24.669  1.00 56.00  ? 210 THR A CB  1 
ATOM   1516 O OG1 . THR A 1 196 ? 8.376   4.994   26.044  1.00 56.91  ? 210 THR A OG1 1 
ATOM   1517 C CG2 . THR A 1 196 ? 7.361   3.733   24.268  1.00 56.94  ? 210 THR A CG2 1 
HETATM 1518 C C   . ACT B 2 .   ? 12.290  10.747  -4.925  1.00 81.29  ? 301 ACT A C   1 
HETATM 1519 O O   . ACT B 2 .   ? 11.608  10.808  -5.971  1.00 78.22  ? 301 ACT A O   1 
HETATM 1520 O OXT . ACT B 2 .   ? 12.090  11.531  -3.968  1.00 85.44  ? 301 ACT A OXT 1 
HETATM 1521 C CH3 . ACT B 2 .   ? 13.372  9.711   -4.817  1.00 79.75  ? 301 ACT A CH3 1 
HETATM 1522 C C   . ACT C 2 .   ? -1.450  -11.996 1.415   1.00 43.98  ? 302 ACT A C   1 
HETATM 1523 O O   . ACT C 2 .   ? -1.355  -12.654 0.349   1.00 56.02  ? 302 ACT A O   1 
HETATM 1524 O OXT . ACT C 2 .   ? -2.224  -12.327 2.323   1.00 52.47  ? 302 ACT A OXT 1 
HETATM 1525 C CH3 . ACT C 2 .   ? -0.621  -10.805 1.639   1.00 36.02  ? 302 ACT A CH3 1 
HETATM 1526 C C4  . H0A D 3 .   ? -6.551  -7.712  -5.525  1.00 53.43  ? 303 H0A A C4  1 
HETATM 1527 C C5  . H0A D 3 .   ? -6.688  -6.370  -6.183  1.00 45.41  ? 303 H0A A C5  1 
HETATM 1528 C C6  . H0A D 3 .   ? -6.817  -6.482  -7.698  1.00 44.18  ? 303 H0A A C6  1 
HETATM 1529 C C7  . H0A D 3 .   ? -6.942  -5.119  -8.390  1.00 42.40  ? 303 H0A A C7  1 
HETATM 1530 C C8  . H0A D 3 .   ? -5.726  -4.165  -8.437  1.00 41.99  ? 303 H0A A C8  1 
HETATM 1531 C C10 . H0A D 3 .   ? -4.371  -5.578  -6.710  1.00 41.46  ? 303 H0A A C10 1 
HETATM 1532 C C13 . H0A D 3 .   ? -5.338  -8.257  -5.047  1.00 53.18  ? 303 H0A A C13 1 
HETATM 1533 O O1  . H0A D 3 .   ? -4.553  -4.391  -4.222  1.00 41.51  ? 303 H0A A O1  1 
HETATM 1534 C C11 . H0A D 3 .   ? -5.594  -4.882  -4.599  1.00 39.76  ? 303 H0A A C11 1 
HETATM 1535 C C12 . H0A D 3 .   ? -6.794  -4.762  -3.675  1.00 37.05  ? 303 H0A A C12 1 
HETATM 1536 N N   . H0A D 3 .   ? -5.557  -5.536  -5.800  1.00 41.46  ? 303 H0A A N   1 
HETATM 1537 C C9  . H0A D 3 .   ? -4.380  -4.689  -7.979  1.00 43.11  ? 303 H0A A C9  1 
HETATM 1538 C C3  . H0A D 3 .   ? -7.725  -8.462  -5.365  1.00 56.98  ? 303 H0A A C3  1 
HETATM 1539 C C2  . H0A D 3 .   ? -7.694  -9.724  -4.748  1.00 57.47  ? 303 H0A A C2  1 
HETATM 1540 C C14 . H0A D 3 .   ? -5.301  -9.517  -4.435  1.00 54.67  ? 303 H0A A C14 1 
HETATM 1541 C C1  . H0A D 3 .   ? -6.478  -10.263 -4.276  1.00 61.15  ? 303 H0A A C1  1 
HETATM 1542 O O   . H0A D 3 .   ? -6.402  -11.510 -3.668  1.00 63.79  ? 303 H0A A O   1 
HETATM 1543 C C   . H0A D 3 .   ? -7.547  -12.291 -3.290  1.00 65.09  ? 303 H0A A C   1 
HETATM 1544 O O   . HOH E 4 .   ? 13.941  -9.214  -14.166 0.70 60.09  ? 401 HOH A O   1 
HETATM 1545 O O   . HOH E 4 .   ? 14.349  -11.218 -12.010 0.70 45.88  ? 402 HOH A O   1 
HETATM 1546 O O   . HOH E 4 .   ? 8.795   -8.150  17.435  1.00 44.99  ? 403 HOH A O   1 
HETATM 1547 O O   . HOH E 4 .   ? 13.284  -13.432 -10.713 1.00 32.77  ? 404 HOH A O   1 
HETATM 1548 O O   . HOH E 4 .   ? 11.900  6.540   15.151  1.00 47.66  ? 405 HOH A O   1 
HETATM 1549 O O   . HOH E 4 .   ? 10.357  17.523  -1.096  1.00 50.17  ? 406 HOH A O   1 
HETATM 1550 O O   . HOH E 4 .   ? -7.688  1.331   -11.088 1.00 51.30  ? 407 HOH A O   1 
HETATM 1551 O O   . HOH E 4 .   ? -0.474  -12.378 7.896   1.00 37.97  ? 408 HOH A O   1 
HETATM 1552 O O   . HOH E 4 .   ? -11.873 12.250  7.141   1.00 59.72  ? 409 HOH A O   1 
HETATM 1553 O O   . HOH E 4 .   ? -9.017  -10.845 5.720   1.00 44.29  ? 410 HOH A O   1 
HETATM 1554 O O   . HOH E 4 .   ? -2.170  15.100  -6.555  1.00 46.75  ? 411 HOH A O   1 
HETATM 1555 O O   . HOH E 4 .   ? -12.828 -3.577  2.118   1.00 42.98  ? 412 HOH A O   1 
HETATM 1556 O O   . HOH E 4 .   ? -2.063  -1.304  -16.281 1.00 47.04  ? 413 HOH A O   1 
HETATM 1557 O O   . HOH E 4 .   ? 10.101  5.359   12.191  1.00 36.86  ? 414 HOH A O   1 
HETATM 1558 O O   . HOH E 4 .   ? 4.424   -6.020  -11.497 1.00 35.10  ? 415 HOH A O   1 
HETATM 1559 O O   . HOH E 4 .   ? -3.635  -3.564  -1.918  1.00 27.96  ? 416 HOH A O   1 
HETATM 1560 O O   . HOH E 4 .   ? -5.949  12.632  -10.077 1.00 46.24  ? 417 HOH A O   1 
HETATM 1561 O O   . HOH E 4 .   ? 0.336   -7.410  -17.465 1.00 54.26  ? 418 HOH A O   1 
HETATM 1562 O O   . HOH E 4 .   ? 14.289  12.852  8.599   1.00 52.80  ? 419 HOH A O   1 
HETATM 1563 O O   . HOH E 4 .   ? -18.650 6.581   13.639  1.00 51.55  ? 420 HOH A O   1 
HETATM 1564 O O   . HOH E 4 .   ? 5.775   3.272   -16.363 1.00 30.14  ? 421 HOH A O   1 
HETATM 1565 O O   . HOH E 4 .   ? -9.367  -7.075  0.006   1.00 45.64  ? 422 HOH A O   1 
HETATM 1566 O O   . HOH E 4 .   ? 9.772   -7.139  -8.785  1.00 54.89  ? 423 HOH A O   1 
HETATM 1567 O O   . HOH E 4 .   ? 7.820   19.233  -1.231  1.00 32.38  ? 424 HOH A O   1 
HETATM 1568 O O   . HOH E 4 .   ? 16.513  -14.467 -8.685  1.00 42.97  ? 425 HOH A O   1 
HETATM 1569 O O   . HOH E 4 .   ? 2.680   -19.647 -8.555  1.00 29.04  ? 426 HOH A O   1 
HETATM 1570 O O   . HOH E 4 .   ? -15.902 6.663   -8.184  1.00 45.28  ? 427 HOH A O   1 
HETATM 1571 O O   . HOH E 4 .   ? 19.154  -0.956  6.921   1.00 41.13  ? 428 HOH A O   1 
HETATM 1572 O O   . HOH E 4 .   ? 4.808   4.451   -18.554 1.00 35.76  ? 429 HOH A O   1 
HETATM 1573 O O   . HOH E 4 .   ? 12.240  12.130  13.919  1.00 49.31  ? 430 HOH A O   1 
HETATM 1574 O O   . HOH E 4 .   ? -4.286  -2.333  -6.037  1.00 47.56  ? 431 HOH A O   1 
HETATM 1575 O O   . HOH E 4 .   ? -6.868  16.041  -1.054  1.00 56.10  ? 432 HOH A O   1 
HETATM 1576 O O   . HOH E 4 .   ? -0.404  6.558   -17.067 1.00 44.68  ? 433 HOH A O   1 
HETATM 1577 O O   . HOH E 4 .   ? 13.797  -2.932  -4.180  1.00 57.90  ? 434 HOH A O   1 
HETATM 1578 O O   . HOH E 4 .   ? 17.874  5.337   6.735   1.00 41.56  ? 435 HOH A O   1 
HETATM 1579 O O   . HOH E 4 .   ? 3.719   7.950   -8.980  1.00 34.03  ? 436 HOH A O   1 
HETATM 1580 O O   . HOH E 4 .   ? -11.546 10.746  -14.479 1.00 47.12  ? 437 HOH A O   1 
HETATM 1581 O O   . HOH E 4 .   ? 4.777   -8.460  -10.134 1.00 30.23  ? 438 HOH A O   1 
HETATM 1582 O O   . HOH E 4 .   ? 0.533   3.180   -20.035 1.00 39.32  ? 439 HOH A O   1 
HETATM 1583 O O   . HOH E 4 .   ? -1.017  14.974  -10.183 1.00 44.74  ? 440 HOH A O   1 
HETATM 1584 O O   . HOH E 4 .   ? 8.969   15.887  -3.572  1.00 44.43  ? 441 HOH A O   1 
HETATM 1585 O O   . HOH E 4 .   ? -12.801 -2.056  -15.568 1.00 71.41  ? 442 HOH A O   1 
HETATM 1586 O O   . HOH E 4 .   ? 11.404  -9.368  -6.866  1.00 49.07  ? 443 HOH A O   1 
HETATM 1587 O O   . HOH E 4 .   ? -9.426  -4.715  1.652   1.00 29.30  ? 444 HOH A O   1 
HETATM 1588 O O   . HOH E 4 .   ? -6.391  -6.343  18.085  1.00 56.03  ? 445 HOH A O   1 
HETATM 1589 O O   . HOH E 4 .   ? 4.972   12.367  4.534   1.00 39.51  ? 446 HOH A O   1 
HETATM 1590 O O   . HOH E 4 .   ? 11.186  2.746   12.790  1.00 33.31  ? 447 HOH A O   1 
HETATM 1591 O O   . HOH E 4 .   ? -19.812 9.663   10.671  1.00 44.96  ? 448 HOH A O   1 
HETATM 1592 O O   . HOH E 4 .   ? -8.614  -13.585 7.845   1.00 66.40  ? 449 HOH A O   1 
HETATM 1593 O O   . HOH E 4 .   ? -0.287  6.395   15.516  1.00 36.84  ? 450 HOH A O   1 
HETATM 1594 O O   . HOH E 4 .   ? -13.488 9.906   -6.324  1.00 34.03  ? 451 HOH A O   1 
HETATM 1595 O O   . HOH E 4 .   ? -7.063  1.539   -6.349  1.00 38.22  ? 452 HOH A O   1 
HETATM 1596 O O   . HOH E 4 .   ? -1.905  3.665   -18.733 1.00 48.09  ? 453 HOH A O   1 
HETATM 1597 O O   . HOH E 4 .   ? -11.499 13.932  -6.548  1.00 35.13  ? 454 HOH A O   1 
HETATM 1598 O O   . HOH E 4 .   ? -9.047  7.883   7.591   1.00 47.14  ? 455 HOH A O   1 
HETATM 1599 O O   . HOH E 4 .   ? 16.456  2.200   -0.213  1.00 59.76  ? 456 HOH A O   1 
HETATM 1600 O O   . HOH E 4 .   ? 5.578   -12.337 -17.288 1.00 38.75  ? 457 HOH A O   1 
HETATM 1601 O O   . HOH E 4 .   ? 0.819   13.936  1.955   1.00 46.38  ? 458 HOH A O   1 
HETATM 1602 O O   . HOH E 4 .   ? -6.894  6.949   14.541  1.00 39.79  ? 459 HOH A O   1 
HETATM 1603 O O   . HOH E 4 .   ? -1.650  -7.125  14.619  1.00 36.31  ? 460 HOH A O   1 
HETATM 1604 O O   . HOH E 4 .   ? -6.548  -11.976 5.841   1.00 54.78  ? 461 HOH A O   1 
HETATM 1605 O O   . HOH E 4 .   ? 6.893   -3.804  -19.011 1.00 28.67  ? 462 HOH A O   1 
HETATM 1606 O O   . HOH E 4 .   ? -5.726  0.660   17.636  1.00 48.43  ? 463 HOH A O   1 
HETATM 1607 O O   . HOH E 4 .   ? 6.058   4.665   -13.890 1.00 29.71  ? 464 HOH A O   1 
HETATM 1608 O O   . HOH E 4 .   ? 12.097  -4.717  11.972  1.00 32.81  ? 465 HOH A O   1 
HETATM 1609 O O   . HOH E 4 .   ? -5.956  -0.619  -6.991  1.00 52.64  ? 466 HOH A O   1 
HETATM 1610 O O   . HOH E 4 .   ? 9.361   -0.009  24.139  1.00 31.91  ? 467 HOH A O   1 
HETATM 1611 O O   . HOH E 4 .   ? 18.546  -8.324  5.569   1.00 53.56  ? 468 HOH A O   1 
HETATM 1612 O O   . HOH E 4 .   ? -1.309  0.580   18.465  1.00 46.94  ? 469 HOH A O   1 
HETATM 1613 O O   . HOH E 4 .   ? 11.823  6.442   -5.797  1.00 38.13  ? 470 HOH A O   1 
HETATM 1614 O O   . HOH E 4 .   ? -15.630 5.685   1.140   1.00 59.63  ? 471 HOH A O   1 
HETATM 1615 O O   . HOH E 4 .   ? 0.597   -11.169 -18.282 1.00 59.73  ? 472 HOH A O   1 
HETATM 1616 O O   . HOH E 4 .   ? 9.922   8.016   -7.742  1.00 40.66  ? 473 HOH A O   1 
HETATM 1617 O O   . HOH E 4 .   ? -6.772  -7.227  -0.450  1.00 35.67  ? 474 HOH A O   1 
HETATM 1618 O O   . HOH E 4 .   ? -17.161 0.468   5.760   1.00 65.16  ? 475 HOH A O   1 
HETATM 1619 O O   . HOH E 4 .   ? -13.819 0.857   14.132  1.00 50.97  ? 476 HOH A O   1 
HETATM 1620 O O   . HOH E 4 .   ? 14.774  -2.543  -12.092 1.00 59.41  ? 477 HOH A O   1 
HETATM 1621 O O   . HOH E 4 .   ? -16.100 13.634  5.947   1.00 42.66  ? 478 HOH A O   1 
HETATM 1622 O O   . HOH E 4 .   ? -1.515  9.569   -14.601 1.00 48.26  ? 479 HOH A O   1 
HETATM 1623 O O   . HOH E 4 .   ? 1.939   -9.478  -16.805 1.00 38.19  ? 480 HOH A O   1 
HETATM 1624 O O   . HOH E 4 .   ? 4.962   11.002  -14.649 1.00 57.65  ? 481 HOH A O   1 
HETATM 1625 O O   . HOH E 4 .   ? -8.576  1.676   -8.667  1.00 37.43  ? 482 HOH A O   1 
HETATM 1626 O O   . HOH E 4 .   ? -2.020  -22.121 -13.826 1.00 56.30  ? 483 HOH A O   1 
HETATM 1627 O O   . HOH E 4 .   ? 11.367  2.475   -12.078 1.00 44.78  ? 484 HOH A O   1 
HETATM 1628 O O   . HOH E 4 .   ? -4.609  -18.430 -5.000  1.00 48.15  ? 485 HOH A O   1 
HETATM 1629 O O   . HOH E 4 .   ? -3.714  13.443  0.596   1.00 40.46  ? 486 HOH A O   1 
HETATM 1630 O O   . HOH E 4 .   ? 4.127   -18.727 -17.748 1.00 48.23  ? 487 HOH A O   1 
HETATM 1631 O O   . HOH E 4 .   ? 10.746  -7.536  -14.158 1.00 58.08  ? 488 HOH A O   1 
HETATM 1632 O O   . HOH E 4 .   ? 16.007  1.929   12.086  1.00 50.16  ? 489 HOH A O   1 
HETATM 1633 O O   . HOH E 4 .   ? 7.690   -12.106 -11.818 1.00 32.87  ? 490 HOH A O   1 
HETATM 1634 O O   . HOH E 4 .   ? -4.831  -5.795  20.534  1.00 56.90  ? 491 HOH A O   1 
HETATM 1635 O O   . HOH E 4 .   ? 8.479   15.106  2.808   1.00 35.00  ? 492 HOH A O   1 
HETATM 1636 O O   . HOH E 4 .   ? 2.351   -15.721 -1.628  1.00 35.94  ? 493 HOH A O   1 
HETATM 1637 O O   . HOH E 4 .   ? 9.449   11.359  -0.593  1.00 36.81  ? 494 HOH A O   1 
HETATM 1638 O O   . HOH E 4 .   ? 11.818  10.962  0.692   1.00 45.47  ? 495 HOH A O   1 
HETATM 1639 O O   . HOH E 4 .   ? 7.382   2.150   20.688  1.00 33.54  ? 496 HOH A O   1 
HETATM 1640 O O   . HOH E 4 .   ? 7.944   -11.878 -16.306 1.00 56.92  ? 497 HOH A O   1 
HETATM 1641 O O   . HOH E 4 .   ? -4.708  -2.684  -13.607 1.00 40.40  ? 498 HOH A O   1 
HETATM 1642 O O   . HOH E 4 .   ? -19.190 4.787   8.530   1.00 53.01  ? 499 HOH A O   1 
HETATM 1643 O O   . HOH E 4 .   ? 5.144   17.676  -3.411  1.00 35.10  ? 500 HOH A O   1 
HETATM 1644 O O   . HOH E 4 .   ? -3.743  10.283  12.950  1.00 53.45  ? 501 HOH A O   1 
HETATM 1645 O O   . HOH E 4 .   ? -5.876  -1.008  -11.012 1.00 37.87  ? 502 HOH A O   1 
HETATM 1646 O O   . HOH E 4 .   ? 1.257   5.309   13.593  1.00 27.45  ? 503 HOH A O   1 
HETATM 1647 O O   . HOH E 4 .   ? -10.537 -6.794  17.916  1.00 50.71  ? 504 HOH A O   1 
HETATM 1648 O O   . HOH E 4 .   ? -1.476  -4.149  -19.152 1.00 51.89  ? 505 HOH A O   1 
HETATM 1649 O O   . HOH E 4 .   ? 6.773   1.681   18.052  1.00 33.66  ? 506 HOH A O   1 
HETATM 1650 O O   . HOH E 4 .   ? 0.309   7.568   -14.737 1.00 39.36  ? 507 HOH A O   1 
HETATM 1651 O O   . HOH E 4 .   ? 0.109   17.103  -4.521  1.00 30.92  ? 508 HOH A O   1 
HETATM 1652 O O   . HOH E 4 .   ? 11.021  -5.474  -12.082 1.00 37.27  ? 509 HOH A O   1 
HETATM 1653 O O   . HOH E 4 .   ? -7.874  10.151  5.551   1.00 31.91  ? 510 HOH A O   1 
HETATM 1654 O O   . HOH E 4 .   ? 8.871   -9.340  -7.617  1.00 50.60  ? 511 HOH A O   1 
HETATM 1655 O O   . HOH E 4 .   ? -6.881  -10.035 -1.029  1.00 43.06  ? 512 HOH A O   1 
HETATM 1656 O O   . HOH E 4 .   ? -11.791 -4.601  0.681   1.00 49.86  ? 513 HOH A O   1 
HETATM 1657 O O   . HOH E 4 .   ? 4.672   6.101   13.616  1.00 33.34  ? 514 HOH A O   1 
HETATM 1658 O O   . HOH E 4 .   ? -4.740  11.246  -11.965 1.00 38.48  ? 515 HOH A O   1 
HETATM 1659 O O   . HOH E 4 .   ? -10.889 2.776   14.607  1.00 41.90  ? 516 HOH A O   1 
HETATM 1660 O O   . HOH E 4 .   ? 0.314   15.892  -7.084  1.00 36.10  ? 517 HOH A O   1 
HETATM 1661 O O   . HOH E 4 .   ? -17.455 4.543   -7.389  1.00 53.74  ? 518 HOH A O   1 
HETATM 1662 O O   . HOH E 4 .   ? 11.277  -2.617  -9.741  1.00 35.51  ? 519 HOH A O   1 
HETATM 1663 O O   . HOH E 4 .   ? 19.895  1.600   5.790   1.00 61.63  ? 520 HOH A O   1 
HETATM 1664 O O   . HOH E 4 .   ? -15.644 9.565   2.430   1.00 51.94  ? 521 HOH A O   1 
HETATM 1665 O O   . HOH E 4 .   ? 4.933   7.099   -13.757 1.00 55.30  ? 522 HOH A O   1 
HETATM 1666 O O   . HOH E 4 .   ? 0.454   -20.971 -13.875 1.00 46.84  ? 523 HOH A O   1 
HETATM 1667 O O   . HOH E 4 .   ? -10.742 -11.234 2.968   1.00 63.02  ? 524 HOH A O   1 
HETATM 1668 O O   . HOH E 4 .   ? 5.574   15.035  -12.942 1.00 60.32  ? 525 HOH A O   1 
HETATM 1669 O O   . HOH E 4 .   ? 7.330   13.908  -11.254 1.00 49.25  ? 526 HOH A O   1 
HETATM 1670 O O   . HOH E 4 .   ? 4.460   23.026  3.880   1.00 50.69  ? 527 HOH A O   1 
HETATM 1671 O O   . HOH E 4 .   ? 12.163  -5.417  -15.745 1.00 53.97  ? 528 HOH A O   1 
HETATM 1672 O O   . HOH E 4 .   ? -4.882  9.120   14.965  1.00 56.04  ? 529 HOH A O   1 
HETATM 1673 O O   . HOH E 4 .   ? 15.627  -7.253  10.391  1.00 51.87  ? 530 HOH A O   1 
HETATM 1674 O O   . HOH E 4 .   ? 3.100   19.983  4.820   1.00 47.60  ? 531 HOH A O   1 
HETATM 1675 O O   . HOH E 4 .   ? 3.437   -6.026  -20.271 1.00 50.89  ? 532 HOH A O   1 
HETATM 1676 O O   . HOH E 4 .   ? 10.647  1.667   25.820  1.00 47.03  ? 533 HOH A O   1 
HETATM 1677 O O   . HOH E 4 .   ? 0.182   -7.623  16.908  1.00 53.57  ? 534 HOH A O   1 
HETATM 1678 O O   . HOH E 4 .   ? 14.964  -0.235  -14.911 1.00 64.75  ? 535 HOH A O   1 
HETATM 1679 O O   . HOH E 4 .   ? 13.953  2.311   14.025  1.00 58.40  ? 536 HOH A O   1 
HETATM 1680 O O   . HOH E 4 .   ? -13.380 11.361  -4.085  1.00 34.17  ? 537 HOH A O   1 
HETATM 1681 O O   . HOH E 4 .   ? 17.454  -0.243  11.406  1.00 50.89  ? 538 HOH A O   1 
HETATM 1682 O O   . HOH E 4 .   ? 2.894   7.707   -15.286 1.00 51.43  ? 539 HOH A O   1 
HETATM 1683 O O   . HOH E 4 .   ? 7.880   5.889   13.661  1.00 47.96  ? 540 HOH A O   1 
HETATM 1684 O O   . HOH E 4 .   ? -10.006 14.908  15.719  1.00 67.24  ? 541 HOH A O   1 
HETATM 1685 O O   . HOH E 4 .   ? 11.678  -5.380  -8.462  1.00 49.51  ? 542 HOH A O   1 
HETATM 1686 O O   . HOH E 4 .   ? 11.435  17.670  -6.843  1.00 39.75  ? 543 HOH A O   1 
HETATM 1687 O O   . HOH E 4 .   ? -3.302  -7.082  22.463  1.00 60.05  ? 544 HOH A O   1 
HETATM 1688 O O   . HOH E 4 .   ? 9.351   1.972   28.110  1.00 48.94  ? 545 HOH A O   1 
HETATM 1689 O O   . HOH E 4 .   ? -17.231 11.473  14.839  1.00 62.37  ? 546 HOH A O   1 
HETATM 1690 O O   . HOH E 4 .   ? -10.232 -9.655  0.383   1.00 48.93  ? 547 HOH A O   1 
HETATM 1691 O O   . HOH E 4 .   ? 12.929  -0.960  -8.259  1.00 59.43  ? 548 HOH A O   1 
HETATM 1692 O O   . HOH E 4 .   ? -2.934  5.044   16.359  1.00 49.97  ? 549 HOH A O   1 
HETATM 1693 O O   . HOH E 4 .   ? 12.991  -0.851  -5.013  1.00 60.15  ? 550 HOH A O   1 
HETATM 1694 O O   . HOH E 4 .   ? -5.263  4.473   15.321  1.00 45.20  ? 551 HOH A O   1 
HETATM 1695 O O   . HOH E 4 .   ? -9.080  -12.932 1.474   1.00 72.15  ? 552 HOH A O   1 
HETATM 1696 O O   . HOH E 4 .   ? 4.029   2.231   17.770  1.00 37.22  ? 553 HOH A O   1 
HETATM 1697 O O   . HOH E 4 .   ? 3.647   4.858   16.013  1.00 44.72  ? 554 HOH A O   1 
HETATM 1698 O O   . HOH E 4 .   ? 1.036   5.873   17.801  1.00 46.23  ? 555 HOH A O   1 
HETATM 1699 O O   . HOH E 4 .   ? 1.145   4.989   -21.910 1.00 54.97  ? 556 HOH A O   1 
HETATM 1700 O O   . HOH E 4 .   ? 2.805   8.485   18.206  1.00 60.10  ? 557 HOH A O   1 
HETATM 1701 O O   . HOH E 4 .   ? -6.691  2.895   17.023  1.00 55.22  ? 558 HOH A O   1 
HETATM 1702 O O   . HOH E 4 .   ? 0.424   3.992   19.394  1.00 39.49  ? 559 HOH A O   1 
# 
loop_
_pdbx_poly_seq_scheme.asym_id 
_pdbx_poly_seq_scheme.entity_id 
_pdbx_poly_seq_scheme.seq_id 
_pdbx_poly_seq_scheme.mon_id 
_pdbx_poly_seq_scheme.ndb_seq_num 
_pdbx_poly_seq_scheme.pdb_seq_num 
_pdbx_poly_seq_scheme.auth_seq_num 
_pdbx_poly_seq_scheme.pdb_mon_id 
_pdbx_poly_seq_scheme.auth_mon_id 
_pdbx_poly_seq_scheme.pdb_strand_id 
_pdbx_poly_seq_scheme.pdb_ins_code 
_pdbx_poly_seq_scheme.hetero 
A 1 1   SER 1   15  15  SER SER A . n 
A 1 2   MET 2   16  16  MET MET A . n 
A 1 3   LEU 3   17  17  LEU LEU A . n 
A 1 4   ASP 4   18  18  ASP ASP A . n 
A 1 5   ASP 5   19  19  ASP ASP A . n 
A 1 6   ALA 6   20  20  ALA ALA A . n 
A 1 7   LYS 7   21  21  LYS LYS A . n 
A 1 8   ALA 8   22  22  ALA ALA A . n 
A 1 9   ARG 9   23  23  ARG ARG A . n 
A 1 10  LEU 10  24  24  LEU LEU A . n 
A 1 11  ARG 11  25  25  ARG ARG A . n 
A 1 12  LYS 12  26  26  LYS LYS A . n 
A 1 13  TYR 13  27  27  TYR TYR A . n 
A 1 14  ASP 14  28  28  ASP ASP A . n 
A 1 15  ILE 15  29  29  ILE ILE A . n 
A 1 16  GLY 16  30  30  GLY GLY A . n 
A 1 17  GLY 17  31  31  GLY GLY A . n 
A 1 18  LYS 18  32  32  LYS LYS A . n 
A 1 19  TYR 19  33  33  TYR TYR A . n 
A 1 20  SER 20  34  34  SER SER A . n 
A 1 21  HIS 21  35  35  HIS HIS A . n 
A 1 22  LEU 22  36  36  LEU LEU A . n 
A 1 23  PRO 23  37  37  PRO PRO A . n 
A 1 24  TYR 24  38  38  TYR TYR A . n 
A 1 25  ASN 25  39  39  ASN ASN A . n 
A 1 26  LYS 26  40  40  LYS LYS A . n 
A 1 27  TYR 27  41  41  TYR TYR A . n 
A 1 28  SER 28  42  42  SER SER A . n 
A 1 29  VAL 29  43  43  VAL VAL A . n 
A 1 30  LEU 30  44  44  LEU LEU A . n 
A 1 31  LEU 31  45  45  LEU LEU A . n 
A 1 32  PRO 32  46  46  PRO PRO A . n 
A 1 33  LEU 33  47  47  LEU LEU A . n 
A 1 34  VAL 34  48  48  VAL VAL A . n 
A 1 35  ALA 35  49  49  ALA ALA A . n 
A 1 36  LYS 36  50  50  LYS LYS A . n 
A 1 37  GLU 37  51  51  GLU GLU A . n 
A 1 38  GLY 38  52  52  GLY GLY A . n 
A 1 39  LYS 39  53  53  LYS LYS A . n 
A 1 40  LEU 40  54  54  LEU LEU A . n 
A 1 41  HIS 41  55  55  HIS HIS A . n 
A 1 42  LEU 42  56  56  LEU LEU A . n 
A 1 43  LEU 43  57  57  LEU LEU A . n 
A 1 44  PHE 44  58  58  PHE PHE A . n 
A 1 45  THR 45  59  59  THR THR A . n 
A 1 46  VAL 46  60  60  VAL VAL A . n 
A 1 47  ARG 47  61  61  ARG ARG A . n 
A 1 48  SER 48  62  62  SER SER A . n 
A 1 49  GLU 49  63  63  GLU GLU A . n 
A 1 50  LYS 50  64  64  LYS LYS A . n 
A 1 51  LEU 51  65  65  LEU LEU A . n 
A 1 52  ARG 52  66  66  ARG ARG A . n 
A 1 53  ARG 53  67  67  ARG ARG A . n 
A 1 54  ALA 54  68  68  ALA ALA A . n 
A 1 55  PRO 55  69  69  PRO PRO A . n 
A 1 56  GLY 56  70  70  GLY GLY A . n 
A 1 57  GLU 57  71  71  GLU GLU A . n 
A 1 58  VAL 58  72  72  VAL VAL A . n 
A 1 59  CYS 59  73  73  CYS CYS A . n 
A 1 60  PHE 60  74  74  PHE PHE A . n 
A 1 61  PRO 61  75  75  PRO PRO A . n 
A 1 62  GLY 62  76  76  GLY GLY A . n 
A 1 63  GLY 63  77  77  GLY GLY A . n 
A 1 64  LYS 64  78  78  LYS LYS A . n 
A 1 65  ARG 65  79  79  ARG ARG A . n 
A 1 66  ASP 66  80  80  ASP ASP A . n 
A 1 67  PRO 67  81  81  PRO PRO A . n 
A 1 68  THR 68  82  82  THR THR A . n 
A 1 69  ASP 69  83  83  ASP ASP A . n 
A 1 70  MET 70  84  84  MET MET A . n 
A 1 71  ASP 71  85  85  ASP ASP A . n 
A 1 72  ASP 72  86  86  ASP ASP A . n 
A 1 73  ALA 73  87  87  ALA ALA A . n 
A 1 74  ALA 74  88  88  ALA ALA A . n 
A 1 75  THR 75  89  89  THR THR A . n 
A 1 76  ALA 76  90  90  ALA ALA A . n 
A 1 77  LEU 77  91  91  LEU LEU A . n 
A 1 78  ARG 78  92  92  ARG ARG A . n 
A 1 79  GLU 79  93  93  GLU GLU A . n 
A 1 80  ALA 80  94  94  ALA ALA A . n 
A 1 81  GLN 81  95  95  GLN GLN A . n 
A 1 82  GLU 82  96  96  GLU GLU A . n 
A 1 83  GLU 83  97  97  GLU GLU A . n 
A 1 84  VAL 84  98  98  VAL VAL A . n 
A 1 85  GLY 85  99  99  GLY GLY A . n 
A 1 86  LEU 86  100 100 LEU LEU A . n 
A 1 87  ARG 87  101 101 ARG ARG A . n 
A 1 88  HYP 88  102 102 HYP HYP A . n 
A 1 89  HIS 89  103 103 HIS HIS A . n 
A 1 90  GLN 90  104 104 GLN GLN A . n 
A 1 91  VAL 91  105 105 VAL VAL A . n 
A 1 92  GLU 92  106 106 GLU GLU A . n 
A 1 93  VAL 93  107 107 VAL VAL A . n 
A 1 94  VAL 94  108 108 VAL VAL A . n 
A 1 95  CSO 95  109 109 CSO CSO A . n 
A 1 96  CYS 96  110 110 CYS CYS A . n 
A 1 97  LEU 97  111 111 LEU LEU A . n 
A 1 98  VAL 98  112 112 VAL VAL A . n 
A 1 99  PRO 99  113 113 PRO PRO A . n 
A 1 100 CYS 100 114 114 CYS CYS A . n 
A 1 101 LEU 101 115 115 LEU LEU A . n 
A 1 102 ILE 102 116 116 ILE ILE A . n 
A 1 103 ASP 103 117 117 ASP ASP A . n 
A 1 104 THR 104 118 118 THR THR A . n 
A 1 105 ASP 105 119 119 ASP ASP A . n 
A 1 106 THR 106 120 120 THR THR A . n 
A 1 107 LEU 107 121 121 LEU LEU A . n 
A 1 108 ILE 108 122 122 ILE ILE A . n 
A 1 109 THR 109 123 123 THR THR A . n 
A 1 110 PRO 110 124 124 PRO PRO A . n 
A 1 111 PHE 111 125 125 PHE PHE A . n 
A 1 112 VAL 112 126 126 VAL VAL A . n 
A 1 113 GLY 113 127 127 GLY GLY A . n 
A 1 114 LEU 114 128 128 LEU LEU A . n 
A 1 115 ILE 115 129 129 ILE ILE A . n 
A 1 116 ASP 116 130 130 ASP ASP A . n 
A 1 117 HIS 117 131 131 HIS HIS A . n 
A 1 118 ASN 118 132 132 ASN ASN A . n 
A 1 119 PHE 119 133 133 PHE PHE A . n 
A 1 120 GLN 120 134 134 GLN GLN A . n 
A 1 121 ALA 121 135 135 ALA ALA A . n 
A 1 122 GLN 122 136 136 GLN GLN A . n 
A 1 123 PRO 123 137 137 PRO PRO A . n 
A 1 124 ASN 124 138 138 ASN ASN A . n 
A 1 125 PRO 125 139 139 PRO PRO A . n 
A 1 126 ALA 126 140 140 ALA ALA A . n 
A 1 127 GLU 127 141 141 GLU GLU A . n 
A 1 128 VAL 128 142 142 VAL VAL A . n 
A 1 129 LYS 129 143 143 LYS LYS A . n 
A 1 130 ASP 130 144 144 ASP ASP A . n 
A 1 131 VAL 131 145 145 VAL VAL A . n 
A 1 132 PHE 132 146 146 PHE PHE A . n 
A 1 133 LEU 133 147 147 LEU LEU A . n 
A 1 134 VAL 134 148 148 VAL VAL A . n 
A 1 135 PRO 135 149 149 PRO PRO A . n 
A 1 136 LEU 136 150 150 LEU LEU A . n 
A 1 137 ALA 137 151 151 ALA ALA A . n 
A 1 138 TYR 138 152 152 TYR TYR A . n 
A 1 139 PHE 139 153 153 PHE PHE A . n 
A 1 140 LEU 140 154 154 LEU LEU A . n 
A 1 141 HIS 141 155 155 HIS HIS A . n 
A 1 142 PRO 142 156 156 PRO PRO A . n 
A 1 143 GLN 143 157 157 GLN GLN A . n 
A 1 144 VAL 144 158 158 VAL VAL A . n 
A 1 145 HIS 145 159 159 HIS HIS A . n 
A 1 146 ASP 146 160 160 ASP ASP A . n 
A 1 147 GLN 147 161 161 GLN GLN A . n 
A 1 148 HIS 148 162 ?   ?   ?   A . n 
A 1 149 TYR 149 163 ?   ?   ?   A . n 
A 1 150 VAL 150 164 ?   ?   ?   A . n 
A 1 151 THR 151 165 ?   ?   ?   A . n 
A 1 152 ARG 152 166 ?   ?   ?   A . n 
A 1 153 LEU 153 167 ?   ?   ?   A . n 
A 1 154 GLY 154 168 ?   ?   ?   A . n 
A 1 155 HIS 155 169 ?   ?   ?   A . n 
A 1 156 ARG 156 170 ?   ?   ?   A . n 
A 1 157 PHE 157 171 ?   ?   ?   A . n 
A 1 158 ILE 158 172 172 ILE ILE A . n 
A 1 159 ASN 159 173 173 ASN ASN A . n 
A 1 160 HIS 160 174 174 HIS HIS A . n 
A 1 161 ILE 161 175 175 ILE ILE A . n 
A 1 162 PHE 162 176 176 PHE PHE A . n 
A 1 163 GLU 163 177 177 GLU GLU A . n 
A 1 164 TYR 164 178 178 TYR TYR A . n 
A 1 165 THR 165 179 179 THR THR A . n 
A 1 166 ASN 166 180 180 ASN ASN A . n 
A 1 167 PRO 167 181 181 PRO PRO A . n 
A 1 168 GLU 168 182 182 GLU GLU A . n 
A 1 169 ASP 169 183 183 ASP ASP A . n 
A 1 170 GLY 170 184 184 GLY GLY A . n 
A 1 171 VAL 171 185 185 VAL VAL A . n 
A 1 172 THR 172 186 186 THR THR A . n 
A 1 173 TYR 173 187 187 TYR TYR A . n 
A 1 174 GLN 174 188 188 GLN GLN A . n 
A 1 175 ILE 175 189 189 ILE ILE A . n 
A 1 176 LYS 176 190 190 LYS LYS A . n 
A 1 177 GLY 177 191 191 GLY GLY A . n 
A 1 178 MET 178 192 192 MET MET A . n 
A 1 179 THR 179 193 193 THR THR A . n 
A 1 180 ALA 180 194 194 ALA ALA A . n 
A 1 181 ASN 181 195 195 ASN ASN A . n 
A 1 182 LEU 182 196 196 LEU LEU A . n 
A 1 183 ALA 183 197 197 ALA ALA A . n 
A 1 184 VAL 184 198 198 VAL VAL A . n 
A 1 185 LEU 185 199 199 LEU LEU A . n 
A 1 186 VAL 186 200 200 VAL VAL A . n 
A 1 187 ALA 187 201 201 ALA ALA A . n 
A 1 188 PHE 188 202 202 PHE PHE A . n 
A 1 189 ILE 189 203 203 ILE ILE A . n 
A 1 190 ILE 190 204 204 ILE ILE A . n 
A 1 191 LEU 191 205 205 LEU LEU A . n 
A 1 192 GLU 192 206 206 GLU GLU A . n 
A 1 193 LYS 193 207 207 LYS LYS A . n 
A 1 194 LYS 194 208 208 LYS LYS A . n 
A 1 195 PRO 195 209 209 PRO PRO A . n 
A 1 196 THR 196 210 210 THR THR A . n 
# 
loop_
_pdbx_nonpoly_scheme.asym_id 
_pdbx_nonpoly_scheme.entity_id 
_pdbx_nonpoly_scheme.mon_id 
_pdbx_nonpoly_scheme.ndb_seq_num 
_pdbx_nonpoly_scheme.pdb_seq_num 
_pdbx_nonpoly_scheme.auth_seq_num 
_pdbx_nonpoly_scheme.pdb_mon_id 
_pdbx_nonpoly_scheme.auth_mon_id 
_pdbx_nonpoly_scheme.pdb_strand_id 
_pdbx_nonpoly_scheme.pdb_ins_code 
B 2 ACT 1   301 2   ACT ACT A . 
C 2 ACT 1   302 3   ACT ACT A . 
D 3 H0A 1   303 1   H0A LIG A . 
E 4 HOH 1   401 203 HOH HOH A . 
E 4 HOH 2   402 202 HOH HOH A . 
E 4 HOH 3   403 94  HOH HOH A . 
E 4 HOH 4   404 9   HOH HOH A . 
E 4 HOH 5   405 166 HOH HOH A . 
E 4 HOH 6   406 143 HOH HOH A . 
E 4 HOH 7   407 196 HOH HOH A . 
E 4 HOH 8   408 64  HOH HOH A . 
E 4 HOH 9   409 200 HOH HOH A . 
E 4 HOH 10  410 124 HOH HOH A . 
E 4 HOH 11  411 216 HOH HOH A . 
E 4 HOH 12  412 102 HOH HOH A . 
E 4 HOH 13  413 79  HOH HOH A . 
E 4 HOH 14  414 101 HOH HOH A . 
E 4 HOH 15  415 14  HOH HOH A . 
E 4 HOH 16  416 3   HOH HOH A . 
E 4 HOH 17  417 69  HOH HOH A . 
E 4 HOH 18  418 157 HOH HOH A . 
E 4 HOH 19  419 199 HOH HOH A . 
E 4 HOH 20  420 217 HOH HOH A . 
E 4 HOH 21  421 6   HOH HOH A . 
E 4 HOH 22  422 18  HOH HOH A . 
E 4 HOH 23  423 214 HOH HOH A . 
E 4 HOH 24  424 13  HOH HOH A . 
E 4 HOH 25  425 25  HOH HOH A . 
E 4 HOH 26  426 53  HOH HOH A . 
E 4 HOH 27  427 48  HOH HOH A . 
E 4 HOH 28  428 109 HOH HOH A . 
E 4 HOH 29  429 19  HOH HOH A . 
E 4 HOH 30  430 137 HOH HOH A . 
E 4 HOH 31  431 207 HOH HOH A . 
E 4 HOH 32  432 71  HOH HOH A . 
E 4 HOH 33  433 131 HOH HOH A . 
E 4 HOH 34  434 62  HOH HOH A . 
E 4 HOH 35  435 113 HOH HOH A . 
E 4 HOH 36  436 39  HOH HOH A . 
E 4 HOH 37  437 61  HOH HOH A . 
E 4 HOH 38  438 8   HOH HOH A . 
E 4 HOH 39  439 26  HOH HOH A . 
E 4 HOH 40  440 35  HOH HOH A . 
E 4 HOH 41  441 211 HOH HOH A . 
E 4 HOH 42  442 201 HOH HOH A . 
E 4 HOH 43  443 38  HOH HOH A . 
E 4 HOH 44  444 97  HOH HOH A . 
E 4 HOH 45  445 118 HOH HOH A . 
E 4 HOH 46  446 108 HOH HOH A . 
E 4 HOH 47  447 99  HOH HOH A . 
E 4 HOH 48  448 193 HOH HOH A . 
E 4 HOH 49  449 162 HOH HOH A . 
E 4 HOH 50  450 106 HOH HOH A . 
E 4 HOH 51  451 15  HOH HOH A . 
E 4 HOH 52  452 11  HOH HOH A . 
E 4 HOH 53  453 50  HOH HOH A . 
E 4 HOH 54  454 110 HOH HOH A . 
E 4 HOH 55  455 179 HOH HOH A . 
E 4 HOH 56  456 49  HOH HOH A . 
E 4 HOH 57  457 36  HOH HOH A . 
E 4 HOH 58  458 58  HOH HOH A . 
E 4 HOH 59  459 103 HOH HOH A . 
E 4 HOH 60  460 104 HOH HOH A . 
E 4 HOH 61  461 125 HOH HOH A . 
E 4 HOH 62  462 10  HOH HOH A . 
E 4 HOH 63  463 117 HOH HOH A . 
E 4 HOH 64  464 1   HOH HOH A . 
E 4 HOH 65  465 105 HOH HOH A . 
E 4 HOH 66  466 210 HOH HOH A . 
E 4 HOH 67  467 12  HOH HOH A . 
E 4 HOH 68  468 146 HOH HOH A . 
E 4 HOH 69  469 197 HOH HOH A . 
E 4 HOH 70  470 37  HOH HOH A . 
E 4 HOH 71  471 80  HOH HOH A . 
E 4 HOH 72  472 140 HOH HOH A . 
E 4 HOH 73  473 22  HOH HOH A . 
E 4 HOH 74  474 20  HOH HOH A . 
E 4 HOH 75  475 186 HOH HOH A . 
E 4 HOH 76  476 158 HOH HOH A . 
E 4 HOH 77  477 78  HOH HOH A . 
E 4 HOH 78  478 116 HOH HOH A . 
E 4 HOH 79  479 66  HOH HOH A . 
E 4 HOH 80  480 17  HOH HOH A . 
E 4 HOH 81  481 182 HOH HOH A . 
E 4 HOH 82  482 40  HOH HOH A . 
E 4 HOH 83  483 72  HOH HOH A . 
E 4 HOH 84  484 34  HOH HOH A . 
E 4 HOH 85  485 43  HOH HOH A . 
E 4 HOH 86  486 159 HOH HOH A . 
E 4 HOH 87  487 152 HOH HOH A . 
E 4 HOH 88  488 75  HOH HOH A . 
E 4 HOH 89  489 153 HOH HOH A . 
E 4 HOH 90  490 2   HOH HOH A . 
E 4 HOH 91  491 167 HOH HOH A . 
E 4 HOH 92  492 213 HOH HOH A . 
E 4 HOH 93  493 7   HOH HOH A . 
E 4 HOH 94  494 28  HOH HOH A . 
E 4 HOH 95  495 85  HOH HOH A . 
E 4 HOH 96  496 24  HOH HOH A . 
E 4 HOH 97  497 149 HOH HOH A . 
E 4 HOH 98  498 56  HOH HOH A . 
E 4 HOH 99  499 154 HOH HOH A . 
E 4 HOH 100 500 27  HOH HOH A . 
E 4 HOH 101 501 176 HOH HOH A . 
E 4 HOH 102 502 51  HOH HOH A . 
E 4 HOH 103 503 98  HOH HOH A . 
E 4 HOH 104 504 139 HOH HOH A . 
E 4 HOH 105 505 42  HOH HOH A . 
E 4 HOH 106 506 45  HOH HOH A . 
E 4 HOH 107 507 55  HOH HOH A . 
E 4 HOH 108 508 208 HOH HOH A . 
E 4 HOH 109 509 31  HOH HOH A . 
E 4 HOH 110 510 96  HOH HOH A . 
E 4 HOH 111 511 59  HOH HOH A . 
E 4 HOH 112 512 30  HOH HOH A . 
E 4 HOH 113 513 206 HOH HOH A . 
E 4 HOH 114 514 170 HOH HOH A . 
E 4 HOH 115 515 5   HOH HOH A . 
E 4 HOH 116 516 121 HOH HOH A . 
E 4 HOH 117 517 209 HOH HOH A . 
E 4 HOH 118 518 46  HOH HOH A . 
E 4 HOH 119 519 21  HOH HOH A . 
E 4 HOH 120 520 126 HOH HOH A . 
E 4 HOH 121 521 215 HOH HOH A . 
E 4 HOH 122 522 191 HOH HOH A . 
E 4 HOH 123 523 138 HOH HOH A . 
E 4 HOH 124 524 178 HOH HOH A . 
E 4 HOH 125 525 88  HOH HOH A . 
E 4 HOH 126 526 111 HOH HOH A . 
E 4 HOH 127 527 155 HOH HOH A . 
E 4 HOH 128 528 63  HOH HOH A . 
E 4 HOH 129 529 184 HOH HOH A . 
E 4 HOH 130 530 119 HOH HOH A . 
E 4 HOH 131 531 122 HOH HOH A . 
E 4 HOH 132 532 129 HOH HOH A . 
E 4 HOH 133 533 57  HOH HOH A . 
E 4 HOH 134 534 147 HOH HOH A . 
E 4 HOH 135 535 205 HOH HOH A . 
E 4 HOH 136 536 161 HOH HOH A . 
E 4 HOH 137 537 16  HOH HOH A . 
E 4 HOH 138 538 123 HOH HOH A . 
E 4 HOH 139 539 169 HOH HOH A . 
E 4 HOH 140 540 127 HOH HOH A . 
E 4 HOH 141 541 204 HOH HOH A . 
E 4 HOH 142 542 44  HOH HOH A . 
E 4 HOH 143 543 29  HOH HOH A . 
E 4 HOH 144 544 177 HOH HOH A . 
E 4 HOH 145 545 174 HOH HOH A . 
E 4 HOH 146 546 172 HOH HOH A . 
E 4 HOH 147 547 52  HOH HOH A . 
E 4 HOH 148 548 132 HOH HOH A . 
E 4 HOH 149 549 192 HOH HOH A . 
E 4 HOH 150 550 190 HOH HOH A . 
E 4 HOH 151 551 188 HOH HOH A . 
E 4 HOH 152 552 185 HOH HOH A . 
E 4 HOH 153 553 68  HOH HOH A . 
E 4 HOH 154 554 171 HOH HOH A . 
E 4 HOH 155 555 148 HOH HOH A . 
E 4 HOH 156 556 165 HOH HOH A . 
E 4 HOH 157 557 212 HOH HOH A . 
E 4 HOH 158 558 130 HOH HOH A . 
E 4 HOH 159 559 115 HOH HOH A . 
# 
loop_
_pdbx_struct_mod_residue.id 
_pdbx_struct_mod_residue.label_asym_id 
_pdbx_struct_mod_residue.label_comp_id 
_pdbx_struct_mod_residue.label_seq_id 
_pdbx_struct_mod_residue.auth_asym_id 
_pdbx_struct_mod_residue.auth_comp_id 
_pdbx_struct_mod_residue.auth_seq_id 
_pdbx_struct_mod_residue.PDB_ins_code 
_pdbx_struct_mod_residue.parent_comp_id 
_pdbx_struct_mod_residue.details 
1 A HYP 88 A HYP 102 ? PRO 'modified residue' 
2 A CSO 95 A CSO 109 ? CYS 'modified residue' 
# 
_pdbx_struct_assembly.id                   1 
_pdbx_struct_assembly.details              author_and_software_defined_assembly 
_pdbx_struct_assembly.method_details       PISA 
_pdbx_struct_assembly.oligomeric_details   monomeric 
_pdbx_struct_assembly.oligomeric_count     1 
# 
_pdbx_struct_assembly_gen.assembly_id       1 
_pdbx_struct_assembly_gen.oper_expression   1 
_pdbx_struct_assembly_gen.asym_id_list      A,B,C,D,E 
# 
loop_
_pdbx_struct_assembly_prop.biol_id 
_pdbx_struct_assembly_prop.type 
_pdbx_struct_assembly_prop.value 
_pdbx_struct_assembly_prop.details 
1 'ABSA (A^2)' 330   ? 
1 MORE         -2    ? 
1 'SSA (A^2)'  10130 ? 
# 
_pdbx_struct_oper_list.id                   1 
_pdbx_struct_oper_list.type                 'identity operation' 
_pdbx_struct_oper_list.name                 1_555 
_pdbx_struct_oper_list.symmetry_operation   x,y,z 
_pdbx_struct_oper_list.matrix[1][1]         1.0000000000 
_pdbx_struct_oper_list.matrix[1][2]         0.0000000000 
_pdbx_struct_oper_list.matrix[1][3]         0.0000000000 
_pdbx_struct_oper_list.vector[1]            0.0000000000 
_pdbx_struct_oper_list.matrix[2][1]         0.0000000000 
_pdbx_struct_oper_list.matrix[2][2]         1.0000000000 
_pdbx_struct_oper_list.matrix[2][3]         0.0000000000 
_pdbx_struct_oper_list.vector[2]            0.0000000000 
_pdbx_struct_oper_list.matrix[3][1]         0.0000000000 
_pdbx_struct_oper_list.matrix[3][2]         0.0000000000 
_pdbx_struct_oper_list.matrix[3][3]         1.0000000000 
_pdbx_struct_oper_list.vector[3]            0.0000000000 
# 
loop_
_pdbx_audit_revision_history.ordinal 
_pdbx_audit_revision_history.data_content_type 
_pdbx_audit_revision_history.major_revision 
_pdbx_audit_revision_history.minor_revision 
_pdbx_audit_revision_history.revision_date 
1 'Structure model' 1 0 2019-03-27 
2 'Structure model' 1 1 2023-11-15 
# 
_pdbx_audit_revision_details.ordinal             1 
_pdbx_audit_revision_details.revision_ordinal    1 
_pdbx_audit_revision_details.data_content_type   'Structure model' 
_pdbx_audit_revision_details.provider            repository 
_pdbx_audit_revision_details.type                'Initial release' 
_pdbx_audit_revision_details.description         ? 
_pdbx_audit_revision_details.details             ? 
# 
loop_
_pdbx_audit_revision_group.ordinal 
_pdbx_audit_revision_group.revision_ordinal 
_pdbx_audit_revision_group.data_content_type 
_pdbx_audit_revision_group.group 
1 2 'Structure model' 'Data collection'     
2 2 'Structure model' 'Database references' 
# 
loop_
_pdbx_audit_revision_category.ordinal 
_pdbx_audit_revision_category.revision_ordinal 
_pdbx_audit_revision_category.data_content_type 
_pdbx_audit_revision_category.category 
1 2 'Structure model' chem_comp_atom 
2 2 'Structure model' chem_comp_bond 
3 2 'Structure model' database_2     
# 
loop_
_pdbx_audit_revision_item.ordinal 
_pdbx_audit_revision_item.revision_ordinal 
_pdbx_audit_revision_item.data_content_type 
_pdbx_audit_revision_item.item 
1 2 'Structure model' '_database_2.pdbx_DOI'                
2 2 'Structure model' '_database_2.pdbx_database_accession' 
# 
_phasing.method   MR 
# 
loop_
_software.pdbx_ordinal 
_software.name 
_software.version 
_software.date 
_software.type 
_software.contact_author 
_software.contact_author_email 
_software.classification 
_software.location 
_software.language 
_software.citation_id 
1 REFMAC      5.8.0189 ?               program 'Garib N. Murshudov' garib@ysbl.york.ac.uk    refinement        
http://www.ccp4.ac.uk/dist/html/refmac5.html        Fortran_77 ? 
2 Aimless     0.5.32   29/03/17        program 'Phil Evans'         ?                        'data scaling'    
http://www.mrc-lmb.cam.ac.uk/harry/pre/aimless.html ?          ? 
3 PDB_EXTRACT 3.23     'SEP. 23, 2016' package PDB                  deposit@deposit.rcsb.org 'data extraction' 
http://sw-tools.pdb.org/apps/PDB_EXTRACT/           C++        ? 
4 XDS         .        ?               program ?                    ?                        'data reduction'  ? ?          ? 
5 REFMAC      .        ?               program ?                    ?                        phasing           ? ?          ? 
# 
loop_
_pdbx_validate_close_contact.id 
_pdbx_validate_close_contact.PDB_model_num 
_pdbx_validate_close_contact.auth_atom_id_1 
_pdbx_validate_close_contact.auth_asym_id_1 
_pdbx_validate_close_contact.auth_comp_id_1 
_pdbx_validate_close_contact.auth_seq_id_1 
_pdbx_validate_close_contact.PDB_ins_code_1 
_pdbx_validate_close_contact.label_alt_id_1 
_pdbx_validate_close_contact.auth_atom_id_2 
_pdbx_validate_close_contact.auth_asym_id_2 
_pdbx_validate_close_contact.auth_comp_id_2 
_pdbx_validate_close_contact.auth_seq_id_2 
_pdbx_validate_close_contact.PDB_ins_code_2 
_pdbx_validate_close_contact.label_alt_id_2 
_pdbx_validate_close_contact.dist 
1 1 O   A HOH 412 ? ? O   A HOH 513 ? ? 2.05 
2 1 ND2 A ASN 195 ? B OXT A ACT 302 ? ? 2.18 
# 
loop_
_pdbx_validate_torsion.id 
_pdbx_validate_torsion.PDB_model_num 
_pdbx_validate_torsion.auth_comp_id 
_pdbx_validate_torsion.auth_asym_id 
_pdbx_validate_torsion.auth_seq_id 
_pdbx_validate_torsion.PDB_ins_code 
_pdbx_validate_torsion.label_alt_id 
_pdbx_validate_torsion.phi 
_pdbx_validate_torsion.psi 
1 1 ARG A 66  ? ? -63.97 -73.11 
2 1 THR A 118 ? ? 70.32  -22.16 
# 
loop_
_pdbx_unobs_or_zero_occ_atoms.id 
_pdbx_unobs_or_zero_occ_atoms.PDB_model_num 
_pdbx_unobs_or_zero_occ_atoms.polymer_flag 
_pdbx_unobs_or_zero_occ_atoms.occupancy_flag 
_pdbx_unobs_or_zero_occ_atoms.auth_asym_id 
_pdbx_unobs_or_zero_occ_atoms.auth_comp_id 
_pdbx_unobs_or_zero_occ_atoms.auth_seq_id 
_pdbx_unobs_or_zero_occ_atoms.PDB_ins_code 
_pdbx_unobs_or_zero_occ_atoms.auth_atom_id 
_pdbx_unobs_or_zero_occ_atoms.label_alt_id 
_pdbx_unobs_or_zero_occ_atoms.label_asym_id 
_pdbx_unobs_or_zero_occ_atoms.label_comp_id 
_pdbx_unobs_or_zero_occ_atoms.label_seq_id 
_pdbx_unobs_or_zero_occ_atoms.label_atom_id 
1  1 Y 1 A ARG 66  ? CG  ? A ARG 52  CG  
2  1 Y 1 A ARG 66  ? CD  ? A ARG 52  CD  
3  1 Y 1 A ARG 66  ? NE  ? A ARG 52  NE  
4  1 Y 1 A ARG 66  ? CZ  ? A ARG 52  CZ  
5  1 Y 1 A ARG 66  ? NH1 ? A ARG 52  NH1 
6  1 Y 1 A ARG 66  ? NH2 ? A ARG 52  NH2 
7  1 Y 1 A GLN 161 ? CG  ? A GLN 147 CG  
8  1 Y 1 A GLN 161 ? CD  ? A GLN 147 CD  
9  1 Y 1 A GLN 161 ? OE1 ? A GLN 147 OE1 
10 1 Y 1 A GLN 161 ? NE2 ? A GLN 147 NE2 
# 
loop_
_pdbx_unobs_or_zero_occ_residues.id 
_pdbx_unobs_or_zero_occ_residues.PDB_model_num 
_pdbx_unobs_or_zero_occ_residues.polymer_flag 
_pdbx_unobs_or_zero_occ_residues.occupancy_flag 
_pdbx_unobs_or_zero_occ_residues.auth_asym_id 
_pdbx_unobs_or_zero_occ_residues.auth_comp_id 
_pdbx_unobs_or_zero_occ_residues.auth_seq_id 
_pdbx_unobs_or_zero_occ_residues.PDB_ins_code 
_pdbx_unobs_or_zero_occ_residues.label_asym_id 
_pdbx_unobs_or_zero_occ_residues.label_comp_id 
_pdbx_unobs_or_zero_occ_residues.label_seq_id 
1  1 Y 1 A HIS 162 ? A HIS 148 
2  1 Y 1 A TYR 163 ? A TYR 149 
3  1 Y 1 A VAL 164 ? A VAL 150 
4  1 Y 1 A THR 165 ? A THR 151 
5  1 Y 1 A ARG 166 ? A ARG 152 
6  1 Y 1 A LEU 167 ? A LEU 153 
7  1 Y 1 A GLY 168 ? A GLY 154 
8  1 Y 1 A HIS 169 ? A HIS 155 
9  1 Y 1 A ARG 170 ? A ARG 156 
10 1 Y 1 A PHE 171 ? A PHE 157 
# 
loop_
_chem_comp_atom.comp_id 
_chem_comp_atom.atom_id 
_chem_comp_atom.type_symbol 
_chem_comp_atom.pdbx_aromatic_flag 
_chem_comp_atom.pdbx_stereo_config 
_chem_comp_atom.pdbx_ordinal 
ACT C    C N N 1   
ACT O    O N N 2   
ACT OXT  O N N 3   
ACT CH3  C N N 4   
ACT H1   H N N 5   
ACT H2   H N N 6   
ACT H3   H N N 7   
ALA N    N N N 8   
ALA CA   C N S 9   
ALA C    C N N 10  
ALA O    O N N 11  
ALA CB   C N N 12  
ALA OXT  O N N 13  
ALA H    H N N 14  
ALA H2   H N N 15  
ALA HA   H N N 16  
ALA HB1  H N N 17  
ALA HB2  H N N 18  
ALA HB3  H N N 19  
ALA HXT  H N N 20  
ARG N    N N N 21  
ARG CA   C N S 22  
ARG C    C N N 23  
ARG O    O N N 24  
ARG CB   C N N 25  
ARG CG   C N N 26  
ARG CD   C N N 27  
ARG NE   N N N 28  
ARG CZ   C N N 29  
ARG NH1  N N N 30  
ARG NH2  N N N 31  
ARG OXT  O N N 32  
ARG H    H N N 33  
ARG H2   H N N 34  
ARG HA   H N N 35  
ARG HB2  H N N 36  
ARG HB3  H N N 37  
ARG HG2  H N N 38  
ARG HG3  H N N 39  
ARG HD2  H N N 40  
ARG HD3  H N N 41  
ARG HE   H N N 42  
ARG HH11 H N N 43  
ARG HH12 H N N 44  
ARG HH21 H N N 45  
ARG HH22 H N N 46  
ARG HXT  H N N 47  
ASN N    N N N 48  
ASN CA   C N S 49  
ASN C    C N N 50  
ASN O    O N N 51  
ASN CB   C N N 52  
ASN CG   C N N 53  
ASN OD1  O N N 54  
ASN ND2  N N N 55  
ASN OXT  O N N 56  
ASN H    H N N 57  
ASN H2   H N N 58  
ASN HA   H N N 59  
ASN HB2  H N N 60  
ASN HB3  H N N 61  
ASN HD21 H N N 62  
ASN HD22 H N N 63  
ASN HXT  H N N 64  
ASP N    N N N 65  
ASP CA   C N S 66  
ASP C    C N N 67  
ASP O    O N N 68  
ASP CB   C N N 69  
ASP CG   C N N 70  
ASP OD1  O N N 71  
ASP OD2  O N N 72  
ASP OXT  O N N 73  
ASP H    H N N 74  
ASP H2   H N N 75  
ASP HA   H N N 76  
ASP HB2  H N N 77  
ASP HB3  H N N 78  
ASP HD2  H N N 79  
ASP HXT  H N N 80  
CSO N    N N N 81  
CSO CA   C N R 82  
CSO CB   C N N 83  
CSO SG   S N N 84  
CSO C    C N N 85  
CSO O    O N N 86  
CSO OXT  O N N 87  
CSO OD   O N N 88  
CSO H    H N N 89  
CSO H2   H N N 90  
CSO HA   H N N 91  
CSO HB2  H N N 92  
CSO HB3  H N N 93  
CSO HXT  H N N 94  
CSO HD   H N N 95  
CYS N    N N N 96  
CYS CA   C N R 97  
CYS C    C N N 98  
CYS O    O N N 99  
CYS CB   C N N 100 
CYS SG   S N N 101 
CYS OXT  O N N 102 
CYS H    H N N 103 
CYS H2   H N N 104 
CYS HA   H N N 105 
CYS HB2  H N N 106 
CYS HB3  H N N 107 
CYS HG   H N N 108 
CYS HXT  H N N 109 
GLN N    N N N 110 
GLN CA   C N S 111 
GLN C    C N N 112 
GLN O    O N N 113 
GLN CB   C N N 114 
GLN CG   C N N 115 
GLN CD   C N N 116 
GLN OE1  O N N 117 
GLN NE2  N N N 118 
GLN OXT  O N N 119 
GLN H    H N N 120 
GLN H2   H N N 121 
GLN HA   H N N 122 
GLN HB2  H N N 123 
GLN HB3  H N N 124 
GLN HG2  H N N 125 
GLN HG3  H N N 126 
GLN HE21 H N N 127 
GLN HE22 H N N 128 
GLN HXT  H N N 129 
GLU N    N N N 130 
GLU CA   C N S 131 
GLU C    C N N 132 
GLU O    O N N 133 
GLU CB   C N N 134 
GLU CG   C N N 135 
GLU CD   C N N 136 
GLU OE1  O N N 137 
GLU OE2  O N N 138 
GLU OXT  O N N 139 
GLU H    H N N 140 
GLU H2   H N N 141 
GLU HA   H N N 142 
GLU HB2  H N N 143 
GLU HB3  H N N 144 
GLU HG2  H N N 145 
GLU HG3  H N N 146 
GLU HE2  H N N 147 
GLU HXT  H N N 148 
GLY N    N N N 149 
GLY CA   C N N 150 
GLY C    C N N 151 
GLY O    O N N 152 
GLY OXT  O N N 153 
GLY H    H N N 154 
GLY H2   H N N 155 
GLY HA2  H N N 156 
GLY HA3  H N N 157 
GLY HXT  H N N 158 
H0A C4   C Y N 159 
H0A C5   C N S 160 
H0A C6   C N N 161 
H0A C7   C N N 162 
H0A C8   C N N 163 
H0A C10  C N N 164 
H0A C13  C Y N 165 
H0A O1   O N N 166 
H0A C11  C N N 167 
H0A C12  C N N 168 
H0A N    N N N 169 
H0A C9   C N N 170 
H0A C3   C Y N 171 
H0A C2   C Y N 172 
H0A C14  C Y N 173 
H0A C1   C Y N 174 
H0A O    O N N 175 
H0A C    C N N 176 
H0A H1   H N N 177 
H0A H2   H N N 178 
H0A H3   H N N 179 
H0A H4   H N N 180 
H0A H5   H N N 181 
H0A H6   H N N 182 
H0A H7   H N N 183 
H0A H8   H N N 184 
H0A H9   H N N 185 
H0A H10  H N N 186 
H0A H11  H N N 187 
H0A H12  H N N 188 
H0A H13  H N N 189 
H0A H14  H N N 190 
H0A H15  H N N 191 
H0A H16  H N N 192 
H0A H17  H N N 193 
H0A H18  H N N 194 
H0A H19  H N N 195 
HIS N    N N N 196 
HIS CA   C N S 197 
HIS C    C N N 198 
HIS O    O N N 199 
HIS CB   C N N 200 
HIS CG   C Y N 201 
HIS ND1  N Y N 202 
HIS CD2  C Y N 203 
HIS CE1  C Y N 204 
HIS NE2  N Y N 205 
HIS OXT  O N N 206 
HIS H    H N N 207 
HIS H2   H N N 208 
HIS HA   H N N 209 
HIS HB2  H N N 210 
HIS HB3  H N N 211 
HIS HD1  H N N 212 
HIS HD2  H N N 213 
HIS HE1  H N N 214 
HIS HE2  H N N 215 
HIS HXT  H N N 216 
HOH O    O N N 217 
HOH H1   H N N 218 
HOH H2   H N N 219 
HYP N    N N N 220 
HYP CA   C N S 221 
HYP C    C N N 222 
HYP O    O N N 223 
HYP CB   C N N 224 
HYP CG   C N R 225 
HYP CD   C N N 226 
HYP OD1  O N N 227 
HYP OXT  O N N 228 
HYP H    H N N 229 
HYP HA   H N N 230 
HYP HB2  H N N 231 
HYP HB3  H N N 232 
HYP HG   H N N 233 
HYP HD22 H N N 234 
HYP HD23 H N N 235 
HYP HD1  H N N 236 
HYP HXT  H N N 237 
ILE N    N N N 238 
ILE CA   C N S 239 
ILE C    C N N 240 
ILE O    O N N 241 
ILE CB   C N S 242 
ILE CG1  C N N 243 
ILE CG2  C N N 244 
ILE CD1  C N N 245 
ILE OXT  O N N 246 
ILE H    H N N 247 
ILE H2   H N N 248 
ILE HA   H N N 249 
ILE HB   H N N 250 
ILE HG12 H N N 251 
ILE HG13 H N N 252 
ILE HG21 H N N 253 
ILE HG22 H N N 254 
ILE HG23 H N N 255 
ILE HD11 H N N 256 
ILE HD12 H N N 257 
ILE HD13 H N N 258 
ILE HXT  H N N 259 
LEU N    N N N 260 
LEU CA   C N S 261 
LEU C    C N N 262 
LEU O    O N N 263 
LEU CB   C N N 264 
LEU CG   C N N 265 
LEU CD1  C N N 266 
LEU CD2  C N N 267 
LEU OXT  O N N 268 
LEU H    H N N 269 
LEU H2   H N N 270 
LEU HA   H N N 271 
LEU HB2  H N N 272 
LEU HB3  H N N 273 
LEU HG   H N N 274 
LEU HD11 H N N 275 
LEU HD12 H N N 276 
LEU HD13 H N N 277 
LEU HD21 H N N 278 
LEU HD22 H N N 279 
LEU HD23 H N N 280 
LEU HXT  H N N 281 
LYS N    N N N 282 
LYS CA   C N S 283 
LYS C    C N N 284 
LYS O    O N N 285 
LYS CB   C N N 286 
LYS CG   C N N 287 
LYS CD   C N N 288 
LYS CE   C N N 289 
LYS NZ   N N N 290 
LYS OXT  O N N 291 
LYS H    H N N 292 
LYS H2   H N N 293 
LYS HA   H N N 294 
LYS HB2  H N N 295 
LYS HB3  H N N 296 
LYS HG2  H N N 297 
LYS HG3  H N N 298 
LYS HD2  H N N 299 
LYS HD3  H N N 300 
LYS HE2  H N N 301 
LYS HE3  H N N 302 
LYS HZ1  H N N 303 
LYS HZ2  H N N 304 
LYS HZ3  H N N 305 
LYS HXT  H N N 306 
MET N    N N N 307 
MET CA   C N S 308 
MET C    C N N 309 
MET O    O N N 310 
MET CB   C N N 311 
MET CG   C N N 312 
MET SD   S N N 313 
MET CE   C N N 314 
MET OXT  O N N 315 
MET H    H N N 316 
MET H2   H N N 317 
MET HA   H N N 318 
MET HB2  H N N 319 
MET HB3  H N N 320 
MET HG2  H N N 321 
MET HG3  H N N 322 
MET HE1  H N N 323 
MET HE2  H N N 324 
MET HE3  H N N 325 
MET HXT  H N N 326 
PHE N    N N N 327 
PHE CA   C N S 328 
PHE C    C N N 329 
PHE O    O N N 330 
PHE CB   C N N 331 
PHE CG   C Y N 332 
PHE CD1  C Y N 333 
PHE CD2  C Y N 334 
PHE CE1  C Y N 335 
PHE CE2  C Y N 336 
PHE CZ   C Y N 337 
PHE OXT  O N N 338 
PHE H    H N N 339 
PHE H2   H N N 340 
PHE HA   H N N 341 
PHE HB2  H N N 342 
PHE HB3  H N N 343 
PHE HD1  H N N 344 
PHE HD2  H N N 345 
PHE HE1  H N N 346 
PHE HE2  H N N 347 
PHE HZ   H N N 348 
PHE HXT  H N N 349 
PRO N    N N N 350 
PRO CA   C N S 351 
PRO C    C N N 352 
PRO O    O N N 353 
PRO CB   C N N 354 
PRO CG   C N N 355 
PRO CD   C N N 356 
PRO OXT  O N N 357 
PRO H    H N N 358 
PRO HA   H N N 359 
PRO HB2  H N N 360 
PRO HB3  H N N 361 
PRO HG2  H N N 362 
PRO HG3  H N N 363 
PRO HD2  H N N 364 
PRO HD3  H N N 365 
PRO HXT  H N N 366 
SER N    N N N 367 
SER CA   C N S 368 
SER C    C N N 369 
SER O    O N N 370 
SER CB   C N N 371 
SER OG   O N N 372 
SER OXT  O N N 373 
SER H    H N N 374 
SER H2   H N N 375 
SER HA   H N N 376 
SER HB2  H N N 377 
SER HB3  H N N 378 
SER HG   H N N 379 
SER HXT  H N N 380 
THR N    N N N 381 
THR CA   C N S 382 
THR C    C N N 383 
THR O    O N N 384 
THR CB   C N R 385 
THR OG1  O N N 386 
THR CG2  C N N 387 
THR OXT  O N N 388 
THR H    H N N 389 
THR H2   H N N 390 
THR HA   H N N 391 
THR HB   H N N 392 
THR HG1  H N N 393 
THR HG21 H N N 394 
THR HG22 H N N 395 
THR HG23 H N N 396 
THR HXT  H N N 397 
TYR N    N N N 398 
TYR CA   C N S 399 
TYR C    C N N 400 
TYR O    O N N 401 
TYR CB   C N N 402 
TYR CG   C Y N 403 
TYR CD1  C Y N 404 
TYR CD2  C Y N 405 
TYR CE1  C Y N 406 
TYR CE2  C Y N 407 
TYR CZ   C Y N 408 
TYR OH   O N N 409 
TYR OXT  O N N 410 
TYR H    H N N 411 
TYR H2   H N N 412 
TYR HA   H N N 413 
TYR HB2  H N N 414 
TYR HB3  H N N 415 
TYR HD1  H N N 416 
TYR HD2  H N N 417 
TYR HE1  H N N 418 
TYR HE2  H N N 419 
TYR HH   H N N 420 
TYR HXT  H N N 421 
VAL N    N N N 422 
VAL CA   C N S 423 
VAL C    C N N 424 
VAL O    O N N 425 
VAL CB   C N N 426 
VAL CG1  C N N 427 
VAL CG2  C N N 428 
VAL OXT  O N N 429 
VAL H    H N N 430 
VAL H2   H N N 431 
VAL HA   H N N 432 
VAL HB   H N N 433 
VAL HG11 H N N 434 
VAL HG12 H N N 435 
VAL HG13 H N N 436 
VAL HG21 H N N 437 
VAL HG22 H N N 438 
VAL HG23 H N N 439 
VAL HXT  H N N 440 
# 
loop_
_chem_comp_bond.comp_id 
_chem_comp_bond.atom_id_1 
_chem_comp_bond.atom_id_2 
_chem_comp_bond.value_order 
_chem_comp_bond.pdbx_aromatic_flag 
_chem_comp_bond.pdbx_stereo_config 
_chem_comp_bond.pdbx_ordinal 
ACT C   O    doub N N 1   
ACT C   OXT  sing N N 2   
ACT C   CH3  sing N N 3   
ACT CH3 H1   sing N N 4   
ACT CH3 H2   sing N N 5   
ACT CH3 H3   sing N N 6   
ALA N   CA   sing N N 7   
ALA N   H    sing N N 8   
ALA N   H2   sing N N 9   
ALA CA  C    sing N N 10  
ALA CA  CB   sing N N 11  
ALA CA  HA   sing N N 12  
ALA C   O    doub N N 13  
ALA C   OXT  sing N N 14  
ALA CB  HB1  sing N N 15  
ALA CB  HB2  sing N N 16  
ALA CB  HB3  sing N N 17  
ALA OXT HXT  sing N N 18  
ARG N   CA   sing N N 19  
ARG N   H    sing N N 20  
ARG N   H2   sing N N 21  
ARG CA  C    sing N N 22  
ARG CA  CB   sing N N 23  
ARG CA  HA   sing N N 24  
ARG C   O    doub N N 25  
ARG C   OXT  sing N N 26  
ARG CB  CG   sing N N 27  
ARG CB  HB2  sing N N 28  
ARG CB  HB3  sing N N 29  
ARG CG  CD   sing N N 30  
ARG CG  HG2  sing N N 31  
ARG CG  HG3  sing N N 32  
ARG CD  NE   sing N N 33  
ARG CD  HD2  sing N N 34  
ARG CD  HD3  sing N N 35  
ARG NE  CZ   sing N N 36  
ARG NE  HE   sing N N 37  
ARG CZ  NH1  sing N N 38  
ARG CZ  NH2  doub N N 39  
ARG NH1 HH11 sing N N 40  
ARG NH1 HH12 sing N N 41  
ARG NH2 HH21 sing N N 42  
ARG NH2 HH22 sing N N 43  
ARG OXT HXT  sing N N 44  
ASN N   CA   sing N N 45  
ASN N   H    sing N N 46  
ASN N   H2   sing N N 47  
ASN CA  C    sing N N 48  
ASN CA  CB   sing N N 49  
ASN CA  HA   sing N N 50  
ASN C   O    doub N N 51  
ASN C   OXT  sing N N 52  
ASN CB  CG   sing N N 53  
ASN CB  HB2  sing N N 54  
ASN CB  HB3  sing N N 55  
ASN CG  OD1  doub N N 56  
ASN CG  ND2  sing N N 57  
ASN ND2 HD21 sing N N 58  
ASN ND2 HD22 sing N N 59  
ASN OXT HXT  sing N N 60  
ASP N   CA   sing N N 61  
ASP N   H    sing N N 62  
ASP N   H2   sing N N 63  
ASP CA  C    sing N N 64  
ASP CA  CB   sing N N 65  
ASP CA  HA   sing N N 66  
ASP C   O    doub N N 67  
ASP C   OXT  sing N N 68  
ASP CB  CG   sing N N 69  
ASP CB  HB2  sing N N 70  
ASP CB  HB3  sing N N 71  
ASP CG  OD1  doub N N 72  
ASP CG  OD2  sing N N 73  
ASP OD2 HD2  sing N N 74  
ASP OXT HXT  sing N N 75  
CSO N   CA   sing N N 76  
CSO N   H    sing N N 77  
CSO N   H2   sing N N 78  
CSO CA  CB   sing N N 79  
CSO CA  C    sing N N 80  
CSO CA  HA   sing N N 81  
CSO CB  SG   sing N N 82  
CSO CB  HB2  sing N N 83  
CSO CB  HB3  sing N N 84  
CSO SG  OD   sing N N 85  
CSO C   O    doub N N 86  
CSO C   OXT  sing N N 87  
CSO OXT HXT  sing N N 88  
CSO OD  HD   sing N N 89  
CYS N   CA   sing N N 90  
CYS N   H    sing N N 91  
CYS N   H2   sing N N 92  
CYS CA  C    sing N N 93  
CYS CA  CB   sing N N 94  
CYS CA  HA   sing N N 95  
CYS C   O    doub N N 96  
CYS C   OXT  sing N N 97  
CYS CB  SG   sing N N 98  
CYS CB  HB2  sing N N 99  
CYS CB  HB3  sing N N 100 
CYS SG  HG   sing N N 101 
CYS OXT HXT  sing N N 102 
GLN N   CA   sing N N 103 
GLN N   H    sing N N 104 
GLN N   H2   sing N N 105 
GLN CA  C    sing N N 106 
GLN CA  CB   sing N N 107 
GLN CA  HA   sing N N 108 
GLN C   O    doub N N 109 
GLN C   OXT  sing N N 110 
GLN CB  CG   sing N N 111 
GLN CB  HB2  sing N N 112 
GLN CB  HB3  sing N N 113 
GLN CG  CD   sing N N 114 
GLN CG  HG2  sing N N 115 
GLN CG  HG3  sing N N 116 
GLN CD  OE1  doub N N 117 
GLN CD  NE2  sing N N 118 
GLN NE2 HE21 sing N N 119 
GLN NE2 HE22 sing N N 120 
GLN OXT HXT  sing N N 121 
GLU N   CA   sing N N 122 
GLU N   H    sing N N 123 
GLU N   H2   sing N N 124 
GLU CA  C    sing N N 125 
GLU CA  CB   sing N N 126 
GLU CA  HA   sing N N 127 
GLU C   O    doub N N 128 
GLU C   OXT  sing N N 129 
GLU CB  CG   sing N N 130 
GLU CB  HB2  sing N N 131 
GLU CB  HB3  sing N N 132 
GLU CG  CD   sing N N 133 
GLU CG  HG2  sing N N 134 
GLU CG  HG3  sing N N 135 
GLU CD  OE1  doub N N 136 
GLU CD  OE2  sing N N 137 
GLU OE2 HE2  sing N N 138 
GLU OXT HXT  sing N N 139 
GLY N   CA   sing N N 140 
GLY N   H    sing N N 141 
GLY N   H2   sing N N 142 
GLY CA  C    sing N N 143 
GLY CA  HA2  sing N N 144 
GLY CA  HA3  sing N N 145 
GLY C   O    doub N N 146 
GLY C   OXT  sing N N 147 
GLY OXT HXT  sing N N 148 
H0A C8  C7   doub N N 149 
H0A C8  C9   sing N N 150 
H0A C7  C6   sing N N 151 
H0A C9  C10  sing N N 152 
H0A C6  C5   sing N N 153 
H0A C10 N    sing N N 154 
H0A C5  N    sing N N 155 
H0A C5  C4   sing N N 156 
H0A N   C11  sing N N 157 
H0A C4  C3   doub Y N 158 
H0A C4  C13  sing Y N 159 
H0A C3  C2   sing Y N 160 
H0A C13 C14  doub Y N 161 
H0A C11 O1   doub N N 162 
H0A C11 C12  sing N N 163 
H0A C2  C1   doub Y N 164 
H0A C14 C1   sing Y N 165 
H0A C1  O    sing N N 166 
H0A O   C    sing N N 167 
H0A C5  H1   sing N N 168 
H0A C6  H2   sing N N 169 
H0A C6  H3   sing N N 170 
H0A C7  H4   sing N N 171 
H0A C8  H5   sing N N 172 
H0A C10 H6   sing N N 173 
H0A C10 H7   sing N N 174 
H0A C13 H8   sing N N 175 
H0A C12 H9   sing N N 176 
H0A C12 H10  sing N N 177 
H0A C12 H11  sing N N 178 
H0A C9  H12  sing N N 179 
H0A C9  H13  sing N N 180 
H0A C3  H14  sing N N 181 
H0A C2  H15  sing N N 182 
H0A C14 H16  sing N N 183 
H0A C   H17  sing N N 184 
H0A C   H18  sing N N 185 
H0A C   H19  sing N N 186 
HIS N   CA   sing N N 187 
HIS N   H    sing N N 188 
HIS N   H2   sing N N 189 
HIS CA  C    sing N N 190 
HIS CA  CB   sing N N 191 
HIS CA  HA   sing N N 192 
HIS C   O    doub N N 193 
HIS C   OXT  sing N N 194 
HIS CB  CG   sing N N 195 
HIS CB  HB2  sing N N 196 
HIS CB  HB3  sing N N 197 
HIS CG  ND1  sing Y N 198 
HIS CG  CD2  doub Y N 199 
HIS ND1 CE1  doub Y N 200 
HIS ND1 HD1  sing N N 201 
HIS CD2 NE2  sing Y N 202 
HIS CD2 HD2  sing N N 203 
HIS CE1 NE2  sing Y N 204 
HIS CE1 HE1  sing N N 205 
HIS NE2 HE2  sing N N 206 
HIS OXT HXT  sing N N 207 
HOH O   H1   sing N N 208 
HOH O   H2   sing N N 209 
HYP N   CA   sing N N 210 
HYP N   CD   sing N N 211 
HYP N   H    sing N N 212 
HYP CA  C    sing N N 213 
HYP CA  CB   sing N N 214 
HYP CA  HA   sing N N 215 
HYP C   O    doub N N 216 
HYP C   OXT  sing N N 217 
HYP CB  CG   sing N N 218 
HYP CB  HB2  sing N N 219 
HYP CB  HB3  sing N N 220 
HYP CG  CD   sing N N 221 
HYP CG  OD1  sing N N 222 
HYP CG  HG   sing N N 223 
HYP CD  HD22 sing N N 224 
HYP CD  HD23 sing N N 225 
HYP OD1 HD1  sing N N 226 
HYP OXT HXT  sing N N 227 
ILE N   CA   sing N N 228 
ILE N   H    sing N N 229 
ILE N   H2   sing N N 230 
ILE CA  C    sing N N 231 
ILE CA  CB   sing N N 232 
ILE CA  HA   sing N N 233 
ILE C   O    doub N N 234 
ILE C   OXT  sing N N 235 
ILE CB  CG1  sing N N 236 
ILE CB  CG2  sing N N 237 
ILE CB  HB   sing N N 238 
ILE CG1 CD1  sing N N 239 
ILE CG1 HG12 sing N N 240 
ILE CG1 HG13 sing N N 241 
ILE CG2 HG21 sing N N 242 
ILE CG2 HG22 sing N N 243 
ILE CG2 HG23 sing N N 244 
ILE CD1 HD11 sing N N 245 
ILE CD1 HD12 sing N N 246 
ILE CD1 HD13 sing N N 247 
ILE OXT HXT  sing N N 248 
LEU N   CA   sing N N 249 
LEU N   H    sing N N 250 
LEU N   H2   sing N N 251 
LEU CA  C    sing N N 252 
LEU CA  CB   sing N N 253 
LEU CA  HA   sing N N 254 
LEU C   O    doub N N 255 
LEU C   OXT  sing N N 256 
LEU CB  CG   sing N N 257 
LEU CB  HB2  sing N N 258 
LEU CB  HB3  sing N N 259 
LEU CG  CD1  sing N N 260 
LEU CG  CD2  sing N N 261 
LEU CG  HG   sing N N 262 
LEU CD1 HD11 sing N N 263 
LEU CD1 HD12 sing N N 264 
LEU CD1 HD13 sing N N 265 
LEU CD2 HD21 sing N N 266 
LEU CD2 HD22 sing N N 267 
LEU CD2 HD23 sing N N 268 
LEU OXT HXT  sing N N 269 
LYS N   CA   sing N N 270 
LYS N   H    sing N N 271 
LYS N   H2   sing N N 272 
LYS CA  C    sing N N 273 
LYS CA  CB   sing N N 274 
LYS CA  HA   sing N N 275 
LYS C   O    doub N N 276 
LYS C   OXT  sing N N 277 
LYS CB  CG   sing N N 278 
LYS CB  HB2  sing N N 279 
LYS CB  HB3  sing N N 280 
LYS CG  CD   sing N N 281 
LYS CG  HG2  sing N N 282 
LYS CG  HG3  sing N N 283 
LYS CD  CE   sing N N 284 
LYS CD  HD2  sing N N 285 
LYS CD  HD3  sing N N 286 
LYS CE  NZ   sing N N 287 
LYS CE  HE2  sing N N 288 
LYS CE  HE3  sing N N 289 
LYS NZ  HZ1  sing N N 290 
LYS NZ  HZ2  sing N N 291 
LYS NZ  HZ3  sing N N 292 
LYS OXT HXT  sing N N 293 
MET N   CA   sing N N 294 
MET N   H    sing N N 295 
MET N   H2   sing N N 296 
MET CA  C    sing N N 297 
MET CA  CB   sing N N 298 
MET CA  HA   sing N N 299 
MET C   O    doub N N 300 
MET C   OXT  sing N N 301 
MET CB  CG   sing N N 302 
MET CB  HB2  sing N N 303 
MET CB  HB3  sing N N 304 
MET CG  SD   sing N N 305 
MET CG  HG2  sing N N 306 
MET CG  HG3  sing N N 307 
MET SD  CE   sing N N 308 
MET CE  HE1  sing N N 309 
MET CE  HE2  sing N N 310 
MET CE  HE3  sing N N 311 
MET OXT HXT  sing N N 312 
PHE N   CA   sing N N 313 
PHE N   H    sing N N 314 
PHE N   H2   sing N N 315 
PHE CA  C    sing N N 316 
PHE CA  CB   sing N N 317 
PHE CA  HA   sing N N 318 
PHE C   O    doub N N 319 
PHE C   OXT  sing N N 320 
PHE CB  CG   sing N N 321 
PHE CB  HB2  sing N N 322 
PHE CB  HB3  sing N N 323 
PHE CG  CD1  doub Y N 324 
PHE CG  CD2  sing Y N 325 
PHE CD1 CE1  sing Y N 326 
PHE CD1 HD1  sing N N 327 
PHE CD2 CE2  doub Y N 328 
PHE CD2 HD2  sing N N 329 
PHE CE1 CZ   doub Y N 330 
PHE CE1 HE1  sing N N 331 
PHE CE2 CZ   sing Y N 332 
PHE CE2 HE2  sing N N 333 
PHE CZ  HZ   sing N N 334 
PHE OXT HXT  sing N N 335 
PRO N   CA   sing N N 336 
PRO N   CD   sing N N 337 
PRO N   H    sing N N 338 
PRO CA  C    sing N N 339 
PRO CA  CB   sing N N 340 
PRO CA  HA   sing N N 341 
PRO C   O    doub N N 342 
PRO C   OXT  sing N N 343 
PRO CB  CG   sing N N 344 
PRO CB  HB2  sing N N 345 
PRO CB  HB3  sing N N 346 
PRO CG  CD   sing N N 347 
PRO CG  HG2  sing N N 348 
PRO CG  HG3  sing N N 349 
PRO CD  HD2  sing N N 350 
PRO CD  HD3  sing N N 351 
PRO OXT HXT  sing N N 352 
SER N   CA   sing N N 353 
SER N   H    sing N N 354 
SER N   H2   sing N N 355 
SER CA  C    sing N N 356 
SER CA  CB   sing N N 357 
SER CA  HA   sing N N 358 
SER C   O    doub N N 359 
SER C   OXT  sing N N 360 
SER CB  OG   sing N N 361 
SER CB  HB2  sing N N 362 
SER CB  HB3  sing N N 363 
SER OG  HG   sing N N 364 
SER OXT HXT  sing N N 365 
THR N   CA   sing N N 366 
THR N   H    sing N N 367 
THR N   H2   sing N N 368 
THR CA  C    sing N N 369 
THR CA  CB   sing N N 370 
THR CA  HA   sing N N 371 
THR C   O    doub N N 372 
THR C   OXT  sing N N 373 
THR CB  OG1  sing N N 374 
THR CB  CG2  sing N N 375 
THR CB  HB   sing N N 376 
THR OG1 HG1  sing N N 377 
THR CG2 HG21 sing N N 378 
THR CG2 HG22 sing N N 379 
THR CG2 HG23 sing N N 380 
THR OXT HXT  sing N N 381 
TYR N   CA   sing N N 382 
TYR N   H    sing N N 383 
TYR N   H2   sing N N 384 
TYR CA  C    sing N N 385 
TYR CA  CB   sing N N 386 
TYR CA  HA   sing N N 387 
TYR C   O    doub N N 388 
TYR C   OXT  sing N N 389 
TYR CB  CG   sing N N 390 
TYR CB  HB2  sing N N 391 
TYR CB  HB3  sing N N 392 
TYR CG  CD1  doub Y N 393 
TYR CG  CD2  sing Y N 394 
TYR CD1 CE1  sing Y N 395 
TYR CD1 HD1  sing N N 396 
TYR CD2 CE2  doub Y N 397 
TYR CD2 HD2  sing N N 398 
TYR CE1 CZ   doub Y N 399 
TYR CE1 HE1  sing N N 400 
TYR CE2 CZ   sing Y N 401 
TYR CE2 HE2  sing N N 402 
TYR CZ  OH   sing N N 403 
TYR OH  HH   sing N N 404 
TYR OXT HXT  sing N N 405 
VAL N   CA   sing N N 406 
VAL N   H    sing N N 407 
VAL N   H2   sing N N 408 
VAL CA  C    sing N N 409 
VAL CA  CB   sing N N 410 
VAL CA  HA   sing N N 411 
VAL C   O    doub N N 412 
VAL C   OXT  sing N N 413 
VAL CB  CG1  sing N N 414 
VAL CB  CG2  sing N N 415 
VAL CB  HB   sing N N 416 
VAL CG1 HG11 sing N N 417 
VAL CG1 HG12 sing N N 418 
VAL CG1 HG13 sing N N 419 
VAL CG2 HG21 sing N N 420 
VAL CG2 HG22 sing N N 421 
VAL CG2 HG23 sing N N 422 
VAL OXT HXT  sing N N 423 
# 
_pdbx_deposit_group.group_id            G_1002045 
_pdbx_deposit_group.group_description   
;human NUDT7 screened against the 3D-Fragment Consortium Library by X-ray Crystallography at the XChem facility of Diamond Light Source beamline I04-1
;
_pdbx_deposit_group.group_title         'PanDDA analysis group deposition of models with modelled events (e.g. bound ligands)' 
_pdbx_deposit_group.group_type          'changed state' 
# 
loop_
_pdbx_entity_nonpoly.entity_id 
_pdbx_entity_nonpoly.name 
_pdbx_entity_nonpoly.comp_id 
2 'ACETATE ION'                                                               ACT 
3 '1-[(2S)-2-(4-methoxyphenyl)-2,3,6,7-tetrahydro-1H-azepin-1-yl]ethan-1-one' H0A 
4 water                                                                       HOH 
# 
_pdbx_related_exp_data_set.ordinal              1 
_pdbx_related_exp_data_set.data_reference       10.5281/zenodo.1244111 
_pdbx_related_exp_data_set.metadata_reference   10.5281/zenodo.1244111 
_pdbx_related_exp_data_set.data_set_type        'other data' 
_pdbx_related_exp_data_set.details              'Complete PanDDA analysis' 
# 
